data_8YP6
#
_entry.id   8YP6
#
_cell.length_a   1.00
_cell.length_b   1.00
_cell.length_c   1.00
_cell.angle_alpha   90.00
_cell.angle_beta   90.00
_cell.angle_gamma   90.00
#
_symmetry.space_group_name_H-M   'P 1'
#
loop_
_entity.id
_entity.type
_entity.pdbx_description
1 polymer '16S rRNA'
2 polymer 'Small ribosomal subunit protein uS3'
3 polymer 'Small ribosomal subunit protein uS4'
4 polymer 'Small ribosomal subunit protein uS5'
5 polymer 'Small ribosomal subunit protein bS6'
6 polymer '30S ribosomal protein S7'
7 polymer 'Small ribosomal subunit protein uS8'
8 polymer 'Small ribosomal subunit protein uS9'
9 polymer 'Small ribosomal subunit protein uS10'
10 polymer 'Small ribosomal subunit protein uS11'
11 polymer 'Small ribosomal subunit protein uS12'
12 polymer 'Small ribosomal subunit protein uS14B'
13 polymer 'Small ribosomal subunit protein uS15'
14 polymer 'Small ribosomal subunit protein bS16'
15 polymer 'Small ribosomal subunit protein uS17'
16 polymer 'Small ribosomal subunit protein bS18B'
17 polymer 'Small ribosomal subunit protein bS20'
18 polymer 'Small ribosomal subunit protein uS19'
19 polymer 'Methionine aminopeptidase'
20 polymer 'Small ribosomal subunit protein uS13'
#
loop_
_entity_poly.entity_id
_entity_poly.type
_entity_poly.pdbx_seq_one_letter_code
_entity_poly.pdbx_strand_id
1 'polyribonucleotide'
;UGGAGAGUUUGAUCCUGGCUCAGGACGAACGCUGGCGGCGUGCUUAACACAUGCAAGUCGAACGGAAAGGCCCUUUCGGG
GGUACUCGAGUGGCGAACGGGUGAGUAACACGUGGGUGAUCUGCCCUGCACUUUGGGAUAAGCCUGGGAAACUGGGUCUA
AUACCGAAUACACCCUGCUGGUCGCAUGGCCUGGUAGGGGAAAGCUUUUGCGGUGUGGGAUGGGCCCGCGGCCUAUCAGC
UUGUUGGUGGGGUGAUGGCCUACCAAGGCGACGACGGGUAGCCGGCCUGAGAGGGUGACCGGCCACACUGGGACUGAGAU
ACGGCCCAGACUCCUACGGGAGGCAGCAGUGGGGAAUAUUGCACAAUGGGCGCAAGCCUGAUGCAGCGACGCCGCGUGAG
GGAUGACGGCCUUCGGGUUGUAAACCUCUUUCAGCACAGACGAAGCGCAAGUGACGGUAUGUGCAGAAGAAGGACCGGCC
AACUACGUGCCAGCAGCCGCGGUAAUACGUAGGGUCCGAGCGUUGUCCGGAAUUACUGGGCGUAAAGAGCUCGUAGGUGG
UUUGUCGCGUUGUUCGUGAAAACUCACAGCUUAACUGUGGGCGUGCGGGCGAUACGGGCAGACUAGAGUACUGCAGGGGA
GACUGGAAUUCCUGGUGUAGCGGUGGAAUGCGCAGAUAUCAGGAGGAACACCGGUGGCGAAGGCGGGUCUCUGGGCAGUA
ACUGACGCUGAGGAGCGAAAGCGUGGGGAGCGAACAGGAUUAGAUACCCUGGUAGUCCACGCCGUAAACGGUGGGUACUA
GGUGUGGGUUUCCUUCCUUGGGAUCCGUGCCGUAGCUAACGCAUUAAGUACCCCGCCUGGGGAGUACGGCCGCAAGGCUA
AAACUCAAAGGAAUUGACGGGGGCCCGCACAAGCGGCGGAGCAUGUGGAUUAAUUCGAUGCAACGCGAAGAACCUUACCU
GGGUUUGACAUGCACAGGACGCCGGCAGAGAUGUCGGUUCCCUUGUGGCCUGUGUGCAGGUGGUGCAUGGCUGUCGUCAG
CUCGUGUCGUGAGAUGUUGGGUUAAGUCCCGCAACGAGCGCAACCCUUGUCUCAUGUUGCCAGCACGUUAUGGUGGGGAC
UCGUGAGAGACUGCCGGGGUCAACUCGGAGGAAGGUGGGGAUGACGUCAAGUCAUCAUGCCCCUUAUGUCCAGGGCUUCA
CACAUGCUACAAUGGCCGGUACAAAGGGCUGCGAUGCCGUGAGGUGGAGCGAAUCCUUUCAAAGCCGGUCUCAGUUCGGA
UCGGGGUCUGCAACUCGACCCCGUGAAGUCGGAGUCGCUAGUAAUCGCAGAUCAGCAACGCUGCGGUGAAUACGUUCCCG
GGCCUUGUACACACCGCCCGUCACGUCAUGAAAGUCGGUAACACCCGAAGCCGGUGGCCUAACCCUUGUGGAGGGAGCCG
UCGAAGGUGGGAUCGGCGAUUGGGACGAAGUCGUAACAAGGUAGCCGUACCGGAAGGUGCGGCUGGAUCA
;
a
2 'polypeptide(L)'
;MGQKINPHGFRLGITTEWKSRWYADKQYKDYVKEDVAIRKLLATGLERAGIADVEIERTRDRVRVDIHTARPGIVIGRRG
TEADRIRADLEKLTGKQVQLNILEVKNPESQAQLVAQGVAEQLSNRVAFRRAMRKAIQSAMRQPNVKGIRVQCSGRLGGA
EMSRSEFYREGRVPLHTLRADIDYGLYEAKTTFGRIGVKVWIYKGDIVGG
;
c
3 'polypeptide(L)'
;ARYTGPATRKSRRLGVDLVGGDQSFEKRPYPPGQHGRARIKESEYRQQLQEKQKARFSYGVMEKQFRRYYEEANRQPGKT
GDNLLRILESRLDNVVYRAGLARTRRMARQLVSHGHFLVNGVKVDIPSYRVSQYDIIDVKEKSLNTLPFQIARETAGERP
IPSWLQVVGERQRILVHQLPERAQIDVPLTEQLIVELYSK
;
d
4 'polypeptide(L)'
;RGRRDDRGGRGRDGGDKSNYIERVVSINRVSKVVKGGRRFSFTALVIVGDGKGMVGVGYGKAKEVPAAIAKGVEEARKNF
FRVPLIGSTITHPVQGEAAAGVVMLRPASPGTGVIAGGAARAVLECAGVHDILAKSLGSDNAINVVHATVAALKLLQRPE
EVAARRGLPIEDVAPAGMLKARRESEALAAAAAREGSA
;
e
5 'polypeptide(L)'
;MRPYEIMVILDPTLDERTVAPSLETFLNVIRKDGGTVDKVDIWGRRRLAYEIAKHAEGIYAVIDVKAEPATVSELDRQLN
LNESVLRTKVLRTDKH
;
f
6 'polypeptide(L)'
;MPRKGPAPKRPLVNDPVYGSQLVTQLVNKVLLEGKKSLAERIVYGALEQAREKTGTDPVVTLKRALDNVKPALEVRSRRV
GGATYQVPVEVRPDRSTTLALRWLVNFSRQRREKTMVERLANEILDASNGLGASVKRREDTHKMAEANRAFAHYRW
;
g
7 'polypeptide(L)'
;MTDPIADFLTRLRNANSAYHDEVTLPHSKLKANIAEILKREGYISDYRTEDARVGKSLVVQLKYGPSRERSIAGLRRVSK
PGLRVYAKSTNLPRVLGGLGVAIISTSSGLLTDRQAARQGVGGEVLAYVW
;
h
8 'polypeptide(L)'
;PIQTVGRRKEAVVRVRLVPGTGQFNLDGRTLENYFPNKVHQQLIKAPLVTVDRVDQFDIYAHLDGGGPSGQAGALRLAIA
RALILVQPEDRPALKKAGFLTRDPRAIERKKYGLKKARKAPQYSKR
;
i
9 'polypeptide(L)'
;KIRIRLKAYDHEAIDASARKIVETVTRTGASVVGPVPLPTEKNVYCVIRSPHKYKDSREHFEMRTHKRLIDILDPTPKTV
DALMRIDLPASVDVNIQ
;
j
10 'polypeptide(L)'
;KKNVPHGAAHIKSTFNNTIVSITDPQGNVIAWASSGHVGFKGSRKSTPFAAQLAAENAARKAQEHGVKKVDVFVKGPGSG
RETAIRSLQAAGLEVGTISDVTPQPHNGCRPPKRRRV
;
k
11 'polypeptide(L)'
;PTIQQLVRKGRRDKIAKVKTAALKGSPQRRGVCTRVYTTTPKKPNSALRKVARVKLTSQVEVTAYIPGEGHNLQEHSMVL
VRGGRVKDLPGVRYKIIRGSLDTQGVKNRKQARSRYGAKKEK
;
l
12 'polypeptide(L)' AKKALVHKANKKPKFAVRAYTRCNKCGRPHSVYRKFGLCRICLREMAHAGELPGVQKSSW n
13 'polypeptide(L)'
;ALTAEQKKEILGQYGLHDTDTGSPEAQVALLTKRIQDLTEHLKVHKHDHHSRRGLLLLVGRRRRLLKYVAQVDVARYRSL
IERLGLR
;
o
14 'polypeptide(L)'
;AVKIKLTRLGKIRNPQYRIIVADARTRRDGRAIEVIGRYHPKEEPSLIQIDSERAQYWLGVGAQPTEPVLALLKITGDWQ
KFKGLPGAEGTLKVKEPKPSKLDLFNAALAEAE
;
p
15 'polypeptide(L)'
;GPKYTPAAEKPRGRRKTAIGYVVSDKMQKTIVVELEDRKSHPLYGKIIRTTKKVKAHDENGEAGIGDRVSLMETRPLSAT
KRWRLVEILEKA
;
q
16 'polypeptide(L)' KTRKCVFCSKKGQTIDYKDTALLRTYISERGKIRARRVTGNCVQHQRDIAVAVKNAREVALLPF r
17 'polypeptide(L)'
;NIKSQIKRIRTNERRRLRNQSVKSSLRTAIRGFREAVDAGDKDKASELLHATSRKLDKAASKGVIHPNQAANKKSALALA
LNKL
;
t
18 'polypeptide(L)' KKGPFVDDHLLKKVDVQNEKNTKQVIKTWSRRSTIIPDFIGHTFAVHDGRKHVPVFVTEAMVGHKLGEFAPTRTFKGHIK s
19 'polypeptide(L)'
;MSVRSALRPGVLSPTLPVPKSIPRPEYAWKPTVQEGSEPWVQTPEVIEKMRVAGRIAAGALAEAGRAVAPGVTTDELDRI
AHEYMIDHGAYPSTLGYKGFPKSCCTSLNEIICHGIPDSTVIEDGDIVNIDVTAYIDGVHGDTNATFLAGDVSEEHRLLV
ERTHEATMRAIKAVKPGRALSVVGRVIEAYANRFGYNVVRDFTGHGIGTTFHNGLVVLHYDQPAVETVLEPGMTFTIEPM
INLGTLDYEIWDDGWTVATTDGKWTAQFEHTLVVTEDGAEILTQLAAALQHHHHHH
;
A
20 'polypeptide(L)'
;ARLVGVDLPRDKRMEIALTYIYGIGRTRSNEILAATGIDKNMRTKDLTDDQVTVLRDYIEGNLKVEGDLRREVQADIRRK
IEIGCYQGLRHRRGLPVRGQRTKTNARTRKGPKRTIA
;
m
#
loop_
_chem_comp.id
_chem_comp.type
_chem_comp.name
_chem_comp.formula
A RNA linking ADENOSINE-5'-MONOPHOSPHATE 'C10 H14 N5 O7 P'
C RNA linking CYTIDINE-5'-MONOPHOSPHATE 'C9 H14 N3 O8 P'
G RNA linking GUANOSINE-5'-MONOPHOSPHATE 'C10 H14 N5 O8 P'
U RNA linking URIDINE-5'-MONOPHOSPHATE 'C9 H13 N2 O9 P'
#
# COMPACT_ATOMS: atom_id res chain seq x y z
N MET B 1 -6.74 13.18 -23.00
CA MET B 1 -6.93 13.66 -21.63
C MET B 1 -8.31 14.29 -21.47
N GLY B 2 -8.49 15.03 -20.38
CA GLY B 2 -9.72 15.77 -20.16
C GLY B 2 -10.02 16.69 -21.31
N GLN B 3 -11.26 16.68 -21.78
CA GLN B 3 -11.63 17.42 -22.99
C GLN B 3 -11.66 18.92 -22.74
N LYS B 4 -10.49 19.50 -22.46
CA LYS B 4 -10.39 20.93 -22.21
C LYS B 4 -10.53 21.67 -23.54
N ILE B 5 -11.71 22.25 -23.77
CA ILE B 5 -11.89 23.07 -24.95
C ILE B 5 -10.99 24.29 -24.87
N ASN B 6 -10.44 24.69 -26.00
CA ASN B 6 -9.53 25.81 -26.05
C ASN B 6 -10.23 27.07 -25.56
N PRO B 7 -9.69 27.76 -24.54
CA PRO B 7 -10.37 28.97 -24.05
C PRO B 7 -10.52 30.04 -25.11
N HIS B 8 -9.53 30.20 -25.98
CA HIS B 8 -9.70 31.07 -27.14
C HIS B 8 -10.55 30.42 -28.21
N GLY B 9 -10.58 29.09 -28.25
CA GLY B 9 -11.47 28.37 -29.14
C GLY B 9 -12.87 28.21 -28.61
N PHE B 10 -13.13 28.60 -27.37
CA PHE B 10 -14.46 28.55 -26.76
C PHE B 10 -15.05 29.92 -26.53
N ARG B 11 -14.25 30.90 -26.10
CA ARG B 11 -14.72 32.28 -25.95
C ARG B 11 -14.21 33.18 -27.08
N LEU B 12 -14.17 32.67 -28.31
CA LEU B 12 -13.79 33.51 -29.45
C LEU B 12 -14.92 34.39 -29.94
N GLY B 13 -16.16 34.10 -29.55
CA GLY B 13 -17.29 34.93 -29.92
C GLY B 13 -17.93 35.56 -28.70
N ILE B 14 -17.33 35.36 -27.54
CA ILE B 14 -17.84 35.87 -26.27
C ILE B 14 -16.94 36.97 -25.72
N THR B 15 -15.67 36.65 -25.45
CA THR B 15 -14.73 37.60 -24.88
C THR B 15 -13.61 37.96 -25.84
N THR B 16 -12.88 36.97 -26.36
CA THR B 16 -11.75 37.23 -27.22
C THR B 16 -12.21 37.54 -28.64
N GLU B 17 -11.31 38.15 -29.41
CA GLU B 17 -11.57 38.53 -30.80
C GLU B 17 -10.70 37.71 -31.74
N TRP B 18 -11.12 37.68 -33.00
CA TRP B 18 -10.37 36.99 -34.03
C TRP B 18 -9.11 37.78 -34.39
N LYS B 19 -8.02 37.07 -34.66
CA LYS B 19 -6.78 37.72 -35.08
C LYS B 19 -6.97 38.43 -36.41
N SER B 20 -7.72 37.82 -37.32
CA SER B 20 -7.96 38.37 -38.64
C SER B 20 -9.42 38.74 -38.79
N ARG B 21 -9.68 39.79 -39.57
CA ARG B 21 -11.05 40.26 -39.80
C ARG B 21 -11.15 40.87 -41.19
N TRP B 22 -12.08 40.38 -41.99
CA TRP B 22 -12.36 40.89 -43.33
C TRP B 22 -13.66 40.26 -43.81
N TYR B 23 -14.01 40.57 -45.05
CA TYR B 23 -15.11 39.90 -45.73
C TYR B 23 -14.67 39.52 -47.13
N ALA B 24 -15.09 38.34 -47.58
CA ALA B 24 -14.68 37.83 -48.89
C ALA B 24 -15.81 37.01 -49.47
N ASP B 25 -16.23 37.36 -50.68
CA ASP B 25 -17.22 36.59 -51.43
C ASP B 25 -16.49 35.73 -52.46
N LYS B 26 -16.77 34.42 -52.44
CA LYS B 26 -16.08 33.42 -53.25
C LYS B 26 -14.58 33.66 -53.27
N GLN B 27 -14.03 34.07 -52.12
CA GLN B 27 -12.61 34.41 -52.00
C GLN B 27 -12.00 33.89 -50.71
N TYR B 28 -12.64 32.93 -50.03
CA TYR B 28 -12.18 32.55 -48.69
C TYR B 28 -10.91 31.71 -48.74
N LYS B 29 -10.84 30.74 -49.66
CA LYS B 29 -9.73 29.80 -49.65
C LYS B 29 -8.41 30.49 -49.94
N ASP B 30 -8.39 31.40 -50.92
CA ASP B 30 -7.16 32.10 -51.24
C ASP B 30 -6.72 33.03 -50.12
N TYR B 31 -7.68 33.68 -49.44
CA TYR B 31 -7.34 34.48 -48.28
C TYR B 31 -6.75 33.62 -47.16
N VAL B 32 -7.30 32.42 -46.95
CA VAL B 32 -6.75 31.52 -45.95
C VAL B 32 -5.33 31.12 -46.31
N LYS B 33 -5.10 30.82 -47.60
CA LYS B 33 -3.75 30.46 -48.03
C LYS B 33 -2.78 31.62 -47.84
N GLU B 34 -3.20 32.84 -48.15
CA GLU B 34 -2.34 34.01 -47.93
C GLU B 34 -2.03 34.19 -46.45
N ASP B 35 -3.04 34.04 -45.59
CA ASP B 35 -2.81 34.14 -44.15
C ASP B 35 -1.82 33.09 -43.68
N VAL B 36 -1.98 31.85 -44.14
CA VAL B 36 -1.08 30.77 -43.74
C VAL B 36 0.34 31.06 -44.20
N ALA B 37 0.49 31.53 -45.44
CA ALA B 37 1.82 31.83 -45.96
C ALA B 37 2.49 32.95 -45.19
N ILE B 38 1.74 34.02 -44.89
CA ILE B 38 2.32 35.14 -44.16
C ILE B 38 2.70 34.72 -42.74
N ARG B 39 1.85 33.95 -42.08
CA ARG B 39 2.17 33.50 -40.72
C ARG B 39 3.36 32.55 -40.71
N LYS B 40 3.49 31.72 -41.76
CA LYS B 40 4.66 30.85 -41.86
C LYS B 40 5.93 31.66 -42.10
N LEU B 41 5.83 32.75 -42.87
CA LEU B 41 6.99 33.58 -43.14
C LEU B 41 7.51 34.25 -41.86
N LEU B 42 6.60 34.61 -40.95
CA LEU B 42 6.93 35.35 -39.75
C LEU B 42 7.01 34.45 -38.51
N ALA B 43 7.46 33.22 -38.68
CA ALA B 43 7.36 32.22 -37.62
C ALA B 43 8.61 32.17 -36.72
N THR B 44 9.78 31.92 -37.31
CA THR B 44 10.97 31.62 -36.51
C THR B 44 11.71 32.89 -36.10
N GLY B 45 12.01 33.76 -37.07
CA GLY B 45 12.75 34.97 -36.77
C GLY B 45 12.00 35.87 -35.80
N LEU B 46 10.67 35.90 -35.88
CA LEU B 46 9.89 36.72 -34.97
C LEU B 46 9.82 36.09 -33.58
N GLU B 47 9.69 34.76 -33.50
CA GLU B 47 9.60 34.12 -32.19
C GLU B 47 10.94 34.13 -31.46
N ARG B 48 12.05 34.15 -32.19
CA ARG B 48 13.35 34.29 -31.54
C ARG B 48 13.47 35.64 -30.84
N ALA B 49 12.94 36.69 -31.47
CA ALA B 49 12.98 38.01 -30.85
C ALA B 49 11.98 38.14 -29.71
N GLY B 50 10.89 37.38 -29.75
CA GLY B 50 9.88 37.48 -28.72
C GLY B 50 8.53 37.98 -29.22
N ILE B 51 8.18 37.63 -30.45
CA ILE B 51 6.92 38.09 -31.03
C ILE B 51 5.76 37.61 -30.16
N ALA B 52 4.68 38.40 -30.17
CA ALA B 52 3.50 38.11 -29.37
C ALA B 52 2.27 37.81 -30.20
N ASP B 53 1.93 38.66 -31.17
CA ASP B 53 0.71 38.49 -31.93
C ASP B 53 0.94 38.86 -33.39
N VAL B 54 0.12 38.27 -34.27
CA VAL B 54 0.15 38.56 -35.71
C VAL B 54 -1.30 38.69 -36.17
N GLU B 55 -1.74 39.91 -36.43
CA GLU B 55 -3.05 40.18 -36.99
C GLU B 55 -2.93 40.50 -38.47
N ILE B 56 -3.85 39.96 -39.27
CA ILE B 56 -3.87 40.20 -40.71
C ILE B 56 -5.29 40.65 -41.06
N GLU B 57 -5.48 41.95 -41.22
CA GLU B 57 -6.73 42.52 -41.66
C GLU B 57 -6.64 42.83 -43.15
N ARG B 58 -7.78 42.97 -43.81
CA ARG B 58 -7.80 43.24 -45.25
C ARG B 58 -8.53 44.55 -45.51
N THR B 59 -7.79 45.54 -45.98
CA THR B 59 -8.34 46.80 -46.49
C THR B 59 -8.80 46.51 -47.91
N ARG B 60 -9.02 47.54 -48.74
CA ARG B 60 -9.50 47.28 -50.09
C ARG B 60 -8.41 46.62 -50.92
N ASP B 61 -8.07 45.39 -50.55
CA ASP B 61 -7.15 44.49 -51.23
C ASP B 61 -5.71 44.98 -51.25
N ARG B 62 -5.38 46.10 -50.61
CA ARG B 62 -3.99 46.57 -50.65
C ARG B 62 -3.13 45.87 -49.60
N VAL B 63 -3.34 46.17 -48.32
CA VAL B 63 -2.62 45.53 -47.23
C VAL B 63 -3.22 45.92 -45.89
N ARG B 64 -3.16 45.02 -44.91
CA ARG B 64 -3.19 45.41 -43.50
C ARG B 64 -2.60 44.27 -42.69
N VAL B 65 -1.34 44.42 -42.30
CA VAL B 65 -0.65 43.42 -41.48
C VAL B 65 -0.08 44.13 -40.26
N ASP B 66 -0.46 43.66 -39.07
CA ASP B 66 0.04 44.19 -37.81
C ASP B 66 0.75 43.08 -37.07
N ILE B 67 1.96 43.34 -36.61
CA ILE B 67 2.71 42.37 -35.81
C ILE B 67 3.05 43.02 -34.47
N HIS B 68 2.58 42.39 -33.39
CA HIS B 68 2.77 42.88 -32.03
C HIS B 68 3.93 42.12 -31.42
N THR B 69 5.04 42.82 -31.19
CA THR B 69 6.26 42.25 -30.65
C THR B 69 6.53 42.76 -29.24
N ALA B 70 7.29 41.97 -28.49
CA ALA B 70 7.58 42.28 -27.09
C ALA B 70 8.89 43.02 -26.89
N ARG B 71 9.62 43.31 -27.97
CA ARG B 71 10.86 44.07 -27.84
C ARG B 71 11.17 44.83 -29.12
N PRO B 72 11.27 46.16 -29.08
CA PRO B 72 11.62 46.92 -30.27
C PRO B 72 13.13 46.95 -30.48
N GLY B 73 13.54 46.96 -31.74
CA GLY B 73 14.95 47.01 -32.06
C GLY B 73 15.42 45.86 -32.91
N ILE B 74 14.83 44.68 -32.69
CA ILE B 74 15.18 43.49 -33.48
C ILE B 74 14.35 43.41 -34.75
N VAL B 75 13.03 43.58 -34.63
CA VAL B 75 12.17 43.60 -35.81
C VAL B 75 12.49 44.82 -36.68
N ILE B 76 12.68 45.97 -36.05
CA ILE B 76 13.04 47.21 -36.74
C ILE B 76 14.39 47.64 -36.20
N GLY B 77 15.46 47.33 -36.94
CA GLY B 77 16.79 47.77 -36.57
C GLY B 77 17.10 49.12 -37.16
N ARG B 78 18.15 49.20 -37.97
CA ARG B 78 18.41 50.41 -38.72
C ARG B 78 17.25 50.67 -39.69
N ARG B 79 16.83 51.93 -39.77
CA ARG B 79 15.67 52.30 -40.58
C ARG B 79 15.86 51.89 -42.04
N GLY B 80 15.07 50.93 -42.49
CA GLY B 80 15.17 50.41 -43.83
C GLY B 80 16.01 49.15 -43.97
N THR B 81 16.87 48.87 -42.98
CA THR B 81 17.73 47.69 -43.08
C THR B 81 16.96 46.42 -42.82
N GLU B 82 16.07 46.43 -41.82
CA GLU B 82 15.34 45.22 -41.43
C GLU B 82 13.86 45.30 -41.74
N ALA B 83 13.17 46.35 -41.29
CA ALA B 83 11.74 46.47 -41.54
C ALA B 83 11.44 46.58 -43.03
N ASP B 84 12.22 47.38 -43.76
CA ASP B 84 11.98 47.54 -45.18
C ASP B 84 12.35 46.28 -45.96
N ARG B 85 13.37 45.55 -45.52
CA ARG B 85 13.72 44.31 -46.21
C ARG B 85 12.60 43.28 -46.12
N ILE B 86 12.05 43.08 -44.91
CA ILE B 86 10.96 42.13 -44.77
C ILE B 86 9.68 42.65 -45.41
N ARG B 87 9.49 43.97 -45.41
CA ARG B 87 8.35 44.54 -46.13
C ARG B 87 8.44 44.26 -47.63
N ALA B 88 9.63 44.43 -48.21
CA ALA B 88 9.83 44.13 -49.61
C ALA B 88 9.68 42.64 -49.89
N ASP B 89 10.14 41.80 -48.95
CA ASP B 89 9.96 40.37 -49.11
C ASP B 89 8.47 39.99 -49.12
N LEU B 90 7.68 40.61 -48.25
CA LEU B 90 6.24 40.40 -48.26
C LEU B 90 5.60 40.92 -49.53
N GLU B 91 6.10 42.06 -50.03
CA GLU B 91 5.59 42.60 -51.29
C GLU B 91 5.87 41.65 -52.45
N LYS B 92 7.03 41.01 -52.44
CA LYS B 92 7.35 40.05 -53.50
C LYS B 92 6.54 38.77 -53.37
N LEU B 93 6.44 38.24 -52.15
CA LEU B 93 5.74 36.96 -51.95
C LEU B 93 4.24 37.12 -52.18
N THR B 94 3.63 38.13 -51.57
CA THR B 94 2.21 38.38 -51.71
C THR B 94 1.95 39.33 -52.87
N GLY B 95 0.97 38.98 -53.70
CA GLY B 95 0.66 39.80 -54.87
C GLY B 95 -0.03 41.09 -54.54
N LYS B 96 0.49 41.81 -53.54
CA LYS B 96 -0.08 43.07 -53.10
C LYS B 96 1.05 43.95 -52.60
N GLN B 97 0.79 45.26 -52.58
CA GLN B 97 1.74 46.20 -51.99
C GLN B 97 1.59 46.16 -50.46
N VAL B 98 2.66 45.80 -49.79
CA VAL B 98 2.64 45.55 -48.35
C VAL B 98 3.16 46.77 -47.63
N GLN B 99 2.29 47.44 -46.87
CA GLN B 99 2.69 48.48 -45.93
C GLN B 99 2.68 47.82 -44.54
N LEU B 100 3.78 47.15 -44.23
CA LEU B 100 3.86 46.35 -43.02
C LEU B 100 3.75 47.23 -41.78
N ASN B 101 2.98 46.78 -40.81
CA ASN B 101 2.76 47.49 -39.55
C ASN B 101 3.38 46.68 -38.43
N ILE B 102 4.30 47.31 -37.69
CA ILE B 102 5.00 46.68 -36.57
C ILE B 102 4.76 47.53 -35.34
N LEU B 103 4.16 46.94 -34.31
CA LEU B 103 3.89 47.63 -33.06
C LEU B 103 4.42 46.81 -31.90
N GLU B 104 4.73 47.50 -30.80
CA GLU B 104 5.43 46.93 -29.67
C GLU B 104 4.46 46.74 -28.50
N VAL B 105 4.52 45.56 -27.87
CA VAL B 105 3.71 45.30 -26.69
C VAL B 105 4.15 46.22 -25.57
N LYS B 106 3.18 46.85 -24.89
CA LYS B 106 3.48 47.89 -23.92
C LYS B 106 4.19 47.38 -22.68
N ASN B 107 4.05 46.11 -22.33
CA ASN B 107 4.62 45.56 -21.11
C ASN B 107 5.58 44.42 -21.44
N PRO B 108 6.37 43.97 -20.46
CA PRO B 108 7.19 42.75 -20.67
C PRO B 108 6.30 41.52 -20.80
N GLU B 109 6.92 40.33 -20.84
CA GLU B 109 6.20 39.09 -21.07
C GLU B 109 4.96 39.00 -20.19
N SER B 110 3.78 39.05 -20.81
CA SER B 110 2.52 38.97 -20.09
C SER B 110 1.46 38.20 -20.86
N GLN B 111 1.77 37.68 -22.04
CA GLN B 111 0.82 36.91 -22.82
C GLN B 111 1.08 35.42 -22.64
N ALA B 112 0.02 34.63 -22.75
CA ALA B 112 0.15 33.19 -22.58
C ALA B 112 1.12 32.61 -23.59
N GLN B 113 1.03 33.04 -24.85
CA GLN B 113 1.99 32.63 -25.84
C GLN B 113 3.39 33.18 -25.53
N LEU B 114 3.47 34.42 -25.03
CA LEU B 114 4.75 34.98 -24.65
C LEU B 114 5.37 34.21 -23.48
N VAL B 115 4.55 33.87 -22.49
CA VAL B 115 5.04 33.08 -21.36
C VAL B 115 5.52 31.72 -21.83
N ALA B 116 4.77 31.09 -22.74
CA ALA B 116 5.20 29.81 -23.29
C ALA B 116 6.52 29.96 -24.07
N GLN B 117 6.67 31.05 -24.81
CA GLN B 117 7.90 31.31 -25.52
C GLN B 117 9.08 31.40 -24.58
N GLY B 118 8.95 32.21 -23.53
CA GLY B 118 10.03 32.33 -22.55
C GLY B 118 10.33 31.02 -21.85
N VAL B 119 9.28 30.27 -21.49
CA VAL B 119 9.47 28.99 -20.80
C VAL B 119 10.21 28.01 -21.69
N ALA B 120 9.81 27.91 -22.96
CA ALA B 120 10.45 26.97 -23.86
C ALA B 120 11.89 27.37 -24.15
N GLU B 121 12.14 28.68 -24.30
CA GLU B 121 13.51 29.13 -24.51
C GLU B 121 14.38 28.80 -23.29
N GLN B 122 13.84 28.99 -22.08
CA GLN B 122 14.59 28.63 -20.89
C GLN B 122 14.85 27.13 -20.83
N LEU B 123 13.85 26.31 -21.15
CA LEU B 123 14.04 24.87 -21.14
C LEU B 123 15.09 24.44 -22.15
N SER B 124 15.12 25.07 -23.31
CA SER B 124 16.19 24.84 -24.27
C SER B 124 17.52 25.43 -23.82
N ASN B 125 17.51 26.33 -22.83
CA ASN B 125 18.72 26.96 -22.31
C ASN B 125 19.39 26.12 -21.23
N ARG B 126 19.05 24.84 -21.12
CA ARG B 126 19.72 23.88 -20.23
C ARG B 126 19.52 24.22 -18.74
N VAL B 127 18.67 25.17 -18.43
CA VAL B 127 18.46 25.57 -17.04
C VAL B 127 17.58 24.54 -16.34
N ALA B 128 17.54 24.59 -15.01
CA ALA B 128 16.67 23.69 -14.29
C ALA B 128 15.22 23.93 -14.69
N PHE B 129 14.57 22.89 -15.21
CA PHE B 129 13.17 23.02 -15.61
C PHE B 129 12.39 23.75 -14.53
N ARG B 130 12.46 23.25 -13.30
CA ARG B 130 11.75 23.88 -12.20
C ARG B 130 12.07 25.36 -12.20
N ARG B 131 13.35 25.70 -12.11
CA ARG B 131 13.73 27.09 -12.14
C ARG B 131 13.03 27.75 -13.30
N ALA B 132 13.36 27.34 -14.51
CA ALA B 132 12.72 27.88 -15.70
C ALA B 132 11.25 28.14 -15.42
N MET B 133 10.53 27.12 -14.98
CA MET B 133 9.12 27.28 -14.65
C MET B 133 8.93 28.44 -13.69
N ARG B 134 9.08 28.17 -12.40
CA ARG B 134 8.92 29.21 -11.39
C ARG B 134 9.37 30.57 -11.91
N LYS B 135 10.61 30.64 -12.40
CA LYS B 135 11.13 31.89 -12.91
C LYS B 135 10.18 32.48 -13.95
N ALA B 136 10.02 31.78 -15.06
CA ALA B 136 9.15 32.28 -16.11
C ALA B 136 7.70 32.37 -15.66
N ILE B 137 7.32 31.53 -14.70
CA ILE B 137 5.97 31.58 -14.16
C ILE B 137 5.81 32.88 -13.39
N GLN B 138 6.82 33.21 -12.59
CA GLN B 138 6.78 34.49 -11.90
C GLN B 138 6.76 35.56 -12.96
N SER B 139 7.57 35.37 -14.00
CA SER B 139 7.60 36.33 -15.10
C SER B 139 6.39 36.17 -15.99
N ALA B 140 5.42 35.36 -15.55
CA ALA B 140 4.24 35.13 -16.34
C ALA B 140 3.07 35.93 -15.81
N MET B 141 2.64 35.61 -14.59
CA MET B 141 1.54 36.33 -13.97
C MET B 141 1.55 37.77 -14.42
N ARG B 142 2.58 38.52 -14.05
CA ARG B 142 2.71 39.91 -14.47
C ARG B 142 1.38 40.51 -14.89
N GLN B 143 1.15 40.63 -16.19
CA GLN B 143 -0.12 41.16 -16.70
C GLN B 143 -0.78 42.06 -15.69
N PRO B 144 -0.29 43.29 -15.52
CA PRO B 144 -0.82 44.22 -14.51
C PRO B 144 -2.09 43.72 -13.83
N ASN B 145 -3.24 43.88 -14.47
CA ASN B 145 -4.48 43.38 -13.90
C ASN B 145 -4.57 41.88 -14.07
N VAL B 146 -3.75 41.15 -13.33
CA VAL B 146 -3.74 39.69 -13.49
C VAL B 146 -4.52 39.09 -12.33
N LYS B 147 -5.22 38.01 -12.60
CA LYS B 147 -6.01 37.34 -11.55
C LYS B 147 -5.69 35.87 -11.42
N GLY B 148 -5.47 35.15 -12.52
CA GLY B 148 -5.15 33.75 -12.43
C GLY B 148 -4.25 33.26 -13.54
N ILE B 149 -3.53 32.19 -13.25
CA ILE B 149 -2.65 31.54 -14.23
C ILE B 149 -2.74 30.03 -14.08
N ARG B 150 -2.48 29.35 -15.20
CA ARG B 150 -2.37 27.89 -15.21
C ARG B 150 -1.23 27.55 -16.18
N VAL B 151 -0.11 27.08 -15.64
CA VAL B 151 1.07 26.74 -16.42
C VAL B 151 1.16 25.21 -16.50
N GLN B 152 1.18 24.68 -17.72
CA GLN B 152 1.25 23.25 -17.95
C GLN B 152 2.41 22.96 -18.90
N CYS B 153 3.05 21.82 -18.69
CA CYS B 153 4.11 21.39 -19.61
C CYS B 153 4.07 19.89 -19.80
N SER B 154 4.44 19.44 -21.00
CA SER B 154 4.44 18.02 -21.33
C SER B 154 5.57 17.75 -22.32
N GLY B 155 5.91 16.47 -22.45
CA GLY B 155 6.91 16.03 -23.41
C GLY B 155 8.17 15.58 -22.71
N ARG B 156 9.24 15.48 -23.48
CA ARG B 156 10.52 15.05 -22.95
C ARG B 156 11.14 16.15 -22.09
N LEU B 157 10.58 16.36 -20.90
CA LEU B 157 11.04 17.42 -20.02
C LEU B 157 12.44 17.09 -19.51
N GLY B 158 13.39 18.00 -19.73
CA GLY B 158 14.75 17.75 -19.33
C GLY B 158 15.49 16.75 -20.17
N GLY B 159 14.93 16.36 -21.32
CA GLY B 159 15.57 15.41 -22.21
C GLY B 159 15.33 13.95 -21.88
N ALA B 160 14.49 13.65 -20.90
CA ALA B 160 14.25 12.27 -20.51
C ALA B 160 13.32 11.57 -21.49
N GLU B 161 13.36 10.24 -21.46
CA GLU B 161 12.59 9.44 -22.41
C GLU B 161 11.10 9.44 -22.06
N MET B 162 10.76 9.84 -20.84
CA MET B 162 9.37 9.84 -20.42
C MET B 162 8.73 11.20 -20.69
N SER B 163 7.53 11.16 -21.23
CA SER B 163 6.80 12.39 -21.57
C SER B 163 6.02 12.86 -20.36
N ARG B 164 6.78 13.33 -19.36
CA ARG B 164 6.19 13.78 -18.11
C ARG B 164 5.48 15.12 -18.30
N SER B 165 4.65 15.47 -17.31
CA SER B 165 3.86 16.69 -17.37
C SER B 165 3.87 17.37 -16.00
N GLU B 166 3.66 18.69 -16.03
CA GLU B 166 3.53 19.50 -14.82
C GLU B 166 2.36 20.46 -14.97
N PHE B 167 1.66 20.69 -13.85
CA PHE B 167 0.51 21.60 -13.79
C PHE B 167 0.67 22.50 -12.57
N TYR B 168 0.53 23.80 -12.77
CA TYR B 168 0.56 24.79 -11.71
C TYR B 168 -0.62 25.74 -11.90
N ARG B 169 -1.34 26.01 -10.82
CA ARG B 169 -2.48 26.92 -10.87
C ARG B 169 -2.29 28.02 -9.83
N GLU B 170 -2.84 29.20 -10.16
CA GLU B 170 -2.75 30.36 -9.29
C GLU B 170 -4.03 31.17 -9.41
N GLY B 171 -4.74 31.33 -8.30
CA GLY B 171 -5.92 32.16 -8.15
C GLY B 171 -7.12 31.61 -8.89
N ARG B 172 -8.09 32.50 -9.14
CA ARG B 172 -9.23 32.16 -9.97
C ARG B 172 -8.76 31.92 -11.38
N VAL B 173 -8.97 30.71 -11.91
CA VAL B 173 -8.93 30.53 -13.35
C VAL B 173 -10.10 29.66 -13.73
N PRO B 174 -11.33 30.17 -13.72
CA PRO B 174 -12.45 29.35 -14.17
C PRO B 174 -12.46 29.19 -15.69
N LEU B 175 -12.03 28.02 -16.15
CA LEU B 175 -12.12 27.68 -17.56
C LEU B 175 -13.56 27.54 -18.00
N HIS B 176 -14.38 26.88 -17.18
CA HIS B 176 -15.78 26.68 -17.50
C HIS B 176 -16.53 28.00 -17.59
N THR B 177 -16.28 28.91 -16.65
CA THR B 177 -16.94 30.21 -16.68
C THR B 177 -16.64 30.93 -17.98
N LEU B 178 -17.69 31.42 -18.65
CA LEU B 178 -17.52 32.00 -19.96
C LEU B 178 -17.07 33.45 -19.91
N ARG B 179 -17.38 34.18 -18.83
CA ARG B 179 -16.86 35.52 -18.67
C ARG B 179 -15.46 35.45 -18.08
N ALA B 180 -14.58 34.68 -18.73
CA ALA B 180 -13.25 34.40 -18.20
C ALA B 180 -12.15 35.20 -18.86
N ASP B 181 -12.24 35.45 -20.17
CA ASP B 181 -11.20 36.15 -20.93
C ASP B 181 -9.84 35.47 -20.74
N ILE B 182 -9.83 34.15 -20.83
CA ILE B 182 -8.62 33.37 -20.60
C ILE B 182 -7.83 33.28 -21.89
N ASP B 183 -6.63 33.87 -21.89
CA ASP B 183 -5.73 33.77 -23.01
C ASP B 183 -5.02 32.42 -23.01
N TYR B 184 -4.88 31.83 -24.19
CA TYR B 184 -4.25 30.53 -24.37
C TYR B 184 -2.95 30.70 -25.15
N GLY B 185 -1.90 30.03 -24.68
CA GLY B 185 -0.64 30.05 -25.40
C GLY B 185 0.06 28.71 -25.39
N LEU B 186 0.31 28.14 -26.57
CA LEU B 186 0.96 26.85 -26.70
C LEU B 186 2.22 27.01 -27.54
N TYR B 187 3.36 26.61 -26.99
CA TYR B 187 4.62 26.66 -27.71
C TYR B 187 5.44 25.41 -27.43
N GLU B 188 6.06 24.87 -28.47
CA GLU B 188 6.83 23.64 -28.36
C GLU B 188 8.30 23.92 -28.64
N ALA B 189 9.13 23.76 -27.61
CA ALA B 189 10.57 23.85 -27.76
C ALA B 189 11.10 22.58 -28.41
N LYS B 190 12.08 22.75 -29.29
CA LYS B 190 12.74 21.63 -29.97
C LYS B 190 14.08 21.39 -29.28
N THR B 191 14.06 20.54 -28.27
CA THR B 191 15.27 20.20 -27.53
C THR B 191 16.11 19.20 -28.30
N THR B 192 17.35 19.02 -27.85
CA THR B 192 18.23 18.04 -28.49
C THR B 192 17.66 16.63 -28.39
N PHE B 193 16.99 16.32 -27.28
CA PHE B 193 16.42 15.00 -27.08
C PHE B 193 15.01 14.87 -27.63
N GLY B 194 14.37 15.96 -28.01
CA GLY B 194 13.02 15.88 -28.53
C GLY B 194 12.28 17.21 -28.51
N ARG B 195 11.02 17.18 -28.09
CA ARG B 195 10.17 18.36 -28.05
C ARG B 195 9.46 18.46 -26.72
N ILE B 196 9.23 19.70 -26.28
CA ILE B 196 8.55 19.99 -25.02
C ILE B 196 7.44 20.98 -25.32
N GLY B 197 6.19 20.57 -25.07
CA GLY B 197 5.07 21.49 -25.23
C GLY B 197 4.76 22.23 -23.95
N VAL B 198 4.44 23.52 -24.10
CA VAL B 198 4.17 24.41 -22.98
C VAL B 198 2.82 25.08 -23.23
N LYS B 199 1.92 24.97 -22.25
CA LYS B 199 0.60 25.57 -22.27
C LYS B 199 0.53 26.63 -21.18
N VAL B 200 -0.04 27.79 -21.52
CA VAL B 200 -0.28 28.85 -20.55
C VAL B 200 -1.74 29.29 -20.69
N TRP B 201 -2.46 29.28 -19.58
CA TRP B 201 -3.79 29.86 -19.48
C TRP B 201 -3.66 31.10 -18.59
N ILE B 202 -4.12 32.25 -19.08
CA ILE B 202 -4.07 33.49 -18.32
C ILE B 202 -5.49 33.99 -18.15
N TYR B 203 -6.00 33.93 -16.91
CA TYR B 203 -7.35 34.38 -16.58
C TYR B 203 -7.24 35.82 -16.11
N LYS B 204 -7.64 36.75 -16.98
CA LYS B 204 -7.55 38.17 -16.67
C LYS B 204 -8.53 38.57 -15.57
N GLY B 205 -9.76 38.08 -15.65
CA GLY B 205 -10.76 38.45 -14.67
C GLY B 205 -12.11 37.86 -15.04
N ASP B 206 -13.11 38.27 -14.25
CA ASP B 206 -14.47 37.76 -14.38
C ASP B 206 -15.34 38.65 -15.25
N ILE B 207 -14.73 39.57 -16.01
CA ILE B 207 -15.50 40.54 -16.78
C ILE B 207 -16.22 39.83 -17.93
N VAL B 208 -17.51 40.15 -18.10
CA VAL B 208 -18.28 39.59 -19.20
C VAL B 208 -17.82 40.17 -20.53
N GLY B 209 -17.59 41.47 -20.60
CA GLY B 209 -17.23 42.12 -21.85
C GLY B 209 -18.35 42.11 -22.87
N GLY B 210 -19.59 42.29 -22.44
CA GLY B 210 -20.73 42.29 -23.34
C GLY B 210 -21.54 43.57 -23.28
N ALA C 1 59.30 16.07 12.07
CA ALA C 1 60.54 16.82 11.89
C ALA C 1 60.26 18.16 11.21
N ARG C 2 60.37 18.17 9.88
CA ARG C 2 60.17 19.40 9.11
C ARG C 2 59.33 19.11 7.88
N TYR C 3 58.44 20.04 7.54
CA TYR C 3 57.64 19.95 6.33
C TYR C 3 58.48 20.39 5.12
N THR C 4 57.88 20.28 3.95
CA THR C 4 58.57 20.58 2.70
C THR C 4 57.91 21.69 1.90
N GLY C 5 56.58 21.70 1.81
CA GLY C 5 55.87 22.56 0.90
C GLY C 5 55.93 24.04 1.22
N PRO C 6 55.70 24.88 0.20
CA PRO C 6 55.63 26.33 0.42
C PRO C 6 54.32 26.74 1.08
N ALA C 7 54.10 28.04 1.24
CA ALA C 7 52.93 28.53 1.97
C ALA C 7 51.82 29.06 1.08
N THR C 8 52.08 29.29 -0.21
CA THR C 8 51.06 29.89 -1.08
C THR C 8 49.90 28.93 -1.32
N ARG C 9 50.21 27.67 -1.64
CA ARG C 9 49.15 26.70 -1.91
C ARG C 9 48.29 26.45 -0.68
N LYS C 10 48.92 26.31 0.49
CA LYS C 10 48.17 26.14 1.72
C LYS C 10 47.37 27.39 2.05
N SER C 11 47.93 28.57 1.77
CA SER C 11 47.18 29.81 1.98
C SER C 11 45.91 29.79 1.15
N ARG C 12 46.03 29.45 -0.12
CA ARG C 12 44.87 29.42 -1.00
C ARG C 12 43.85 28.40 -0.54
N ARG C 13 44.32 27.20 -0.17
CA ARG C 13 43.38 26.17 0.27
C ARG C 13 42.65 26.59 1.52
N LEU C 14 43.39 27.00 2.55
CA LEU C 14 42.77 27.45 3.78
C LEU C 14 42.18 28.84 3.65
N GLY C 15 42.47 29.56 2.56
CA GLY C 15 41.83 30.82 2.30
C GLY C 15 42.24 31.97 3.20
N VAL C 16 43.39 31.86 3.85
CA VAL C 16 43.88 32.92 4.75
C VAL C 16 45.32 33.22 4.41
N ASP C 17 45.75 34.45 4.70
CA ASP C 17 47.14 34.84 4.60
C ASP C 17 48.01 33.97 5.51
N LEU C 18 48.84 33.12 4.92
CA LEU C 18 49.82 32.37 5.71
C LEU C 18 51.22 32.97 5.61
N VAL C 19 51.59 33.48 4.43
CA VAL C 19 52.83 34.25 4.31
C VAL C 19 52.70 35.56 5.08
N GLY C 20 51.50 36.15 5.06
CA GLY C 20 51.27 37.44 5.68
C GLY C 20 51.14 38.54 4.64
N GLY C 21 51.98 38.46 3.60
CA GLY C 21 51.92 39.39 2.50
C GLY C 21 51.94 38.68 1.17
N ASP C 22 51.31 37.50 1.11
CA ASP C 22 51.34 36.67 -0.08
C ASP C 22 50.60 37.33 -1.24
N GLN C 23 51.34 37.89 -2.19
CA GLN C 23 50.72 38.51 -3.36
C GLN C 23 49.97 37.49 -4.20
N SER C 24 50.53 36.29 -4.35
CA SER C 24 49.93 35.27 -5.18
C SER C 24 48.72 34.61 -4.54
N PHE C 25 48.66 34.57 -3.20
CA PHE C 25 47.47 34.03 -2.56
C PHE C 25 46.27 34.94 -2.75
N GLU C 26 46.46 36.25 -2.56
CA GLU C 26 45.37 37.18 -2.85
C GLU C 26 45.12 37.28 -4.35
N LYS C 27 46.12 36.95 -5.17
CA LYS C 27 45.90 36.79 -6.59
C LYS C 27 44.91 35.65 -6.86
N ARG C 28 45.03 34.56 -6.10
CA ARG C 28 44.22 33.36 -6.30
C ARG C 28 43.66 32.91 -4.95
N PRO C 29 42.71 33.68 -4.39
CA PRO C 29 42.22 33.37 -3.04
C PRO C 29 41.55 32.02 -2.95
N TYR C 30 40.94 31.53 -4.03
CA TYR C 30 40.34 30.22 -4.03
C TYR C 30 41.42 29.16 -3.81
N PRO C 31 41.03 27.99 -3.28
CA PRO C 31 42.01 26.94 -3.06
C PRO C 31 42.71 26.59 -4.34
N PRO C 32 43.95 26.08 -4.27
CA PRO C 32 44.65 25.65 -5.48
C PRO C 32 43.88 24.52 -6.15
N GLY C 33 44.26 24.24 -7.39
CA GLY C 33 43.68 23.12 -8.10
C GLY C 33 42.53 23.50 -9.01
N GLN C 34 42.17 22.52 -9.84
CA GLN C 34 41.13 22.75 -10.84
C GLN C 34 39.80 23.10 -10.20
N HIS C 35 39.63 22.78 -8.91
CA HIS C 35 38.34 22.96 -8.24
C HIS C 35 38.44 23.74 -6.95
N GLY C 36 39.42 24.64 -6.84
CA GLY C 36 39.30 25.69 -5.84
C GLY C 36 38.12 26.58 -6.11
N ARG C 37 37.80 26.78 -7.39
CA ARG C 37 36.57 27.47 -7.77
C ARG C 37 35.34 26.67 -7.36
N ALA C 38 35.38 25.36 -7.56
CA ALA C 38 34.22 24.53 -7.26
C ALA C 38 33.88 24.61 -5.78
N ARG C 39 32.60 24.79 -5.49
CA ARG C 39 32.15 24.92 -4.10
C ARG C 39 32.38 23.63 -3.33
N ILE C 40 32.75 23.78 -2.07
CA ILE C 40 33.02 22.67 -1.18
C ILE C 40 31.73 22.27 -0.46
N LYS C 41 31.59 20.98 -0.15
CA LYS C 41 30.51 20.56 0.75
C LYS C 41 30.84 21.10 2.14
N GLU C 42 30.18 22.18 2.52
CA GLU C 42 30.53 22.86 3.76
C GLU C 42 30.20 21.99 4.97
N SER C 43 31.12 21.99 5.95
CA SER C 43 30.91 21.28 7.20
C SER C 43 31.69 21.97 8.29
N GLU C 44 31.14 21.99 9.50
CA GLU C 44 31.89 22.47 10.66
C GLU C 44 33.16 21.65 10.85
N TYR C 45 33.13 20.39 10.43
CA TYR C 45 34.34 19.59 10.31
C TYR C 45 35.39 20.33 9.49
N ARG C 46 34.98 20.84 8.32
CA ARG C 46 35.90 21.61 7.49
C ARG C 46 36.33 22.89 8.19
N GLN C 47 35.43 23.56 8.90
CA GLN C 47 35.81 24.78 9.59
C GLN C 47 36.92 24.51 10.60
N GLN C 48 36.75 23.49 11.43
CA GLN C 48 37.76 23.17 12.44
C GLN C 48 39.06 22.69 11.80
N LEU C 49 38.97 21.86 10.76
CA LEU C 49 40.17 21.40 10.08
C LEU C 49 40.92 22.55 9.45
N GLN C 50 40.20 23.48 8.83
CA GLN C 50 40.84 24.66 8.27
C GLN C 50 41.51 25.49 9.34
N GLU C 51 40.85 25.66 10.49
CA GLU C 51 41.44 26.42 11.59
C GLU C 51 42.76 25.79 12.03
N LYS C 52 42.74 24.48 12.30
CA LYS C 52 43.95 23.83 12.80
C LYS C 52 45.04 23.81 11.73
N GLN C 53 44.66 23.70 10.45
CA GLN C 53 45.67 23.71 9.40
C GLN C 53 46.28 25.09 9.22
N LYS C 54 45.47 26.14 9.36
CA LYS C 54 46.03 27.50 9.38
C LYS C 54 47.02 27.65 10.53
N ALA C 55 46.63 27.16 11.71
CA ALA C 55 47.52 27.27 12.86
C ALA C 55 48.83 26.51 12.63
N ARG C 56 48.74 25.32 12.06
CA ARG C 56 49.95 24.53 11.82
C ARG C 56 50.84 25.17 10.77
N PHE C 57 50.25 25.63 9.66
CA PHE C 57 51.03 26.13 8.54
C PHE C 57 51.48 27.57 8.71
N SER C 58 50.92 28.31 9.66
CA SER C 58 51.31 29.71 9.82
C SER C 58 52.68 29.83 10.47
N TYR C 59 52.95 29.00 11.48
CA TYR C 59 54.17 29.13 12.29
C TYR C 59 55.28 28.20 11.84
N GLY C 60 55.03 27.33 10.86
CA GLY C 60 55.98 26.30 10.53
C GLY C 60 55.94 25.10 11.44
N VAL C 61 55.12 25.12 12.49
CA VAL C 61 54.93 23.95 13.33
C VAL C 61 54.29 22.83 12.50
N MET C 62 54.40 21.61 13.02
CA MET C 62 54.00 20.44 12.27
C MET C 62 53.25 19.49 13.21
N GLU C 63 52.48 18.58 12.61
CA GLU C 63 51.26 18.08 13.23
C GLU C 63 51.52 17.37 14.56
N LYS C 64 52.46 16.43 14.60
CA LYS C 64 52.68 15.66 15.82
C LYS C 64 53.13 16.55 16.96
N GLN C 65 54.02 17.51 16.67
CA GLN C 65 54.39 18.50 17.67
C GLN C 65 53.20 19.37 18.05
N PHE C 66 52.23 19.50 17.15
CA PHE C 66 51.06 20.33 17.45
C PHE C 66 50.09 19.64 18.40
N ARG C 67 49.92 18.33 18.27
CA ARG C 67 48.95 17.63 19.12
C ARG C 67 49.38 17.68 20.59
N ARG C 68 50.66 17.45 20.88
CA ARG C 68 51.11 17.55 22.25
C ARG C 68 50.97 18.96 22.79
N TYR C 69 50.97 19.97 21.91
CA TYR C 69 50.67 21.33 22.35
C TYR C 69 49.28 21.40 22.96
N TYR C 70 48.28 20.88 22.25
CA TYR C 70 46.92 20.87 22.80
C TYR C 70 46.87 20.05 24.09
N GLU C 71 47.54 18.91 24.11
CA GLU C 71 47.46 18.04 25.29
C GLU C 71 48.04 18.74 26.53
N GLU C 72 49.21 19.36 26.38
CA GLU C 72 49.80 20.08 27.50
C GLU C 72 49.00 21.33 27.85
N ALA C 73 48.37 21.96 26.86
CA ALA C 73 47.49 23.08 27.15
C ALA C 73 46.30 22.66 28.02
N ASN C 74 45.71 21.50 27.69
CA ASN C 74 44.62 20.98 28.50
C ASN C 74 45.09 20.58 29.89
N ARG C 75 46.33 20.08 30.00
CA ARG C 75 46.86 19.78 31.33
C ARG C 75 47.06 21.05 32.17
N GLN C 76 47.20 22.21 31.54
CA GLN C 76 47.41 23.44 32.30
C GLN C 76 46.16 23.81 33.09
N PRO C 77 46.33 24.48 34.23
CA PRO C 77 45.15 24.83 35.06
C PRO C 77 44.15 25.72 34.35
N GLY C 78 44.60 26.62 33.49
CA GLY C 78 43.69 27.49 32.78
C GLY C 78 42.91 26.77 31.70
N LYS C 79 42.01 27.50 31.06
CA LYS C 79 41.23 26.94 29.97
C LYS C 79 42.14 26.60 28.79
N THR C 80 41.84 25.48 28.12
CA THR C 80 42.75 24.94 27.12
C THR C 80 42.96 25.91 25.96
N GLY C 81 41.92 26.64 25.57
CA GLY C 81 42.07 27.60 24.50
C GLY C 81 43.14 28.64 24.80
N ASP C 82 43.14 29.16 26.03
CA ASP C 82 44.15 30.14 26.44
C ASP C 82 45.54 29.52 26.44
N ASN C 83 45.68 28.33 27.03
CA ASN C 83 47.00 27.73 27.19
C ASN C 83 47.61 27.36 25.84
N LEU C 84 46.78 26.85 24.91
CA LEU C 84 47.29 26.48 23.59
C LEU C 84 47.85 27.69 22.85
N LEU C 85 47.10 28.79 22.85
CA LEU C 85 47.58 30.01 22.19
C LEU C 85 48.81 30.56 22.88
N ARG C 86 48.86 30.50 24.22
CA ARG C 86 50.03 30.95 24.95
C ARG C 86 51.27 30.16 24.55
N ILE C 87 51.17 28.83 24.55
CA ILE C 87 52.33 28.01 24.27
C ILE C 87 52.73 28.10 22.80
N LEU C 88 51.77 28.14 21.89
CA LEU C 88 52.10 28.36 20.49
C LEU C 88 52.72 29.73 20.28
N GLU C 89 52.47 30.67 21.19
CA GLU C 89 53.18 31.95 21.21
C GLU C 89 54.37 31.92 22.15
N SER C 90 54.93 30.74 22.43
CA SER C 90 56.04 30.60 23.36
C SER C 90 57.19 29.79 22.78
N ARG C 91 57.30 29.75 21.45
CA ARG C 91 58.36 28.98 20.81
C ARG C 91 59.61 29.84 20.59
N LEU C 92 60.77 29.19 20.59
CA LEU C 92 62.04 29.89 20.40
C LEU C 92 62.04 30.67 19.09
N ASP C 93 61.71 30.00 17.98
CA ASP C 93 61.60 30.70 16.72
C ASP C 93 60.49 31.74 16.75
N ASN C 94 59.38 31.44 17.44
CA ASN C 94 58.33 32.45 17.60
C ASN C 94 58.83 33.65 18.39
N VAL C 95 59.58 33.41 19.46
CA VAL C 95 60.11 34.49 20.28
C VAL C 95 61.02 35.39 19.44
N VAL C 96 61.93 34.78 18.67
CA VAL C 96 62.85 35.58 17.87
C VAL C 96 62.15 36.22 16.68
N TYR C 97 61.05 35.63 16.21
CA TYR C 97 60.33 36.20 15.08
C TYR C 97 59.55 37.44 15.49
N ARG C 98 58.85 37.38 16.63
CA ARG C 98 58.05 38.52 17.05
C ARG C 98 58.90 39.73 17.41
N ALA C 99 60.20 39.55 17.61
CA ALA C 99 61.10 40.68 17.83
C ALA C 99 61.38 41.44 16.54
N GLY C 100 60.91 40.96 15.40
CA GLY C 100 61.15 41.61 14.13
C GLY C 100 62.50 41.35 13.53
N LEU C 101 63.22 40.33 14.01
CA LEU C 101 64.57 40.04 13.53
C LEU C 101 64.59 38.99 12.43
N ALA C 102 63.45 38.40 12.08
CA ALA C 102 63.37 37.41 11.03
C ALA C 102 62.20 37.76 10.11
N ARG C 103 62.46 37.79 8.80
CA ARG C 103 61.44 38.26 7.86
C ARG C 103 60.37 37.21 7.61
N THR C 104 60.59 35.98 8.04
CA THR C 104 59.67 34.88 7.79
C THR C 104 59.74 33.90 8.96
N ARG C 105 58.71 33.08 9.10
CA ARG C 105 58.79 31.96 10.03
C ARG C 105 59.87 30.98 9.60
N ARG C 106 59.97 30.70 8.29
CA ARG C 106 61.05 29.88 7.79
C ARG C 106 62.42 30.52 7.99
N MET C 107 62.50 31.85 8.04
CA MET C 107 63.73 32.51 8.44
C MET C 107 64.24 31.94 9.76
N ALA C 108 63.44 32.07 10.82
CA ALA C 108 63.84 31.57 12.12
C ALA C 108 63.98 30.06 12.13
N ARG C 109 63.16 29.35 11.35
CA ARG C 109 63.30 27.90 11.28
C ARG C 109 64.70 27.51 10.81
N GLN C 110 65.14 28.06 9.68
CA GLN C 110 66.47 27.75 9.18
C GLN C 110 67.57 28.39 10.03
N LEU C 111 67.27 29.47 10.75
CA LEU C 111 68.25 30.07 11.62
C LEU C 111 68.57 29.18 12.81
N VAL C 112 67.52 28.66 13.48
CA VAL C 112 67.73 27.68 14.53
C VAL C 112 68.23 26.37 13.95
N SER C 113 67.94 26.10 12.67
CA SER C 113 68.57 24.97 12.00
C SER C 113 70.08 25.14 11.96
N HIS C 114 70.55 26.33 11.59
CA HIS C 114 71.98 26.58 11.46
C HIS C 114 72.65 26.75 12.82
N GLY C 115 71.97 27.36 13.77
CA GLY C 115 72.58 27.68 15.04
C GLY C 115 73.10 29.11 15.07
N HIS C 116 72.23 30.06 14.72
CA HIS C 116 72.57 31.47 14.71
C HIS C 116 72.04 32.21 15.93
N PHE C 117 71.47 31.51 16.90
CA PHE C 117 70.85 32.13 18.07
C PHE C 117 71.41 31.53 19.35
N LEU C 118 71.20 32.25 20.45
CA LEU C 118 71.70 31.82 21.75
C LEU C 118 70.73 32.26 22.83
N VAL C 119 70.33 31.33 23.70
CA VAL C 119 69.42 31.62 24.80
C VAL C 119 70.17 31.35 26.11
N ASN C 120 70.25 32.38 26.96
CA ASN C 120 70.87 32.29 28.27
C ASN C 120 72.32 31.82 28.22
N GLY C 121 72.94 31.85 27.05
CA GLY C 121 74.31 31.41 26.89
C GLY C 121 74.48 30.04 26.28
N VAL C 122 73.42 29.26 26.14
CA VAL C 122 73.50 27.93 25.55
C VAL C 122 72.95 27.97 24.14
N LYS C 123 73.68 27.36 23.20
CA LYS C 123 73.25 27.28 21.82
C LYS C 123 72.30 26.11 21.66
N VAL C 124 71.10 26.38 21.13
CA VAL C 124 70.08 25.36 20.94
C VAL C 124 69.71 25.36 19.46
N ASP C 125 70.20 24.36 18.73
CA ASP C 125 69.86 24.16 17.32
C ASP C 125 68.44 23.61 17.16
N ILE C 126 67.66 23.60 18.22
CA ILE C 126 66.37 22.93 18.27
C ILE C 126 65.28 24.00 18.23
N PRO C 127 64.55 24.12 17.13
CA PRO C 127 63.39 25.04 17.12
C PRO C 127 62.35 24.71 18.17
N SER C 128 62.22 23.45 18.60
CA SER C 128 61.27 23.11 19.65
C SER C 128 61.75 23.55 21.04
N TYR C 129 62.81 24.35 21.10
CA TYR C 129 63.27 24.87 22.37
C TYR C 129 62.23 25.79 22.99
N ARG C 130 62.10 25.70 24.31
CA ARG C 130 61.21 26.56 25.08
C ARG C 130 62.01 27.68 25.71
N VAL C 131 61.56 28.92 25.48
CA VAL C 131 62.22 30.12 25.99
C VAL C 131 61.39 30.63 27.16
N SER C 132 61.95 30.60 28.36
CA SER C 132 61.26 31.03 29.55
C SER C 132 61.32 32.55 29.69
N GLN C 133 60.63 33.08 30.70
CA GLN C 133 60.69 34.50 30.97
C GLN C 133 62.08 34.89 31.46
N TYR C 134 62.44 36.14 31.22
CA TYR C 134 63.71 36.73 31.65
C TYR C 134 64.92 35.98 31.08
N ASP C 135 64.73 35.27 29.97
CA ASP C 135 65.84 34.60 29.30
C ASP C 135 66.71 35.63 28.60
N ILE C 136 68.02 35.42 28.64
CA ILE C 136 68.98 36.26 27.94
C ILE C 136 69.18 35.70 26.55
N ILE C 137 68.96 36.54 25.53
CA ILE C 137 69.01 36.12 24.14
C ILE C 137 70.07 36.92 23.42
N ASP C 138 70.81 36.27 22.53
CA ASP C 138 71.87 36.91 21.77
C ASP C 138 72.00 36.24 20.40
N VAL C 139 72.65 36.94 19.48
CA VAL C 139 72.85 36.47 18.11
C VAL C 139 74.35 36.41 17.83
N LYS C 140 74.79 35.31 17.23
CA LYS C 140 76.20 35.10 16.98
C LYS C 140 76.71 36.03 15.89
N GLU C 141 78.02 36.30 15.92
CA GLU C 141 78.61 37.28 15.01
C GLU C 141 78.72 36.74 13.59
N LYS C 142 78.87 35.43 13.41
CA LYS C 142 79.00 34.86 12.08
C LYS C 142 77.76 35.15 11.24
N SER C 143 76.58 34.99 11.84
CA SER C 143 75.34 35.42 11.19
C SER C 143 75.15 36.92 11.25
N LEU C 144 75.67 37.59 12.29
CA LEU C 144 75.45 39.02 12.44
C LEU C 144 76.05 39.79 11.27
N ASN C 145 77.21 39.36 10.78
CA ASN C 145 77.87 40.03 9.67
C ASN C 145 77.40 39.52 8.30
N THR C 146 76.57 38.48 8.28
CA THR C 146 76.02 38.00 7.02
C THR C 146 75.09 39.04 6.43
N LEU C 147 75.15 39.19 5.10
CA LEU C 147 74.45 40.30 4.44
C LEU C 147 72.93 40.27 4.61
N PRO C 148 72.22 39.19 4.29
CA PRO C 148 70.77 39.21 4.50
C PRO C 148 70.37 39.35 5.95
N PHE C 149 71.15 38.79 6.88
CA PHE C 149 70.86 39.00 8.29
C PHE C 149 71.14 40.44 8.71
N GLN C 150 72.16 41.07 8.10
CA GLN C 150 72.36 42.50 8.30
C GLN C 150 71.16 43.30 7.83
N ILE C 151 70.58 42.92 6.69
CA ILE C 151 69.38 43.57 6.20
C ILE C 151 68.23 43.38 7.20
N ALA C 152 68.06 42.15 7.68
CA ALA C 152 66.96 41.86 8.59
C ALA C 152 67.09 42.64 9.90
N ARG C 153 68.31 42.73 10.44
CA ARG C 153 68.50 43.43 11.72
C ARG C 153 68.41 44.93 11.55
N GLU C 154 68.99 45.47 10.48
CA GLU C 154 69.08 46.92 10.32
C GLU C 154 67.85 47.52 9.66
N THR C 155 67.10 46.74 8.90
CA THR C 155 65.84 47.19 8.30
C THR C 155 64.64 46.61 9.03
N ALA C 156 64.74 46.45 10.35
CA ALA C 156 63.71 45.78 11.14
C ALA C 156 62.49 46.68 11.30
N GLY C 157 61.87 46.99 10.17
CA GLY C 157 60.61 47.70 10.14
C GLY C 157 59.46 46.72 10.10
N GLU C 158 59.73 45.49 10.51
CA GLU C 158 58.77 44.40 10.47
C GLU C 158 57.76 44.57 11.60
N ARG C 159 57.04 43.51 11.92
CA ARG C 159 55.97 43.61 12.91
C ARG C 159 56.54 44.03 14.26
N PRO C 160 55.83 44.87 15.01
CA PRO C 160 56.39 45.40 16.26
C PRO C 160 56.59 44.31 17.30
N ILE C 161 57.58 44.56 18.17
CA ILE C 161 57.94 43.64 19.24
C ILE C 161 56.87 43.71 20.32
N PRO C 162 56.27 42.58 20.71
CA PRO C 162 55.23 42.62 21.75
C PRO C 162 55.82 42.98 23.10
N SER C 163 54.93 43.35 24.03
CA SER C 163 55.37 43.85 25.33
C SER C 163 56.13 42.79 26.13
N TRP C 164 55.93 41.51 25.81
CA TRP C 164 56.65 40.45 26.51
C TRP C 164 57.99 40.14 25.88
N LEU C 165 58.38 40.85 24.82
CA LEU C 165 59.72 40.75 24.24
C LEU C 165 60.32 42.15 24.16
N GLN C 166 61.61 42.25 24.42
CA GLN C 166 62.28 43.55 24.42
C GLN C 166 63.67 43.41 23.81
N VAL C 167 63.84 43.89 22.59
CA VAL C 167 65.17 44.05 22.02
C VAL C 167 65.79 45.30 22.61
N VAL C 168 66.86 45.13 23.39
CA VAL C 168 67.34 46.18 24.28
C VAL C 168 68.73 46.66 23.89
N GLY C 169 69.18 46.39 22.68
CA GLY C 169 70.48 46.91 22.26
C GLY C 169 70.82 46.44 20.86
N GLU C 170 71.99 46.89 20.41
CA GLU C 170 72.51 46.49 19.11
C GLU C 170 72.89 45.02 19.04
N ARG C 171 72.98 44.35 20.20
CA ARG C 171 73.32 42.93 20.24
C ARG C 171 72.12 42.03 19.98
N GLN C 172 70.98 42.61 19.61
CA GLN C 172 69.74 41.88 19.39
C GLN C 172 69.34 41.09 20.64
N ARG C 173 69.59 41.69 21.80
CA ARG C 173 69.27 41.05 23.08
C ARG C 173 67.77 41.16 23.31
N ILE C 174 67.04 40.07 23.09
CA ILE C 174 65.61 40.05 23.33
C ILE C 174 65.39 39.68 24.79
N LEU C 175 65.46 40.68 25.69
CA LEU C 175 65.28 40.44 27.11
C LEU C 175 63.79 40.24 27.37
N VAL C 176 63.35 38.99 27.22
CA VAL C 176 61.96 38.65 27.43
C VAL C 176 61.59 38.96 28.87
N HIS C 177 60.34 39.41 29.08
CA HIS C 177 59.90 39.82 30.41
C HIS C 177 58.79 38.93 30.95
N GLN C 178 57.68 38.78 30.22
CA GLN C 178 56.55 38.01 30.72
C GLN C 178 56.08 37.03 29.64
N LEU C 179 55.01 36.32 29.95
CA LEU C 179 54.39 35.37 29.04
C LEU C 179 53.54 36.11 28.00
N PRO C 180 53.30 35.48 26.84
CA PRO C 180 52.39 36.10 25.87
C PRO C 180 50.95 36.08 26.38
N GLU C 181 50.44 37.25 26.74
CA GLU C 181 49.12 37.36 27.34
C GLU C 181 48.04 37.44 26.28
N ARG C 182 46.86 36.91 26.61
CA ARG C 182 45.75 36.93 25.67
C ARG C 182 45.39 38.35 25.28
N ALA C 183 45.46 39.29 26.23
CA ALA C 183 45.22 40.69 25.93
C ALA C 183 46.34 41.33 25.14
N GLN C 184 47.46 40.63 24.92
CA GLN C 184 48.62 41.20 24.27
C GLN C 184 49.07 40.48 23.01
N ILE C 185 48.63 39.23 22.80
CA ILE C 185 49.15 38.44 21.68
C ILE C 185 48.67 39.01 20.35
N ASP C 186 47.38 39.36 20.27
CA ASP C 186 46.72 39.71 19.00
C ASP C 186 46.81 38.52 18.03
N VAL C 187 46.22 37.41 18.46
CA VAL C 187 46.32 36.12 17.80
C VAL C 187 45.44 36.06 16.55
N PRO C 188 45.78 35.23 15.56
CA PRO C 188 44.81 34.92 14.51
C PRO C 188 43.65 34.10 15.03
N LEU C 189 42.79 33.61 14.12
CA LEU C 189 41.53 32.95 14.47
C LEU C 189 41.69 32.02 15.66
N THR C 190 40.67 32.03 16.52
CA THR C 190 40.76 31.42 17.84
C THR C 190 40.88 29.91 17.75
N GLU C 191 41.01 29.27 18.91
CA GLU C 191 41.31 27.85 19.01
C GLU C 191 40.32 27.08 19.88
N GLN C 192 39.17 27.68 20.21
CA GLN C 192 38.16 26.95 20.98
C GLN C 192 37.62 25.77 20.18
N LEU C 193 37.55 25.91 18.86
CA LEU C 193 37.12 24.80 18.02
C LEU C 193 38.06 23.60 18.17
N ILE C 194 39.37 23.86 18.22
CA ILE C 194 40.34 22.80 18.40
C ILE C 194 40.13 22.10 19.73
N VAL C 195 39.89 22.87 20.80
CA VAL C 195 39.68 22.28 22.12
C VAL C 195 38.44 21.41 22.11
N GLU C 196 37.34 21.92 21.58
CA GLU C 196 36.08 21.16 21.57
C GLU C 196 36.20 19.90 20.73
N LEU C 197 36.90 19.98 19.60
CA LEU C 197 37.03 18.81 18.73
C LEU C 197 37.93 17.75 19.37
N TYR C 198 39.08 18.17 19.90
CA TYR C 198 40.03 17.21 20.46
C TYR C 198 39.50 16.58 21.74
N SER C 199 38.72 17.34 22.53
CA SER C 199 38.19 16.82 23.77
C SER C 199 37.27 15.62 23.56
N LYS C 200 36.65 15.52 22.39
CA LYS C 200 35.78 14.39 22.08
C LYS C 200 36.59 13.17 21.66
N ARG D 1 17.75 24.87 0.34
CA ARG D 1 18.97 25.57 0.73
C ARG D 1 19.97 25.62 -0.42
N GLY D 2 19.51 26.05 -1.58
CA GLY D 2 20.36 26.14 -2.76
C GLY D 2 20.29 27.51 -3.39
N ARG D 3 21.45 28.00 -3.82
CA ARG D 3 21.58 29.31 -4.47
C ARG D 3 21.02 30.42 -3.58
N ARG D 4 21.60 30.55 -2.39
CA ARG D 4 21.18 31.58 -1.44
C ARG D 4 22.06 32.82 -1.49
N ASP D 5 23.25 32.75 -2.09
CA ASP D 5 24.13 33.90 -2.23
C ASP D 5 23.81 34.59 -3.55
N ASP D 6 22.95 35.61 -3.48
CA ASP D 6 22.51 36.35 -4.66
C ASP D 6 22.74 37.84 -4.44
N ARG D 7 23.21 38.51 -5.50
CA ARG D 7 23.41 39.96 -5.49
C ARG D 7 22.68 40.53 -6.70
N GLY D 8 21.46 41.03 -6.48
CA GLY D 8 20.62 41.54 -7.53
C GLY D 8 20.34 43.02 -7.39
N GLY D 9 19.56 43.53 -8.35
CA GLY D 9 19.19 44.93 -8.36
C GLY D 9 17.82 45.20 -7.77
N ARG D 10 17.31 44.24 -6.99
CA ARG D 10 15.98 44.36 -6.40
C ARG D 10 16.04 45.26 -5.17
N GLY D 11 14.94 45.32 -4.42
CA GLY D 11 14.83 46.26 -3.33
C GLY D 11 15.71 45.98 -2.12
N ARG D 12 15.40 44.92 -1.37
CA ARG D 12 16.10 44.62 -0.13
C ARG D 12 16.07 43.12 0.10
N ASP D 13 16.52 42.70 1.29
CA ASP D 13 16.59 41.29 1.65
C ASP D 13 15.96 40.99 3.01
N GLY D 14 15.12 41.87 3.53
CA GLY D 14 14.39 41.61 4.76
C GLY D 14 15.24 41.50 6.01
N GLY D 15 16.19 42.42 6.17
CA GLY D 15 16.97 42.49 7.39
C GLY D 15 16.24 43.29 8.46
N ASP D 16 16.44 42.89 9.71
CA ASP D 16 15.75 43.51 10.83
C ASP D 16 16.68 43.51 12.04
N LYS D 17 16.12 43.84 13.21
CA LYS D 17 16.84 43.85 14.46
C LYS D 17 16.99 42.41 14.98
N SER D 18 17.23 42.27 16.28
CA SER D 18 17.30 40.95 16.89
C SER D 18 18.35 40.11 16.20
N ASN D 19 19.62 40.52 16.29
CA ASN D 19 20.67 39.88 15.52
C ASN D 19 20.88 38.46 16.03
N TYR D 20 19.94 37.59 15.68
CA TYR D 20 19.78 36.28 16.30
C TYR D 20 20.51 35.22 15.49
N ILE D 21 21.28 34.38 16.17
CA ILE D 21 21.88 33.23 15.53
C ILE D 21 20.79 32.21 15.23
N GLU D 22 20.74 31.77 13.98
CA GLU D 22 19.77 30.78 13.56
C GLU D 22 20.45 29.43 13.37
N ARG D 23 19.69 28.36 13.51
CA ARG D 23 20.20 27.03 13.23
C ARG D 23 19.05 26.13 12.80
N VAL D 24 19.37 25.15 11.96
CA VAL D 24 18.43 24.12 11.54
C VAL D 24 19.09 22.78 11.80
N VAL D 25 18.35 21.87 12.42
CA VAL D 25 18.93 20.59 12.83
C VAL D 25 18.79 19.55 11.73
N SER D 26 17.59 19.31 11.23
CA SER D 26 17.39 18.27 10.23
C SER D 26 16.02 18.43 9.59
N ILE D 27 15.90 17.88 8.38
CA ILE D 27 14.63 17.80 7.67
C ILE D 27 14.49 16.40 7.10
N ASN D 28 13.37 15.74 7.38
CA ASN D 28 13.09 14.43 6.83
C ASN D 28 11.99 14.56 5.78
N ARG D 29 12.16 13.85 4.67
CA ARG D 29 11.18 13.87 3.61
C ARG D 29 9.90 13.17 4.07
N VAL D 30 8.76 13.79 3.78
CA VAL D 30 7.48 13.38 4.34
C VAL D 30 6.59 12.94 3.18
N SER D 31 6.06 11.73 3.27
CA SER D 31 5.37 11.09 2.14
C SER D 31 3.91 10.90 2.47
N LYS D 32 3.05 11.57 1.71
CA LYS D 32 1.60 11.36 1.76
C LYS D 32 1.19 10.47 0.60
N VAL D 33 0.54 9.35 0.92
CA VAL D 33 0.11 8.41 -0.11
C VAL D 33 -1.26 8.87 -0.61
N VAL D 34 -1.28 9.57 -1.74
CA VAL D 34 -2.51 9.81 -2.47
C VAL D 34 -2.80 8.52 -3.22
N LYS D 35 -3.99 8.42 -3.80
CA LYS D 35 -4.45 7.14 -4.34
C LYS D 35 -3.58 6.77 -5.52
N GLY D 36 -2.59 5.90 -5.27
CA GLY D 36 -1.67 5.49 -6.30
C GLY D 36 -0.46 6.38 -6.51
N GLY D 37 -0.17 7.28 -5.57
CA GLY D 37 0.95 8.18 -5.76
C GLY D 37 1.48 8.68 -4.44
N ARG D 38 2.65 9.32 -4.50
CA ARG D 38 3.35 9.80 -3.31
C ARG D 38 3.67 11.27 -3.46
N ARG D 39 3.10 12.09 -2.58
CA ARG D 39 3.44 13.51 -2.49
C ARG D 39 4.50 13.70 -1.41
N PHE D 40 5.50 14.53 -1.72
CA PHE D 40 6.67 14.68 -0.86
C PHE D 40 6.75 16.11 -0.34
N SER D 41 6.81 16.24 0.97
CA SER D 41 6.93 17.53 1.65
C SER D 41 8.12 17.50 2.59
N PHE D 42 8.37 18.63 3.24
CA PHE D 42 9.53 18.82 4.08
C PHE D 42 9.13 19.24 5.49
N THR D 43 9.98 18.91 6.45
CA THR D 43 9.73 19.17 7.86
C THR D 43 11.00 19.75 8.46
N ALA D 44 11.01 21.04 8.75
CA ALA D 44 12.18 21.74 9.25
C ALA D 44 11.98 22.08 10.73
N LEU D 45 13.03 21.90 11.52
CA LEU D 45 13.04 22.28 12.93
C LEU D 45 14.07 23.39 13.09
N VAL D 46 13.58 24.60 13.38
CA VAL D 46 14.41 25.80 13.40
C VAL D 46 14.60 26.24 14.85
N ILE D 47 15.85 26.49 15.24
CA ILE D 47 16.18 26.99 16.56
C ILE D 47 16.88 28.32 16.39
N VAL D 48 16.26 29.39 16.90
CA VAL D 48 16.83 30.71 16.83
C VAL D 48 17.19 31.13 18.24
N GLY D 49 18.17 32.01 18.36
CA GLY D 49 18.59 32.42 19.68
C GLY D 49 19.43 33.66 19.65
N ASP D 50 19.85 34.08 20.84
CA ASP D 50 20.70 35.25 21.02
C ASP D 50 21.85 34.91 21.95
N GLY D 51 22.99 35.58 21.72
CA GLY D 51 24.13 35.43 22.60
C GLY D 51 23.84 35.87 24.03
N LYS D 52 22.82 36.71 24.22
CA LYS D 52 22.34 36.99 25.56
C LYS D 52 21.78 35.73 26.20
N GLY D 53 21.06 34.92 25.42
CA GLY D 53 20.61 33.64 25.93
C GLY D 53 19.21 33.22 25.52
N MET D 54 18.36 34.18 25.19
CA MET D 54 16.95 33.87 24.97
C MET D 54 16.78 33.10 23.66
N VAL D 55 15.92 32.09 23.69
CA VAL D 55 15.83 31.06 22.66
C VAL D 55 14.41 31.00 22.12
N GLY D 56 14.27 30.54 20.87
CA GLY D 56 12.98 30.25 20.29
C GLY D 56 13.07 29.01 19.41
N VAL D 57 11.96 28.27 19.40
CA VAL D 57 11.86 27.00 18.68
C VAL D 57 10.68 27.07 17.73
N GLY D 58 10.90 26.66 16.48
CA GLY D 58 9.86 26.67 15.48
C GLY D 58 9.92 25.41 14.63
N TYR D 59 8.80 25.14 13.97
CA TYR D 59 8.60 23.84 13.32
C TYR D 59 7.81 24.06 12.04
N GLY D 60 8.52 24.09 10.92
CA GLY D 60 7.88 24.33 9.64
C GLY D 60 7.60 23.08 8.84
N LYS D 61 6.34 22.66 8.78
CA LYS D 61 5.91 21.56 7.93
C LYS D 61 5.47 22.13 6.58
N ALA D 62 6.44 22.27 5.68
CA ALA D 62 6.18 22.84 4.37
C ALA D 62 6.80 21.99 3.29
N LYS D 63 6.08 21.85 2.18
CA LYS D 63 6.52 21.06 1.04
C LYS D 63 7.75 21.65 0.36
N GLU D 64 8.18 22.84 0.78
CA GLU D 64 9.35 23.50 0.24
C GLU D 64 10.35 23.72 1.36
N VAL D 65 11.63 23.40 1.11
CA VAL D 65 12.66 23.62 2.13
C VAL D 65 12.76 25.09 2.55
N PRO D 66 12.72 26.09 1.65
CA PRO D 66 12.80 27.46 2.16
C PRO D 66 11.53 27.87 2.88
N ALA D 67 10.38 27.40 2.41
CA ALA D 67 9.13 27.65 3.13
C ALA D 67 9.14 26.98 4.49
N ALA D 68 9.66 25.76 4.57
CA ALA D 68 9.78 25.09 5.86
C ALA D 68 10.70 25.86 6.80
N ILE D 69 11.82 26.34 6.27
CA ILE D 69 12.75 27.11 7.09
C ILE D 69 12.10 28.40 7.58
N ALA D 70 11.40 29.11 6.69
CA ALA D 70 10.75 30.35 7.09
C ALA D 70 9.66 30.09 8.12
N LYS D 71 8.88 29.02 7.93
CA LYS D 71 7.84 28.68 8.89
C LYS D 71 8.44 28.36 10.25
N GLY D 72 9.52 27.59 10.27
CA GLY D 72 10.20 27.33 11.53
C GLY D 72 10.73 28.60 12.18
N VAL D 73 11.31 29.49 11.38
CA VAL D 73 11.85 30.74 11.91
C VAL D 73 10.74 31.57 12.54
N GLU D 74 9.61 31.70 11.85
CA GLU D 74 8.53 32.52 12.37
C GLU D 74 7.81 31.86 13.53
N GLU D 75 7.78 30.52 13.58
CA GLU D 75 7.23 29.87 14.77
C GLU D 75 8.15 30.05 15.97
N ALA D 76 9.46 29.99 15.75
CA ALA D 76 10.41 30.27 16.81
C ALA D 76 10.26 31.71 17.29
N ARG D 77 10.00 32.63 16.36
CA ARG D 77 9.66 33.99 16.74
C ARG D 77 8.38 34.03 17.55
N LYS D 78 7.39 33.22 17.18
CA LYS D 78 6.18 33.08 17.97
C LYS D 78 6.45 32.33 19.26
N ASN D 79 7.18 31.23 19.17
CA ASN D 79 7.45 30.36 20.31
C ASN D 79 8.87 30.62 20.79
N PHE D 80 9.03 31.70 21.56
CA PHE D 80 10.31 32.03 22.18
C PHE D 80 10.42 31.35 23.55
N PHE D 81 11.57 31.55 24.19
CA PHE D 81 11.84 30.93 25.48
C PHE D 81 13.08 31.57 26.09
N ARG D 82 13.05 31.78 27.41
CA ARG D 82 14.12 32.47 28.11
C ARG D 82 14.80 31.52 29.08
N VAL D 83 16.11 31.68 29.24
CA VAL D 83 16.91 30.80 30.07
C VAL D 83 17.77 31.61 31.02
N PRO D 84 17.74 31.32 32.33
CA PRO D 84 18.70 31.93 33.26
C PRO D 84 19.93 31.05 33.46
N LEU D 85 21.08 31.70 33.59
CA LEU D 85 22.36 31.01 33.73
C LEU D 85 23.25 31.80 34.68
N ILE D 86 24.53 31.40 34.74
CA ILE D 86 25.53 32.06 35.55
C ILE D 86 26.79 32.26 34.72
N GLY D 87 26.99 33.49 34.23
CA GLY D 87 28.12 33.80 33.38
C GLY D 87 28.16 32.92 32.15
N SER D 88 29.15 32.04 32.06
CA SER D 88 29.14 30.98 31.06
C SER D 88 29.20 29.67 31.84
N THR D 89 28.04 29.30 32.38
CA THR D 89 27.80 28.08 33.16
C THR D 89 26.28 27.89 33.17
N ILE D 90 25.83 26.87 33.90
CA ILE D 90 24.42 26.71 34.19
C ILE D 90 24.25 26.87 35.68
N THR D 91 23.10 27.41 36.09
CA THR D 91 22.89 27.70 37.50
C THR D 91 22.87 26.44 38.35
N HIS D 92 22.51 25.31 37.76
CA HIS D 92 22.34 24.06 38.50
C HIS D 92 22.14 22.91 37.53
N PRO D 93 22.68 21.74 37.83
CA PRO D 93 22.48 20.59 36.94
C PRO D 93 21.01 20.23 36.84
N VAL D 94 20.57 19.88 35.64
CA VAL D 94 19.15 19.57 35.39
C VAL D 94 19.04 18.37 34.48
N GLN D 95 17.83 17.82 34.38
CA GLN D 95 17.52 16.77 33.41
C GLN D 95 16.18 17.09 32.75
N GLY D 96 16.12 16.94 31.43
CA GLY D 96 14.91 17.18 30.68
C GLY D 96 14.54 16.03 29.77
N GLU D 97 13.28 15.97 29.36
CA GLU D 97 12.80 14.82 28.59
C GLU D 97 11.81 15.26 27.53
N ALA D 98 11.85 14.57 26.40
CA ALA D 98 10.77 14.57 25.41
C ALA D 98 10.47 13.11 25.07
N ALA D 99 9.69 12.48 25.95
CA ALA D 99 8.91 11.27 25.72
C ALA D 99 9.75 10.04 25.40
N ALA D 100 10.97 10.24 24.91
CA ALA D 100 11.98 9.19 24.92
C ALA D 100 13.36 9.80 25.07
N GLY D 101 13.47 11.10 24.81
CA GLY D 101 14.78 11.73 24.79
C GLY D 101 15.14 12.36 26.12
N VAL D 102 16.31 12.02 26.67
CA VAL D 102 16.74 12.48 27.98
C VAL D 102 17.99 13.31 27.81
N VAL D 103 18.04 14.46 28.47
CA VAL D 103 19.19 15.36 28.39
C VAL D 103 19.62 15.76 29.79
N MET D 104 20.90 15.58 30.08
CA MET D 104 21.49 16.00 31.35
C MET D 104 22.39 17.21 31.12
N LEU D 105 22.26 18.20 32.00
CA LEU D 105 23.03 19.43 31.92
C LEU D 105 23.69 19.72 33.27
N ARG D 106 24.87 20.35 33.21
CA ARG D 106 25.73 20.51 34.38
C ARG D 106 26.64 21.71 34.23
N PRO D 107 26.85 22.49 35.29
CA PRO D 107 27.80 23.61 35.19
C PRO D 107 29.22 23.09 35.15
N ALA D 108 30.08 23.87 34.51
CA ALA D 108 31.48 23.50 34.34
C ALA D 108 32.36 24.66 34.78
N SER D 109 33.65 24.37 34.93
CA SER D 109 34.60 25.41 35.30
C SER D 109 34.62 26.48 34.21
N PRO D 110 34.83 27.74 34.58
CA PRO D 110 34.82 28.81 33.58
C PRO D 110 35.82 28.54 32.46
N GLY D 111 35.35 28.69 31.23
CA GLY D 111 36.18 28.41 30.08
C GLY D 111 36.25 26.96 29.65
N THR D 112 35.49 26.07 30.29
CA THR D 112 35.55 24.65 29.93
C THR D 112 35.04 24.43 28.51
N GLY D 113 33.95 25.09 28.14
CA GLY D 113 33.44 24.97 26.79
C GLY D 113 32.18 24.14 26.71
N VAL D 114 31.35 24.43 25.71
CA VAL D 114 30.10 23.72 25.51
C VAL D 114 30.39 22.35 24.90
N ILE D 115 30.46 21.33 25.74
CA ILE D 115 30.67 19.97 25.29
C ILE D 115 29.30 19.33 25.18
N ALA D 116 28.79 19.23 23.97
CA ALA D 116 27.42 18.75 23.75
C ALA D 116 27.35 18.09 22.38
N GLY D 117 26.33 17.26 22.21
CA GLY D 117 26.11 16.59 20.94
C GLY D 117 25.75 17.56 19.85
N GLY D 118 25.67 17.03 18.63
CA GLY D 118 25.46 17.88 17.47
C GLY D 118 24.21 18.74 17.59
N ALA D 119 23.07 18.11 17.91
CA ALA D 119 21.84 18.88 18.09
C ALA D 119 21.91 19.75 19.33
N ALA D 120 22.40 19.18 20.43
CA ALA D 120 22.50 19.93 21.67
C ALA D 120 23.45 21.11 21.53
N ARG D 121 24.56 20.92 20.81
CA ARG D 121 25.49 22.02 20.61
C ARG D 121 24.77 23.22 20.00
N ALA D 122 23.94 22.97 19.00
CA ALA D 122 23.19 24.05 18.37
C ALA D 122 22.18 24.66 19.33
N VAL D 123 21.38 23.81 19.97
CA VAL D 123 20.31 24.33 20.83
C VAL D 123 20.90 25.12 21.99
N LEU D 124 22.13 24.81 22.37
CA LEU D 124 22.77 25.52 23.48
C LEU D 124 23.44 26.80 23.02
N GLU D 125 24.35 26.69 22.06
CA GLU D 125 25.15 27.84 21.66
C GLU D 125 24.30 28.96 21.10
N CYS D 126 23.10 28.66 20.61
CA CYS D 126 22.18 29.73 20.23
C CYS D 126 21.86 30.61 21.43
N ALA D 127 21.87 30.04 22.62
CA ALA D 127 21.69 30.80 23.84
C ALA D 127 23.01 31.49 24.21
N GLY D 128 23.11 31.93 25.45
CA GLY D 128 24.30 32.57 25.97
C GLY D 128 25.31 31.66 26.59
N VAL D 129 25.20 30.34 26.36
CA VAL D 129 26.14 29.41 26.94
C VAL D 129 27.49 29.52 26.25
N HIS D 130 28.55 29.40 27.04
CA HIS D 130 29.89 29.27 26.47
C HIS D 130 30.60 28.08 27.09
N ASP D 131 30.31 27.78 28.36
CA ASP D 131 31.00 26.72 29.09
C ASP D 131 30.01 26.01 30.02
N ILE D 132 29.42 24.93 29.53
CA ILE D 132 28.70 23.97 30.37
C ILE D 132 28.99 22.57 29.85
N LEU D 133 28.60 21.57 30.62
CA LEU D 133 28.72 20.19 30.21
C LEU D 133 27.32 19.62 30.05
N ALA D 134 27.13 18.76 29.05
CA ALA D 134 25.82 18.19 28.82
C ALA D 134 25.95 16.91 28.01
N LYS D 135 24.93 16.09 28.08
CA LYS D 135 24.84 14.90 27.23
C LYS D 135 23.38 14.49 27.11
N SER D 136 23.13 13.48 26.29
CA SER D 136 21.78 13.00 26.05
C SER D 136 21.80 11.49 25.83
N LEU D 137 20.61 10.90 26.00
CA LEU D 137 20.44 9.46 25.89
C LEU D 137 19.02 9.16 25.43
N GLY D 138 18.82 7.98 24.86
CA GLY D 138 17.50 7.51 24.50
C GLY D 138 16.94 8.16 23.25
N SER D 139 15.78 7.64 22.87
CA SER D 139 14.93 8.14 21.79
C SER D 139 15.50 7.86 20.41
N ASP D 140 16.78 7.49 20.34
CA ASP D 140 17.48 7.20 19.09
C ASP D 140 17.08 8.16 17.97
N ASN D 141 16.93 9.45 18.29
CA ASN D 141 16.31 10.41 17.39
C ASN D 141 16.93 11.79 17.63
N ALA D 142 16.38 12.79 16.95
CA ALA D 142 16.84 14.17 17.07
C ALA D 142 15.73 15.15 17.38
N ILE D 143 14.53 14.95 16.81
CA ILE D 143 13.42 15.86 17.09
C ILE D 143 13.09 15.84 18.58
N ASN D 144 12.98 14.63 19.15
CA ASN D 144 12.72 14.52 20.58
C ASN D 144 13.89 15.03 21.39
N VAL D 145 15.12 14.85 20.90
CA VAL D 145 16.28 15.38 21.60
C VAL D 145 16.21 16.90 21.69
N VAL D 146 15.93 17.54 20.55
CA VAL D 146 15.80 19.00 20.52
C VAL D 146 14.66 19.44 21.42
N HIS D 147 13.54 18.72 21.39
CA HIS D 147 12.40 19.08 22.22
C HIS D 147 12.74 18.96 23.70
N ALA D 148 13.50 17.93 24.07
CA ALA D 148 13.89 17.74 25.46
C ALA D 148 14.92 18.76 25.91
N THR D 149 15.71 19.31 24.97
CA THR D 149 16.64 20.36 25.33
C THR D 149 15.93 21.52 26.00
N VAL D 150 14.88 22.03 25.38
CA VAL D 150 14.11 23.12 25.97
C VAL D 150 13.44 22.66 27.25
N ALA D 151 13.03 21.39 27.32
CA ALA D 151 12.42 20.87 28.53
C ALA D 151 13.38 20.98 29.71
N ALA D 152 14.63 20.58 29.49
CA ALA D 152 15.64 20.73 30.53
C ALA D 152 15.89 22.20 30.85
N LEU D 153 15.99 23.03 29.81
CA LEU D 153 16.25 24.45 30.01
C LEU D 153 15.17 25.11 30.84
N LYS D 154 13.94 24.63 30.74
CA LYS D 154 12.83 25.24 31.45
C LYS D 154 12.99 25.12 32.96
N LEU D 155 13.68 24.07 33.43
CA LEU D 155 13.87 23.86 34.86
C LEU D 155 14.89 24.79 35.47
N LEU D 156 15.26 25.86 34.78
CA LEU D 156 16.29 26.76 35.22
C LEU D 156 15.67 28.02 35.80
N GLN D 157 16.21 28.47 36.94
CA GLN D 157 15.67 29.65 37.60
C GLN D 157 16.77 30.26 38.45
N ARG D 158 16.56 31.54 38.81
CA ARG D 158 17.49 32.23 39.67
C ARG D 158 17.39 31.69 41.09
N PRO D 159 18.39 31.97 41.94
CA PRO D 159 18.23 31.66 43.36
C PRO D 159 17.10 32.44 44.03
N GLU D 160 16.66 33.55 43.42
CA GLU D 160 15.55 34.32 43.97
C GLU D 160 14.30 33.48 44.10
N GLU D 161 14.08 32.53 43.18
CA GLU D 161 12.88 31.70 43.22
C GLU D 161 12.84 30.87 44.50
N VAL D 162 13.92 30.13 44.78
CA VAL D 162 13.95 29.31 45.98
C VAL D 162 14.02 30.19 47.22
N ALA D 163 14.62 31.38 47.10
CA ALA D 163 14.64 32.30 48.23
C ALA D 163 13.22 32.73 48.62
N ALA D 164 12.40 33.04 47.62
CA ALA D 164 11.02 33.42 47.91
C ALA D 164 10.20 32.22 48.37
N ARG D 165 10.43 31.05 47.77
CA ARG D 165 9.70 29.85 48.18
C ARG D 165 9.98 29.51 49.64
N ARG D 166 11.26 29.51 50.02
CA ARG D 166 11.63 29.28 51.41
C ARG D 166 11.32 30.49 52.28
N GLY D 167 11.19 31.66 51.69
CA GLY D 167 11.02 32.85 52.50
C GLY D 167 12.43 33.25 52.91
N LEU D 168 13.24 32.26 53.26
CA LEU D 168 14.63 32.53 53.62
C LEU D 168 15.39 32.98 52.37
N PRO D 169 16.43 33.81 52.54
CA PRO D 169 17.16 34.34 51.39
C PRO D 169 18.00 33.29 50.67
N ILE D 170 19.21 33.65 50.29
CA ILE D 170 20.07 32.72 49.58
C ILE D 170 20.76 31.78 50.57
N GLU D 171 22.08 31.87 50.68
CA GLU D 171 22.81 31.03 51.62
C GLU D 171 22.44 29.58 51.39
N ASP D 172 21.51 29.06 52.18
CA ASP D 172 21.05 27.71 51.95
C ASP D 172 20.61 27.63 50.51
N VAL D 173 19.88 28.63 50.05
CA VAL D 173 19.49 28.67 48.64
C VAL D 173 20.75 28.82 47.80
N ALA D 174 21.36 29.99 47.83
CA ALA D 174 22.60 30.18 47.08
C ALA D 174 23.79 30.26 48.02
N PRO D 175 24.56 29.16 48.11
CA PRO D 175 25.76 29.15 48.94
C PRO D 175 26.94 29.80 48.24
N ALA D 176 27.99 30.12 48.99
CA ALA D 176 29.17 30.76 48.41
C ALA D 176 29.48 30.27 47.01
N GLY D 177 29.50 28.95 46.83
CA GLY D 177 29.80 28.39 45.52
C GLY D 177 29.16 29.17 44.41
N MET D 178 27.84 29.06 44.29
CA MET D 178 27.14 29.80 43.26
C MET D 178 27.22 31.28 43.55
N LEU D 179 27.17 31.64 44.84
CA LEU D 179 27.27 33.05 45.20
C LEU D 179 28.42 33.72 44.47
N LYS D 180 29.63 33.14 44.56
CA LYS D 180 30.77 33.74 43.89
C LYS D 180 30.67 33.61 42.38
N ALA D 181 30.06 32.53 41.88
CA ALA D 181 29.91 32.39 40.43
C ALA D 181 29.00 33.49 39.87
N ARG D 182 27.86 33.74 40.52
CA ARG D 182 26.96 34.79 40.06
C ARG D 182 27.55 36.17 40.33
N ARG D 183 28.37 36.31 41.38
CA ARG D 183 29.08 37.57 41.59
C ARG D 183 30.02 37.85 40.42
N GLU D 184 30.76 36.83 39.98
CA GLU D 184 31.62 37.01 38.80
C GLU D 184 30.79 37.34 37.57
N SER D 185 29.67 36.63 37.37
CA SER D 185 28.82 36.88 36.22
C SER D 185 28.33 38.33 36.19
N GLU D 186 27.75 38.79 37.29
CA GLU D 186 27.19 40.12 37.36
C GLU D 186 28.27 41.19 37.36
N ALA D 187 29.44 40.90 37.93
CA ALA D 187 30.54 41.86 37.88
C ALA D 187 31.06 42.04 36.46
N LEU D 188 31.17 40.93 35.72
CA LEU D 188 31.56 41.04 34.31
C LEU D 188 30.51 41.80 33.52
N ALA D 189 29.22 41.54 33.80
CA ALA D 189 28.17 42.29 33.12
C ALA D 189 28.24 43.78 33.45
N ALA D 190 28.49 44.12 34.72
CA ALA D 190 28.57 45.52 35.12
C ALA D 190 29.78 46.20 34.49
N ALA D 191 30.92 45.49 34.43
CA ALA D 191 32.09 46.05 33.78
C ALA D 191 31.83 46.29 32.30
N ALA D 192 31.16 45.34 31.63
CA ALA D 192 30.82 45.53 30.23
C ALA D 192 29.89 46.72 30.04
N ALA D 193 28.90 46.88 30.93
CA ALA D 193 28.00 48.01 30.84
C ALA D 193 28.73 49.33 31.05
N ARG D 194 29.66 49.36 32.01
CA ARG D 194 30.45 50.57 32.24
C ARG D 194 31.31 50.89 31.01
N GLU D 195 31.93 49.87 30.41
CA GLU D 195 32.75 50.10 29.23
C GLU D 195 31.91 50.60 28.06
N GLY D 196 30.71 50.04 27.88
CA GLY D 196 29.83 50.50 26.82
C GLY D 196 29.16 51.82 27.10
N SER D 197 29.19 52.28 28.36
CA SER D 197 28.60 53.57 28.69
C SER D 197 29.32 54.71 27.97
N ALA D 198 30.65 54.65 27.91
CA ALA D 198 31.44 55.67 27.24
C ALA D 198 31.61 55.34 25.76
N MET E 1 -30.10 -32.31 65.87
CA MET E 1 -31.49 -32.22 65.45
C MET E 1 -31.72 -30.95 64.65
N ARG E 2 -32.55 -31.06 63.60
CA ARG E 2 -32.89 -29.92 62.77
C ARG E 2 -34.38 -29.93 62.48
N PRO E 3 -34.98 -28.77 62.25
CA PRO E 3 -36.38 -28.74 61.85
C PRO E 3 -36.55 -29.10 60.38
N TYR E 4 -37.08 -30.29 60.10
CA TYR E 4 -37.29 -30.75 58.74
C TYR E 4 -38.77 -30.67 58.40
N GLU E 5 -39.07 -30.03 57.27
CA GLU E 5 -40.45 -29.84 56.80
C GLU E 5 -40.70 -30.84 55.67
N ILE E 6 -41.10 -32.04 56.07
CA ILE E 6 -41.20 -33.16 55.15
C ILE E 6 -42.48 -33.04 54.33
N MET E 7 -42.33 -33.11 53.01
CA MET E 7 -43.45 -33.06 52.08
C MET E 7 -43.59 -34.44 51.43
N VAL E 8 -44.81 -34.96 51.44
CA VAL E 8 -45.08 -36.31 50.93
C VAL E 8 -46.25 -36.24 49.95
N ILE E 9 -46.15 -37.01 48.87
CA ILE E 9 -47.25 -37.19 47.93
C ILE E 9 -47.71 -38.63 48.02
N LEU E 10 -49.01 -38.82 48.18
CA LEU E 10 -49.63 -40.11 48.49
C LEU E 10 -50.62 -40.48 47.41
N ASP E 11 -50.94 -41.77 47.35
CA ASP E 11 -51.70 -42.33 46.25
C ASP E 11 -53.08 -41.68 46.16
N PRO E 12 -53.65 -41.60 44.95
CA PRO E 12 -55.07 -41.27 44.81
C PRO E 12 -55.99 -42.45 44.98
N THR E 13 -55.44 -43.67 45.07
CA THR E 13 -56.27 -44.86 45.11
C THR E 13 -56.96 -45.01 46.46
N LEU E 14 -56.23 -44.79 47.56
CA LEU E 14 -56.78 -45.05 48.87
C LEU E 14 -57.71 -43.93 49.31
N ASP E 15 -58.34 -44.13 50.47
CA ASP E 15 -59.24 -43.16 51.06
C ASP E 15 -58.46 -42.22 51.99
N GLU E 16 -58.99 -41.01 52.17
CA GLU E 16 -58.34 -40.05 53.05
C GLU E 16 -58.36 -40.50 54.51
N ARG E 17 -59.31 -41.37 54.88
CA ARG E 17 -59.37 -41.84 56.26
C ARG E 17 -58.14 -42.64 56.65
N THR E 18 -57.67 -43.51 55.75
CA THR E 18 -56.48 -44.32 56.00
C THR E 18 -55.20 -43.53 55.83
N VAL E 19 -55.26 -42.32 55.27
CA VAL E 19 -54.07 -41.52 55.01
C VAL E 19 -53.31 -41.23 56.30
N ALA E 20 -54.04 -40.87 57.37
CA ALA E 20 -53.38 -40.48 58.61
C ALA E 20 -52.83 -41.64 59.43
N PRO E 21 -53.58 -42.70 59.71
CA PRO E 21 -53.02 -43.77 60.56
C PRO E 21 -51.77 -44.37 59.96
N SER E 22 -51.72 -44.46 58.64
CA SER E 22 -50.49 -44.77 57.95
C SER E 22 -49.41 -43.72 58.17
N LEU E 23 -49.78 -42.52 58.64
CA LEU E 23 -48.82 -41.45 58.89
C LEU E 23 -48.22 -41.49 60.29
N GLU E 24 -49.06 -41.61 61.34
CA GLU E 24 -48.53 -41.88 62.68
C GLU E 24 -47.87 -43.26 62.80
N THR E 25 -48.28 -44.26 62.02
CA THR E 25 -47.59 -45.55 62.12
C THR E 25 -46.15 -45.50 61.59
N PHE E 26 -45.77 -44.43 60.90
CA PHE E 26 -44.39 -44.21 60.49
C PHE E 26 -43.71 -43.07 61.22
N LEU E 27 -44.48 -42.08 61.68
CA LEU E 27 -43.94 -41.03 62.54
C LEU E 27 -43.65 -41.53 63.94
N ASN E 28 -44.19 -42.70 64.32
CA ASN E 28 -43.91 -43.27 65.63
C ASN E 28 -42.42 -43.50 65.85
N VAL E 29 -41.73 -44.04 64.86
CA VAL E 29 -40.30 -44.30 65.03
C VAL E 29 -39.53 -42.99 65.13
N ILE E 30 -39.94 -41.98 64.35
CA ILE E 30 -39.28 -40.68 64.42
C ILE E 30 -39.44 -40.09 65.82
N ARG E 31 -40.65 -40.16 66.36
CA ARG E 31 -40.88 -39.62 67.70
C ARG E 31 -40.15 -40.43 68.76
N LYS E 32 -40.12 -41.76 68.61
CA LYS E 32 -39.48 -42.62 69.60
C LYS E 32 -37.96 -42.54 69.57
N ASP E 33 -37.37 -42.12 68.45
CA ASP E 33 -35.93 -42.02 68.34
C ASP E 33 -35.40 -40.61 68.55
N GLY E 34 -36.07 -39.60 68.03
CA GLY E 34 -35.60 -38.24 68.18
C GLY E 34 -36.36 -37.41 69.19
N GLY E 35 -37.44 -37.96 69.75
CA GLY E 35 -38.30 -37.15 70.60
C GLY E 35 -38.91 -35.98 69.85
N THR E 36 -39.42 -36.23 68.65
CA THR E 36 -39.74 -35.17 67.71
C THR E 36 -41.20 -34.78 67.83
N VAL E 37 -41.46 -33.50 68.07
CA VAL E 37 -42.81 -32.97 67.96
C VAL E 37 -43.18 -32.85 66.50
N ASP E 38 -44.34 -33.40 66.13
CA ASP E 38 -44.77 -33.47 64.74
C ASP E 38 -46.07 -32.72 64.57
N LYS E 39 -46.16 -31.93 63.50
CA LYS E 39 -47.37 -31.22 63.12
C LYS E 39 -47.82 -31.79 61.78
N VAL E 40 -48.79 -32.69 61.82
CA VAL E 40 -49.24 -33.42 60.63
C VAL E 40 -50.34 -32.61 59.98
N ASP E 41 -49.99 -31.89 58.91
CA ASP E 41 -50.94 -31.14 58.11
C ASP E 41 -51.18 -31.90 56.81
N ILE E 42 -52.40 -32.43 56.65
CA ILE E 42 -52.75 -33.25 55.50
C ILE E 42 -53.81 -32.53 54.69
N TRP E 43 -53.58 -32.41 53.40
CA TRP E 43 -54.57 -31.85 52.46
C TRP E 43 -54.43 -32.61 51.15
N GLY E 44 -55.32 -33.58 50.94
CA GLY E 44 -55.27 -34.45 49.80
C GLY E 44 -56.12 -33.97 48.63
N ARG E 45 -56.25 -34.85 47.64
CA ARG E 45 -57.07 -34.60 46.44
C ARG E 45 -56.61 -33.34 45.72
N ARG E 46 -55.37 -33.38 45.24
CA ARG E 46 -54.80 -32.30 44.46
C ARG E 46 -54.05 -32.87 43.27
N ARG E 47 -54.12 -32.16 42.15
CA ARG E 47 -53.53 -32.61 40.90
C ARG E 47 -52.01 -32.41 40.91
N LEU E 48 -51.32 -33.25 40.14
CA LEU E 48 -49.90 -33.03 39.87
C LEU E 48 -49.74 -32.27 38.56
N ALA E 49 -48.70 -31.45 38.50
CA ALA E 49 -48.45 -30.67 37.29
C ALA E 49 -48.16 -31.58 36.10
N TYR E 50 -47.44 -32.67 36.32
CA TYR E 50 -47.25 -33.70 35.31
C TYR E 50 -47.66 -35.04 35.92
N GLU E 51 -48.19 -35.91 35.07
CA GLU E 51 -48.58 -37.24 35.52
C GLU E 51 -47.35 -38.02 35.96
N ILE E 52 -47.46 -38.69 37.10
CA ILE E 52 -46.37 -39.48 37.66
C ILE E 52 -46.88 -40.89 37.91
N ALA E 53 -46.18 -41.88 37.37
CA ALA E 53 -46.56 -43.29 37.52
C ALA E 53 -48.00 -43.52 37.06
N LYS E 54 -48.31 -43.03 35.86
CA LYS E 54 -49.64 -43.15 35.26
C LYS E 54 -50.72 -42.51 36.12
N HIS E 55 -50.37 -41.44 36.82
CA HIS E 55 -51.33 -40.72 37.67
C HIS E 55 -50.91 -39.27 37.78
N ALA E 56 -51.90 -38.37 37.72
CA ALA E 56 -51.66 -36.94 37.80
C ALA E 56 -52.35 -36.28 38.99
N GLU E 57 -52.93 -37.05 39.90
CA GLU E 57 -53.54 -36.51 41.10
C GLU E 57 -53.16 -37.40 42.29
N GLY E 58 -53.23 -36.82 43.47
CA GLY E 58 -52.86 -37.52 44.67
C GLY E 58 -53.19 -36.75 45.92
N ILE E 59 -52.45 -37.04 46.98
CA ILE E 59 -52.70 -36.48 48.31
C ILE E 59 -51.44 -35.79 48.79
N TYR E 60 -51.57 -34.55 49.25
CA TYR E 60 -50.45 -33.73 49.65
C TYR E 60 -50.36 -33.69 51.17
N ALA E 61 -49.22 -34.06 51.72
CA ALA E 61 -49.02 -34.11 53.17
C ALA E 61 -47.82 -33.27 53.55
N VAL E 62 -48.00 -32.37 54.51
CA VAL E 62 -46.94 -31.55 55.07
C VAL E 62 -46.79 -31.94 56.53
N ILE E 63 -45.59 -32.34 56.93
CA ILE E 63 -45.32 -32.76 58.31
C ILE E 63 -44.10 -31.98 58.80
N ASP E 64 -44.29 -31.21 59.87
CA ASP E 64 -43.22 -30.38 60.43
C ASP E 64 -42.62 -31.15 61.60
N VAL E 65 -41.47 -31.78 61.37
CA VAL E 65 -40.80 -32.61 62.37
C VAL E 65 -39.56 -31.87 62.85
N LYS E 66 -39.22 -32.03 64.13
CA LYS E 66 -37.96 -31.53 64.66
C LYS E 66 -37.07 -32.74 64.94
N ALA E 67 -36.35 -33.17 63.91
CA ALA E 67 -35.65 -34.44 63.94
C ALA E 67 -34.22 -34.28 63.45
N GLU E 68 -33.35 -35.15 63.94
CA GLU E 68 -31.97 -35.16 63.48
C GLU E 68 -31.93 -35.62 62.03
N PRO E 69 -30.87 -35.24 61.30
CA PRO E 69 -30.78 -35.66 59.89
C PRO E 69 -30.85 -37.17 59.70
N ALA E 70 -30.32 -37.95 60.64
CA ALA E 70 -30.39 -39.40 60.52
C ALA E 70 -31.83 -39.88 60.51
N THR E 71 -32.67 -39.33 61.39
CA THR E 71 -34.06 -39.78 61.48
C THR E 71 -34.85 -39.46 60.22
N VAL E 72 -34.70 -38.25 59.69
CA VAL E 72 -35.41 -37.92 58.46
C VAL E 72 -34.85 -38.71 57.28
N SER E 73 -33.56 -39.07 57.35
CA SER E 73 -33.01 -39.96 56.33
C SER E 73 -33.66 -41.34 56.40
N GLU E 74 -33.86 -41.86 57.61
CA GLU E 74 -34.57 -43.13 57.75
C GLU E 74 -35.99 -43.00 57.21
N LEU E 75 -36.63 -41.86 57.48
CA LEU E 75 -37.97 -41.63 56.97
C LEU E 75 -38.00 -41.64 55.44
N ASP E 76 -37.05 -40.94 54.81
CA ASP E 76 -36.99 -40.93 53.35
C ASP E 76 -36.77 -42.33 52.81
N ARG E 77 -35.90 -43.12 53.46
CA ARG E 77 -35.76 -44.51 53.04
C ARG E 77 -37.08 -45.25 53.16
N GLN E 78 -37.86 -44.95 54.20
CA GLN E 78 -39.17 -45.54 54.34
C GLN E 78 -40.26 -44.81 53.56
N LEU E 79 -40.06 -43.52 53.26
CA LEU E 79 -41.02 -42.75 52.48
C LEU E 79 -40.94 -43.05 50.99
N ASN E 80 -40.25 -44.12 50.61
CA ASN E 80 -40.23 -44.56 49.22
C ASN E 80 -40.43 -46.06 49.06
N LEU E 81 -40.37 -46.85 50.15
CA LEU E 81 -40.67 -48.27 50.09
C LEU E 81 -42.16 -48.56 50.03
N ASN E 82 -43.01 -47.55 50.21
CA ASN E 82 -44.45 -47.76 50.23
C ASN E 82 -45.06 -47.48 48.87
N GLU E 83 -46.16 -48.17 48.59
CA GLU E 83 -46.88 -47.97 47.33
C GLU E 83 -47.68 -46.68 47.33
N SER E 84 -48.24 -46.31 48.48
CA SER E 84 -49.07 -45.10 48.56
C SER E 84 -48.24 -43.86 48.30
N VAL E 85 -47.06 -43.76 48.93
CA VAL E 85 -46.22 -42.58 48.75
C VAL E 85 -45.78 -42.47 47.28
N LEU E 86 -45.69 -41.24 46.81
CA LEU E 86 -45.33 -40.98 45.43
C LEU E 86 -44.03 -40.19 45.30
N ARG E 87 -43.89 -39.08 46.04
CA ARG E 87 -42.68 -38.28 46.02
C ARG E 87 -42.43 -37.76 47.43
N THR E 88 -41.18 -37.83 47.87
CA THR E 88 -40.78 -37.34 49.18
C THR E 88 -39.81 -36.18 49.03
N LYS E 89 -39.86 -35.25 49.99
CA LYS E 89 -39.00 -34.08 49.95
C LYS E 89 -38.72 -33.64 51.39
N VAL E 90 -37.50 -33.88 51.85
CA VAL E 90 -37.06 -33.45 53.17
C VAL E 90 -36.21 -32.20 53.01
N LEU E 91 -36.59 -31.13 53.70
CA LEU E 91 -35.95 -29.83 53.55
C LEU E 91 -35.29 -29.39 54.84
N ARG E 92 -34.09 -28.83 54.69
CA ARG E 92 -33.34 -28.23 55.80
C ARG E 92 -33.81 -26.79 55.97
N THR E 93 -34.44 -26.50 57.10
CA THR E 93 -34.94 -25.15 57.34
C THR E 93 -33.83 -24.12 57.49
N ASP E 94 -32.59 -24.58 57.65
CA ASP E 94 -31.45 -23.66 57.71
C ASP E 94 -31.24 -23.00 56.36
N LYS E 95 -30.23 -22.14 56.25
CA LYS E 95 -30.01 -21.36 55.04
C LYS E 95 -29.66 -22.24 53.84
N HIS E 96 -29.55 -23.54 54.05
CA HIS E 96 -29.35 -24.50 52.97
C HIS E 96 -30.62 -24.62 52.13
N MET F 1 -38.88 9.17 -15.06
CA MET F 1 -38.04 9.49 -13.91
C MET F 1 -38.38 8.62 -12.69
N PRO F 2 -37.96 7.35 -12.74
CA PRO F 2 -38.19 6.47 -11.59
C PRO F 2 -37.26 6.78 -10.43
N ARG F 3 -37.36 5.99 -9.35
CA ARG F 3 -36.48 6.11 -8.18
C ARG F 3 -36.67 7.46 -7.48
N LYS F 4 -37.55 8.30 -8.02
CA LYS F 4 -37.81 9.61 -7.43
C LYS F 4 -39.27 9.86 -7.09
N GLY F 5 -40.17 8.94 -7.44
CA GLY F 5 -41.58 9.12 -7.16
C GLY F 5 -42.43 8.83 -8.38
N PRO F 6 -43.71 9.16 -8.30
CA PRO F 6 -44.60 8.92 -9.45
C PRO F 6 -44.17 9.74 -10.66
N ALA F 7 -44.31 9.14 -11.83
CA ALA F 7 -43.89 9.81 -13.06
C ALA F 7 -45.04 10.59 -13.66
N PRO F 8 -44.87 11.88 -13.93
CA PRO F 8 -45.92 12.63 -14.64
C PRO F 8 -46.19 12.04 -16.02
N LYS F 9 -47.46 12.08 -16.41
CA LYS F 9 -47.93 11.47 -17.63
C LYS F 9 -48.51 12.54 -18.56
N ARG F 10 -48.44 12.28 -19.86
CA ARG F 10 -49.07 13.17 -20.82
C ARG F 10 -50.58 13.04 -20.73
N PRO F 11 -51.31 14.15 -20.59
CA PRO F 11 -52.77 14.07 -20.56
C PRO F 11 -53.34 13.63 -21.90
N LEU F 12 -54.54 13.06 -21.84
CA LEU F 12 -55.22 12.53 -23.01
C LEU F 12 -56.54 13.25 -23.21
N VAL F 13 -56.81 13.68 -24.44
CA VAL F 13 -58.07 14.30 -24.78
C VAL F 13 -59.04 13.23 -25.28
N ASN F 14 -60.33 13.56 -25.30
CA ASN F 14 -61.32 12.65 -25.82
C ASN F 14 -61.37 12.71 -27.34
N ASP F 15 -62.00 11.70 -27.94
CA ASP F 15 -62.10 11.63 -29.39
C ASP F 15 -62.99 12.75 -29.91
N PRO F 16 -62.63 13.37 -31.03
CA PRO F 16 -63.53 14.39 -31.60
C PRO F 16 -64.83 13.81 -32.12
N VAL F 17 -64.76 12.67 -32.82
CA VAL F 17 -65.96 12.05 -33.36
C VAL F 17 -66.82 11.47 -32.25
N TYR F 18 -66.19 10.78 -31.29
CA TYR F 18 -66.91 10.02 -30.27
C TYR F 18 -66.98 10.74 -28.93
N GLY F 19 -65.84 11.18 -28.40
CA GLY F 19 -65.83 11.84 -27.11
C GLY F 19 -65.70 10.90 -25.93
N SER F 20 -64.64 10.10 -25.92
CA SER F 20 -64.36 9.20 -24.81
C SER F 20 -62.85 8.99 -24.69
N GLN F 21 -62.36 9.01 -23.45
CA GLN F 21 -60.93 8.84 -23.22
C GLN F 21 -60.46 7.44 -23.61
N LEU F 22 -61.28 6.43 -23.33
CA LEU F 22 -60.92 5.06 -23.72
C LEU F 22 -60.80 4.94 -25.23
N VAL F 23 -61.68 5.61 -25.97
CA VAL F 23 -61.62 5.58 -27.43
C VAL F 23 -60.31 6.17 -27.92
N THR F 24 -59.89 7.31 -27.33
CA THR F 24 -58.67 7.96 -27.78
C THR F 24 -57.43 7.14 -27.39
N GLN F 25 -57.45 6.53 -26.21
CA GLN F 25 -56.34 5.65 -25.83
C GLN F 25 -56.25 4.45 -26.76
N LEU F 26 -57.41 3.88 -27.13
CA LEU F 26 -57.42 2.80 -28.10
C LEU F 26 -56.89 3.28 -29.45
N VAL F 27 -57.22 4.51 -29.84
CA VAL F 27 -56.71 5.07 -31.08
C VAL F 27 -55.18 5.14 -31.04
N ASN F 28 -54.64 5.69 -29.94
CA ASN F 28 -53.20 5.84 -29.80
C ASN F 28 -52.48 4.51 -29.67
N LYS F 29 -53.17 3.46 -29.22
CA LYS F 29 -52.53 2.15 -29.12
C LYS F 29 -52.61 1.36 -30.43
N VAL F 30 -53.74 1.44 -31.14
CA VAL F 30 -53.81 0.94 -32.51
C VAL F 30 -52.97 1.78 -33.46
N LEU F 31 -52.53 2.95 -33.00
CA LEU F 31 -51.75 3.87 -33.82
C LEU F 31 -50.41 3.22 -34.15
N LEU F 32 -50.28 2.73 -35.38
CA LEU F 32 -48.97 2.33 -35.86
C LEU F 32 -48.05 3.55 -35.83
N GLU F 33 -46.88 3.37 -35.22
CA GLU F 33 -46.03 4.49 -34.85
C GLU F 33 -45.55 5.21 -36.09
N GLY F 34 -46.11 6.40 -36.35
CA GLY F 34 -45.75 7.17 -37.52
C GLY F 34 -46.93 7.85 -38.21
N LYS F 35 -48.11 7.24 -38.12
CA LYS F 35 -49.32 7.79 -38.70
C LYS F 35 -50.44 7.77 -37.67
N LYS F 36 -51.19 8.88 -37.59
CA LYS F 36 -52.31 8.98 -36.67
C LYS F 36 -53.64 9.17 -37.39
N SER F 37 -53.70 10.05 -38.39
CA SER F 37 -54.95 10.29 -39.09
C SER F 37 -55.47 9.02 -39.75
N LEU F 38 -54.58 8.26 -40.38
CA LEU F 38 -55.00 6.99 -40.97
C LEU F 38 -55.34 5.97 -39.88
N ALA F 39 -54.56 5.96 -38.80
CA ALA F 39 -54.90 5.13 -37.65
C ALA F 39 -56.22 5.57 -37.03
N GLU F 40 -56.45 6.89 -36.95
CA GLU F 40 -57.73 7.39 -36.45
C GLU F 40 -58.88 6.92 -37.32
N ARG F 41 -58.70 6.98 -38.64
CA ARG F 41 -59.73 6.49 -39.55
C ARG F 41 -59.98 5.00 -39.36
N ILE F 42 -58.92 4.23 -39.15
CA ILE F 42 -59.06 2.79 -38.97
C ILE F 42 -59.83 2.48 -37.70
N VAL F 43 -59.44 3.12 -36.59
CA VAL F 43 -60.15 2.89 -35.34
C VAL F 43 -61.58 3.39 -35.42
N TYR F 44 -61.80 4.51 -36.12
CA TYR F 44 -63.15 4.98 -36.39
C TYR F 44 -63.95 3.87 -37.05
N GLY F 45 -63.58 3.51 -38.28
CA GLY F 45 -64.34 2.52 -39.02
C GLY F 45 -64.54 1.25 -38.24
N ALA F 46 -63.55 0.84 -37.44
CA ALA F 46 -63.72 -0.29 -36.55
C ALA F 46 -64.83 -0.04 -35.53
N LEU F 47 -64.89 1.17 -34.97
CA LEU F 47 -65.93 1.46 -33.97
C LEU F 47 -67.31 1.53 -34.60
N GLU F 48 -67.46 2.13 -35.79
CA GLU F 48 -68.76 2.06 -36.44
C GLU F 48 -69.13 0.62 -36.79
N GLN F 49 -68.16 -0.17 -37.27
CA GLN F 49 -68.44 -1.57 -37.59
C GLN F 49 -68.91 -2.34 -36.37
N ALA F 50 -68.29 -2.07 -35.22
CA ALA F 50 -68.80 -2.61 -33.97
C ALA F 50 -70.19 -2.07 -33.66
N ARG F 51 -70.47 -0.83 -34.05
CA ARG F 51 -71.77 -0.21 -33.75
C ARG F 51 -72.90 -0.96 -34.44
N GLU F 52 -72.80 -1.18 -35.76
CA GLU F 52 -73.94 -1.84 -36.41
C GLU F 52 -74.02 -3.32 -36.03
N LYS F 53 -72.87 -3.95 -35.76
CA LYS F 53 -72.86 -5.34 -35.34
C LYS F 53 -73.29 -5.51 -33.89
N THR F 54 -73.41 -4.42 -33.14
CA THR F 54 -73.95 -4.45 -31.79
C THR F 54 -75.23 -3.65 -31.63
N GLY F 55 -75.44 -2.62 -32.44
CA GLY F 55 -76.63 -1.80 -32.32
C GLY F 55 -76.60 -0.79 -31.19
N THR F 56 -75.46 -0.59 -30.55
CA THR F 56 -75.32 0.31 -29.42
C THR F 56 -74.25 1.37 -29.70
N ASP F 57 -74.03 2.22 -28.71
CA ASP F 57 -73.02 3.27 -28.82
C ASP F 57 -71.63 2.64 -28.79
N PRO F 58 -70.77 2.91 -29.77
CA PRO F 58 -69.43 2.30 -29.76
C PRO F 58 -68.61 2.63 -28.52
N VAL F 59 -68.81 3.79 -27.93
CA VAL F 59 -68.07 4.12 -26.71
C VAL F 59 -68.48 3.21 -25.57
N VAL F 60 -69.79 2.94 -25.44
CA VAL F 60 -70.27 2.06 -24.38
C VAL F 60 -69.82 0.62 -24.64
N THR F 61 -69.85 0.20 -25.91
CA THR F 61 -69.38 -1.14 -26.25
C THR F 61 -67.90 -1.28 -25.93
N LEU F 62 -67.10 -0.25 -26.22
CA LEU F 62 -65.68 -0.29 -25.88
C LEU F 62 -65.47 -0.30 -24.38
N LYS F 63 -66.31 0.43 -23.64
CA LYS F 63 -66.23 0.39 -22.19
C LYS F 63 -66.51 -1.01 -21.66
N ARG F 64 -67.54 -1.66 -22.20
CA ARG F 64 -67.87 -3.03 -21.80
C ARG F 64 -66.73 -3.98 -22.14
N ALA F 65 -66.14 -3.85 -23.32
CA ALA F 65 -65.01 -4.69 -23.70
C ALA F 65 -63.82 -4.46 -22.76
N LEU F 66 -63.52 -3.20 -22.46
CA LEU F 66 -62.40 -2.90 -21.57
C LEU F 66 -62.64 -3.46 -20.18
N ASP F 67 -63.87 -3.37 -19.68
CA ASP F 67 -64.20 -3.99 -18.40
C ASP F 67 -64.01 -5.50 -18.46
N ASN F 68 -64.41 -6.12 -19.57
CA ASN F 68 -64.21 -7.55 -19.76
C ASN F 68 -62.76 -7.92 -19.99
N VAL F 69 -61.88 -6.95 -20.20
CA VAL F 69 -60.46 -7.21 -20.37
C VAL F 69 -59.59 -6.59 -19.28
N LYS F 70 -60.11 -5.64 -18.51
CA LYS F 70 -59.29 -4.95 -17.52
C LYS F 70 -58.80 -5.92 -16.45
N PRO F 71 -57.50 -5.99 -16.19
CA PRO F 71 -57.00 -6.86 -15.12
C PRO F 71 -57.08 -6.19 -13.76
N ALA F 72 -56.89 -7.01 -12.73
CA ALA F 72 -56.92 -6.55 -11.35
C ALA F 72 -55.61 -6.79 -10.60
N LEU F 73 -54.89 -7.84 -10.93
CA LEU F 73 -53.60 -8.15 -10.30
C LEU F 73 -52.54 -8.27 -11.38
N GLU F 74 -51.39 -7.66 -11.16
CA GLU F 74 -50.27 -7.73 -12.09
C GLU F 74 -49.09 -8.45 -11.44
N VAL F 75 -48.31 -9.12 -12.27
CA VAL F 75 -47.13 -9.86 -11.82
C VAL F 75 -45.89 -9.22 -12.41
N ARG F 76 -44.94 -8.87 -11.54
CA ARG F 76 -43.72 -8.20 -11.93
C ARG F 76 -42.64 -9.24 -12.20
N SER F 77 -41.39 -8.80 -12.35
CA SER F 77 -40.29 -9.74 -12.56
C SER F 77 -39.19 -9.53 -11.53
N ARG F 78 -39.57 -9.44 -10.26
CA ARG F 78 -38.61 -9.34 -9.17
C ARG F 78 -37.91 -10.67 -8.94
N ARG F 79 -36.59 -10.61 -8.77
CA ARG F 79 -35.79 -11.78 -8.42
C ARG F 79 -35.55 -11.77 -6.92
N VAL F 80 -36.03 -12.81 -6.24
CA VAL F 80 -35.93 -12.92 -4.79
C VAL F 80 -35.15 -14.19 -4.47
N GLY F 81 -33.96 -14.01 -3.89
CA GLY F 81 -33.15 -15.14 -3.47
C GLY F 81 -32.74 -16.07 -4.59
N GLY F 82 -32.49 -15.53 -5.78
CA GLY F 82 -32.10 -16.36 -6.91
C GLY F 82 -33.18 -17.26 -7.44
N ALA F 83 -34.43 -17.09 -7.00
CA ALA F 83 -35.55 -17.89 -7.46
C ALA F 83 -36.68 -16.97 -7.90
N THR F 84 -37.33 -17.34 -9.00
CA THR F 84 -38.40 -16.52 -9.57
C THR F 84 -39.67 -16.72 -8.76
N TYR F 85 -39.87 -15.88 -7.76
CA TYR F 85 -41.08 -15.90 -6.93
C TYR F 85 -41.99 -14.77 -7.40
N GLN F 86 -43.17 -15.14 -7.90
CA GLN F 86 -44.09 -14.17 -8.47
C GLN F 86 -44.88 -13.49 -7.37
N VAL F 87 -44.83 -12.17 -7.32
CA VAL F 87 -45.49 -11.37 -6.29
C VAL F 87 -46.62 -10.58 -6.96
N PRO F 88 -47.87 -11.00 -6.84
CA PRO F 88 -48.96 -10.22 -7.41
C PRO F 88 -49.15 -8.89 -6.68
N VAL F 89 -49.47 -7.86 -7.46
CA VAL F 89 -49.63 -6.50 -6.94
C VAL F 89 -50.95 -5.96 -7.49
N GLU F 90 -51.71 -5.30 -6.63
CA GLU F 90 -52.95 -4.66 -7.07
C GLU F 90 -52.64 -3.60 -8.12
N VAL F 91 -53.43 -3.58 -9.19
CA VAL F 91 -53.20 -2.72 -10.33
C VAL F 91 -54.01 -1.44 -10.17
N ARG F 92 -53.36 -0.30 -10.35
CA ARG F 92 -54.06 0.97 -10.34
C ARG F 92 -54.98 1.05 -11.55
N PRO F 93 -56.05 1.85 -11.47
CA PRO F 93 -57.00 1.90 -12.60
C PRO F 93 -56.37 2.29 -13.92
N ASP F 94 -55.44 3.25 -13.91
CA ASP F 94 -54.81 3.66 -15.16
C ASP F 94 -53.95 2.54 -15.75
N ARG F 95 -53.18 1.85 -14.89
CA ARG F 95 -52.36 0.74 -15.38
C ARG F 95 -53.22 -0.40 -15.90
N SER F 96 -54.31 -0.71 -15.20
CA SER F 96 -55.20 -1.77 -15.66
C SER F 96 -55.87 -1.41 -16.98
N THR F 97 -56.30 -0.16 -17.13
CA THR F 97 -56.88 0.29 -18.38
C THR F 97 -55.86 0.20 -19.52
N THR F 98 -54.62 0.63 -19.27
CA THR F 98 -53.59 0.54 -20.28
C THR F 98 -53.31 -0.90 -20.67
N LEU F 99 -53.24 -1.80 -19.68
CA LEU F 99 -53.01 -3.20 -19.97
C LEU F 99 -54.13 -3.79 -20.81
N ALA F 100 -55.38 -3.48 -20.45
CA ALA F 100 -56.52 -3.99 -21.20
C ALA F 100 -56.49 -3.51 -22.64
N LEU F 101 -56.24 -2.21 -22.84
CA LEU F 101 -56.24 -1.67 -24.19
C LEU F 101 -55.05 -2.18 -25.00
N ARG F 102 -53.90 -2.35 -24.36
CA ARG F 102 -52.74 -2.92 -25.05
C ARG F 102 -53.01 -4.34 -25.50
N TRP F 103 -53.63 -5.15 -24.63
CA TRP F 103 -54.02 -6.50 -25.03
C TRP F 103 -55.03 -6.46 -26.17
N LEU F 104 -56.00 -5.56 -26.08
CA LEU F 104 -57.01 -5.44 -27.14
C LEU F 104 -56.36 -5.14 -28.48
N VAL F 105 -55.41 -4.20 -28.51
CA VAL F 105 -54.76 -3.84 -29.76
C VAL F 105 -53.88 -4.97 -30.26
N ASN F 106 -53.13 -5.61 -29.36
CA ASN F 106 -52.22 -6.67 -29.75
C ASN F 106 -52.97 -7.85 -30.36
N PHE F 107 -54.13 -8.21 -29.78
CA PHE F 107 -54.92 -9.28 -30.35
C PHE F 107 -55.81 -8.81 -31.50
N SER F 108 -56.00 -7.50 -31.65
CA SER F 108 -56.68 -6.97 -32.82
C SER F 108 -55.81 -7.11 -34.06
N ARG F 109 -54.55 -6.72 -33.96
CA ARG F 109 -53.64 -6.85 -35.10
C ARG F 109 -53.35 -8.32 -35.42
N GLN F 110 -53.65 -9.24 -34.50
CA GLN F 110 -53.44 -10.66 -34.75
C GLN F 110 -54.50 -11.23 -35.68
N ARG F 111 -55.71 -10.66 -35.68
CA ARG F 111 -56.81 -11.25 -36.41
C ARG F 111 -56.56 -11.16 -37.92
N ARG F 112 -57.29 -11.99 -38.67
CA ARG F 112 -57.01 -12.25 -40.08
C ARG F 112 -58.12 -11.75 -41.00
N GLU F 113 -58.72 -10.61 -40.67
CA GLU F 113 -59.74 -10.06 -41.55
C GLU F 113 -59.08 -9.31 -42.71
N LYS F 114 -59.91 -8.79 -43.62
CA LYS F 114 -59.38 -8.09 -44.78
C LYS F 114 -58.59 -6.85 -44.37
N THR F 115 -59.13 -6.07 -43.44
CA THR F 115 -58.47 -4.86 -42.98
C THR F 115 -58.39 -4.87 -41.46
N MET F 116 -57.40 -4.16 -40.92
CA MET F 116 -57.35 -4.01 -39.46
C MET F 116 -58.47 -3.13 -38.95
N VAL F 117 -59.19 -2.45 -39.85
CA VAL F 117 -60.48 -1.88 -39.48
C VAL F 117 -61.43 -3.00 -39.06
N GLU F 118 -61.58 -4.00 -39.93
CA GLU F 118 -62.40 -5.16 -39.61
C GLU F 118 -61.81 -5.95 -38.45
N ARG F 119 -60.48 -6.09 -38.42
CA ARG F 119 -59.84 -6.85 -37.35
C ARG F 119 -60.09 -6.19 -35.99
N LEU F 120 -59.99 -4.85 -35.94
CA LEU F 120 -60.22 -4.15 -34.69
C LEU F 120 -61.69 -4.17 -34.30
N ALA F 121 -62.59 -4.08 -35.28
CA ALA F 121 -64.02 -4.21 -34.98
C ALA F 121 -64.32 -5.57 -34.40
N ASN F 122 -63.78 -6.64 -35.00
CA ASN F 122 -64.01 -7.98 -34.51
C ASN F 122 -63.39 -8.18 -33.14
N GLU F 123 -62.22 -7.59 -32.90
CA GLU F 123 -61.61 -7.66 -31.57
C GLU F 123 -62.48 -6.95 -30.53
N ILE F 124 -63.04 -5.80 -30.90
CA ILE F 124 -63.94 -5.09 -29.98
C ILE F 124 -65.15 -5.95 -29.65
N LEU F 125 -65.74 -6.57 -30.67
CA LEU F 125 -66.90 -7.43 -30.44
C LEU F 125 -66.53 -8.62 -29.55
N ASP F 126 -65.40 -9.27 -29.85
CA ASP F 126 -65.01 -10.48 -29.12
C ASP F 126 -64.54 -10.16 -27.71
N ALA F 127 -64.17 -8.91 -27.43
CA ALA F 127 -63.89 -8.51 -26.06
C ALA F 127 -65.15 -8.06 -25.32
N SER F 128 -66.11 -7.48 -26.04
CA SER F 128 -67.35 -7.06 -25.41
C SER F 128 -68.19 -8.26 -25.00
N ASN F 129 -68.38 -9.23 -25.90
CA ASN F 129 -69.19 -10.39 -25.58
C ASN F 129 -68.49 -11.29 -24.58
N GLY F 130 -67.18 -11.46 -24.72
CA GLY F 130 -66.43 -12.31 -23.81
C GLY F 130 -65.97 -13.60 -24.44
N LEU F 131 -65.64 -13.57 -25.72
CA LEU F 131 -65.21 -14.76 -26.45
C LEU F 131 -63.94 -14.53 -27.27
N GLY F 132 -63.18 -13.49 -26.96
CA GLY F 132 -61.98 -13.18 -27.72
C GLY F 132 -60.70 -13.55 -27.00
N ALA F 133 -59.58 -13.24 -27.66
CA ALA F 133 -58.27 -13.49 -27.07
C ALA F 133 -58.03 -12.63 -25.84
N SER F 134 -58.49 -11.38 -25.87
CA SER F 134 -58.29 -10.50 -24.74
C SER F 134 -59.02 -11.02 -23.49
N VAL F 135 -60.25 -11.52 -23.66
CA VAL F 135 -61.01 -12.03 -22.53
C VAL F 135 -60.35 -13.27 -21.94
N LYS F 136 -59.90 -14.19 -22.80
CA LYS F 136 -59.27 -15.40 -22.29
C LYS F 136 -57.93 -15.09 -21.64
N ARG F 137 -57.20 -14.08 -22.14
CA ARG F 137 -55.98 -13.66 -21.46
C ARG F 137 -56.28 -13.00 -20.11
N ARG F 138 -57.37 -12.24 -20.02
CA ARG F 138 -57.80 -11.70 -18.74
C ARG F 138 -58.11 -12.82 -17.75
N GLU F 139 -58.76 -13.88 -18.23
CA GLU F 139 -59.02 -15.03 -17.36
C GLU F 139 -57.73 -15.71 -16.94
N ASP F 140 -56.79 -15.90 -17.89
CA ASP F 140 -55.57 -16.63 -17.61
C ASP F 140 -54.67 -15.88 -16.63
N THR F 141 -54.57 -14.55 -16.78
CA THR F 141 -53.72 -13.78 -15.86
C THR F 141 -54.26 -13.82 -14.44
N HIS F 142 -55.58 -13.72 -14.27
CA HIS F 142 -56.16 -13.85 -12.94
C HIS F 142 -55.98 -15.25 -12.38
N LYS F 143 -56.13 -16.28 -13.23
CA LYS F 143 -55.88 -17.65 -12.78
C LYS F 143 -54.46 -17.83 -12.28
N MET F 144 -53.48 -17.28 -13.02
CA MET F 144 -52.08 -17.44 -12.63
C MET F 144 -51.73 -16.58 -11.42
N ALA F 145 -52.36 -15.41 -11.27
CA ALA F 145 -52.13 -14.61 -10.08
C ALA F 145 -52.80 -15.19 -8.84
N GLU F 146 -53.84 -16.01 -9.02
CA GLU F 146 -54.43 -16.70 -7.88
C GLU F 146 -53.74 -18.02 -7.57
N ALA F 147 -53.08 -18.63 -8.57
CA ALA F 147 -52.40 -19.90 -8.33
C ALA F 147 -51.12 -19.75 -7.52
N ASN F 148 -50.61 -18.53 -7.36
CA ASN F 148 -49.38 -18.26 -6.63
C ASN F 148 -49.59 -17.35 -5.44
N ARG F 149 -50.66 -17.60 -4.68
CA ARG F 149 -50.96 -16.77 -3.52
C ARG F 149 -49.96 -16.96 -2.38
N ALA F 150 -49.24 -18.08 -2.37
CA ALA F 150 -48.25 -18.32 -1.31
C ALA F 150 -47.16 -17.25 -1.31
N PHE F 151 -46.90 -16.64 -2.46
CA PHE F 151 -45.92 -15.56 -2.57
C PHE F 151 -46.58 -14.19 -2.61
N ALA F 152 -47.88 -14.10 -2.34
CA ALA F 152 -48.61 -12.84 -2.46
C ALA F 152 -48.47 -11.93 -1.24
N HIS F 153 -47.98 -12.45 -0.12
CA HIS F 153 -47.88 -11.66 1.11
C HIS F 153 -46.56 -10.90 1.22
N TYR F 154 -45.72 -10.93 0.19
CA TYR F 154 -44.47 -10.19 0.22
C TYR F 154 -44.71 -8.69 0.22
N ARG F 155 -45.77 -8.22 -0.43
CA ARG F 155 -46.20 -6.82 -0.39
C ARG F 155 -45.12 -5.89 -0.93
N TRP F 156 -44.83 -6.03 -2.21
CA TRP F 156 -43.88 -5.13 -2.88
C TRP F 156 -44.57 -4.38 -4.02
N MET G 1 3.19 -3.82 54.61
CA MET G 1 3.73 -2.58 55.16
C MET G 1 5.17 -2.75 55.60
N THR G 2 6.05 -1.97 55.01
CA THR G 2 7.47 -2.02 55.34
C THR G 2 8.08 -0.67 55.68
N ASP G 3 7.68 0.39 54.98
CA ASP G 3 8.38 1.68 55.08
C ASP G 3 7.44 2.81 55.44
N PRO G 4 7.55 3.40 56.63
CA PRO G 4 6.67 4.52 56.97
C PRO G 4 7.13 5.86 56.43
N ILE G 5 8.44 6.14 56.44
CA ILE G 5 8.90 7.46 56.05
C ILE G 5 8.77 7.66 54.54
N ALA G 6 8.98 6.59 53.77
CA ALA G 6 8.74 6.69 52.33
C ALA G 6 7.28 7.01 52.04
N ASP G 7 6.36 6.44 52.82
CA ASP G 7 4.94 6.76 52.65
C ASP G 7 4.65 8.20 53.10
N PHE G 8 5.32 8.66 54.16
CA PHE G 8 5.31 10.07 54.53
C PHE G 8 5.62 10.97 53.33
N LEU G 9 6.77 10.72 52.71
CA LEU G 9 7.20 11.58 51.61
C LEU G 9 6.30 11.43 50.40
N THR G 10 5.83 10.22 50.13
CA THR G 10 4.92 9.98 49.01
C THR G 10 3.62 10.74 49.20
N ARG G 11 3.08 10.74 50.42
CA ARG G 11 1.87 11.50 50.70
C ARG G 11 2.11 13.00 50.55
N LEU G 12 3.26 13.49 51.03
CA LEU G 12 3.57 14.89 50.81
C LEU G 12 3.60 15.22 49.32
N ARG G 13 4.27 14.37 48.54
CA ARG G 13 4.40 14.61 47.10
C ARG G 13 3.03 14.64 46.43
N ASN G 14 2.20 13.64 46.69
CA ASN G 14 0.89 13.59 46.06
C ASN G 14 0.01 14.76 46.51
N ALA G 15 -0.03 15.03 47.82
CA ALA G 15 -0.92 16.06 48.33
C ALA G 15 -0.53 17.43 47.81
N ASN G 16 0.76 17.73 47.78
CA ASN G 16 1.20 19.01 47.22
C ASN G 16 0.95 19.05 45.72
N SER G 17 1.27 17.95 45.01
CA SER G 17 1.12 17.93 43.56
C SER G 17 -0.35 18.01 43.16
N ALA G 18 -1.23 17.34 43.90
CA ALA G 18 -2.66 17.35 43.61
C ALA G 18 -3.34 18.57 44.22
N TYR G 19 -2.59 19.63 44.49
CA TYR G 19 -3.09 20.97 44.79
C TYR G 19 -3.78 21.07 46.14
N HIS G 20 -3.77 20.00 46.93
CA HIS G 20 -4.29 20.09 48.29
C HIS G 20 -3.44 21.06 49.11
N ASP G 21 -4.09 21.81 49.98
CA ASP G 21 -3.41 22.78 50.82
C ASP G 21 -3.12 22.24 52.22
N GLU G 22 -3.32 20.95 52.46
CA GLU G 22 -3.05 20.36 53.77
C GLU G 22 -2.89 18.87 53.62
N VAL G 23 -2.24 18.26 54.61
CA VAL G 23 -2.08 16.81 54.66
C VAL G 23 -2.06 16.36 56.12
N THR G 24 -2.62 15.19 56.38
CA THR G 24 -2.73 14.65 57.72
C THR G 24 -1.91 13.36 57.82
N LEU G 25 -1.36 13.10 59.01
CA LEU G 25 -0.35 12.07 59.16
C LEU G 25 -0.34 11.52 60.59
N PRO G 26 -0.07 10.23 60.79
CA PRO G 26 0.25 9.77 62.14
C PRO G 26 1.52 10.44 62.63
N HIS G 27 1.63 10.62 63.94
CA HIS G 27 2.75 11.39 64.48
C HIS G 27 3.75 10.44 65.14
N SER G 28 4.65 9.88 64.32
CA SER G 28 5.87 9.28 64.82
C SER G 28 6.94 10.35 64.80
N LYS G 29 7.81 10.34 65.81
CA LYS G 29 8.72 11.47 66.01
C LYS G 29 9.56 11.75 64.77
N LEU G 30 9.88 10.71 64.00
CA LEU G 30 10.70 10.89 62.80
C LEU G 30 10.06 11.89 61.84
N LYS G 31 8.89 11.55 61.31
CA LYS G 31 8.19 12.45 60.40
C LYS G 31 7.85 13.78 61.07
N ALA G 32 7.62 13.76 62.39
CA ALA G 32 7.40 15.01 63.11
C ALA G 32 8.56 15.96 62.91
N ASN G 33 9.78 15.48 63.16
CA ASN G 33 10.95 16.34 62.99
C ASN G 33 11.21 16.65 61.53
N ILE G 34 10.88 15.72 60.62
CA ILE G 34 11.06 16.01 59.19
C ILE G 34 10.21 17.21 58.80
N ALA G 35 8.93 17.19 59.13
CA ALA G 35 8.08 18.34 58.81
C ALA G 35 8.47 19.57 59.63
N GLU G 36 8.99 19.36 60.83
CA GLU G 36 9.46 20.46 61.66
C GLU G 36 10.57 21.23 60.95
N ILE G 37 11.60 20.52 60.50
CA ILE G 37 12.67 21.17 59.76
C ILE G 37 12.16 21.70 58.43
N LEU G 38 11.18 21.01 57.83
CA LEU G 38 10.61 21.49 56.59
C LEU G 38 10.05 22.89 56.74
N LYS G 39 9.27 23.12 57.80
CA LYS G 39 8.76 24.48 58.01
C LYS G 39 9.87 25.39 58.50
N ARG G 40 10.86 24.83 59.21
CA ARG G 40 12.00 25.61 59.65
C ARG G 40 12.66 26.33 58.47
N GLU G 41 12.87 25.62 57.38
CA GLU G 41 13.44 26.25 56.19
C GLU G 41 12.38 26.81 55.25
N GLY G 42 11.12 26.48 55.45
CA GLY G 42 10.04 27.16 54.75
C GLY G 42 9.62 26.60 53.42
N TYR G 43 9.73 25.28 53.20
CA TYR G 43 9.10 24.70 52.03
C TYR G 43 7.63 24.35 52.27
N ILE G 44 7.16 24.47 53.51
CA ILE G 44 5.76 24.25 53.87
C ILE G 44 5.30 25.40 54.75
N SER G 45 3.98 25.49 54.95
CA SER G 45 3.44 26.60 55.72
C SER G 45 3.60 26.38 57.22
N ASP G 46 2.92 25.37 57.78
CA ASP G 46 2.98 25.20 59.23
C ASP G 46 2.44 23.84 59.63
N TYR G 47 3.08 23.22 60.62
CA TYR G 47 2.69 21.92 61.10
C TYR G 47 2.18 22.01 62.54
N ARG G 48 1.15 21.23 62.84
CA ARG G 48 0.55 21.24 64.16
C ARG G 48 0.14 19.82 64.51
N THR G 49 0.46 19.39 65.73
CA THR G 49 0.18 18.03 66.16
C THR G 49 -0.90 18.02 67.23
N GLU G 50 -1.86 17.13 67.08
CA GLU G 50 -2.97 16.99 68.03
C GLU G 50 -3.23 15.50 68.22
N ASP G 51 -4.37 15.18 68.83
CA ASP G 51 -4.66 13.82 69.26
C ASP G 51 -5.59 13.11 68.28
N ALA G 52 -5.35 11.82 68.10
CA ALA G 52 -6.00 11.02 67.07
C ALA G 52 -6.08 9.58 67.55
N ARG G 53 -6.23 8.65 66.61
CA ARG G 53 -6.07 7.22 66.85
C ARG G 53 -4.81 6.99 67.68
N VAL G 54 -4.73 5.88 68.41
CA VAL G 54 -4.11 5.79 69.74
C VAL G 54 -2.91 6.72 69.87
N GLY G 55 -2.07 6.81 68.85
CA GLY G 55 -1.02 7.79 68.85
C GLY G 55 -1.58 9.20 68.71
N LYS G 56 -0.78 10.06 68.13
CA LYS G 56 -1.21 11.41 67.82
C LYS G 56 -1.12 11.61 66.31
N SER G 57 -1.45 12.82 65.84
CA SER G 57 -1.40 13.07 64.42
C SER G 57 -0.85 14.46 64.15
N LEU G 58 -0.01 14.55 63.13
CA LEU G 58 0.55 15.81 62.67
C LEU G 58 -0.15 16.22 61.38
N VAL G 59 -0.58 17.47 61.34
CA VAL G 59 -1.25 18.06 60.19
C VAL G 59 -0.36 19.16 59.66
N VAL G 60 -0.08 19.12 58.36
CA VAL G 60 0.90 19.97 57.71
C VAL G 60 0.19 20.83 56.68
N GLN G 61 0.45 22.14 56.75
CA GLN G 61 -0.04 23.12 55.81
C GLN G 61 1.10 23.47 54.87
N LEU G 62 0.85 23.33 53.56
CA LEU G 62 1.84 23.59 52.53
C LEU G 62 1.81 25.06 52.14
N LYS G 63 3.00 25.66 52.05
CA LYS G 63 3.13 27.09 51.81
C LYS G 63 2.90 27.37 50.33
N TYR G 64 1.85 28.13 50.02
CA TYR G 64 1.54 28.54 48.66
C TYR G 64 1.54 30.07 48.59
N GLY G 65 2.27 30.61 47.62
CA GLY G 65 2.44 32.04 47.52
C GLY G 65 1.27 32.73 46.87
N PRO G 66 1.55 33.66 45.95
CA PRO G 66 0.47 34.43 45.31
C PRO G 66 -0.49 33.58 44.51
N SER G 67 -0.07 32.40 44.05
CA SER G 67 -0.92 31.50 43.30
C SER G 67 -0.82 30.12 43.90
N ARG G 68 -1.51 29.15 43.30
CA ARG G 68 -1.39 27.76 43.73
C ARG G 68 -0.07 27.21 43.21
N GLU G 69 1.00 27.63 43.87
CA GLU G 69 2.35 27.16 43.62
C GLU G 69 2.97 26.74 44.95
N ARG G 70 3.66 25.61 44.94
CA ARG G 70 4.20 25.02 46.15
C ARG G 70 5.67 25.38 46.29
N SER G 71 6.07 25.80 47.49
CA SER G 71 7.48 26.02 47.77
C SER G 71 8.26 24.72 47.64
N ILE G 72 7.62 23.59 47.91
CA ILE G 72 8.24 22.29 47.71
C ILE G 72 8.45 22.05 46.21
N ALA G 73 9.66 21.62 45.85
CA ALA G 73 9.95 21.23 44.49
C ALA G 73 9.85 19.72 44.27
N GLY G 74 9.95 18.94 45.32
CA GLY G 74 9.90 17.49 45.21
C GLY G 74 10.50 16.84 46.44
N LEU G 75 10.19 15.56 46.61
CA LEU G 75 10.62 14.79 47.77
C LEU G 75 11.04 13.40 47.35
N ARG G 76 12.12 12.90 47.95
CA ARG G 76 12.58 11.55 47.63
C ARG G 76 13.45 11.03 48.76
N ARG G 77 12.96 10.02 49.48
CA ARG G 77 13.78 9.30 50.43
C ARG G 77 14.93 8.62 49.72
N VAL G 78 16.13 8.74 50.28
CA VAL G 78 17.33 8.16 49.69
C VAL G 78 17.84 6.98 50.51
N SER G 79 17.90 7.14 51.83
CA SER G 79 18.46 6.09 52.69
C SER G 79 17.41 5.04 53.03
N LYS G 80 16.77 4.52 52.00
CA LYS G 80 15.62 3.66 52.14
C LYS G 80 16.03 2.29 52.70
N PRO G 81 15.06 1.55 53.26
CA PRO G 81 15.36 0.17 53.67
C PRO G 81 15.86 -0.64 52.50
N GLY G 82 16.82 -1.52 52.78
CA GLY G 82 17.54 -2.24 51.75
C GLY G 82 18.62 -1.45 51.06
N LEU G 83 18.58 -0.12 51.14
CA LEU G 83 19.62 0.74 50.58
C LEU G 83 19.91 1.91 51.50
N ARG G 84 20.03 1.63 52.80
CA ARG G 84 20.27 2.69 53.76
C ARG G 84 21.62 3.36 53.47
N VAL G 85 21.67 4.67 53.64
CA VAL G 85 22.75 5.50 53.12
C VAL G 85 23.42 6.24 54.26
N TYR G 86 24.76 6.22 54.28
CA TYR G 86 25.58 6.89 55.26
C TYR G 86 26.52 7.87 54.55
N ALA G 87 26.79 9.00 55.20
CA ALA G 87 27.68 10.01 54.63
C ALA G 87 28.55 10.59 55.74
N LYS G 88 29.65 11.22 55.33
CA LYS G 88 30.67 11.73 56.23
C LYS G 88 30.69 13.26 56.19
N SER G 89 31.66 13.83 56.93
CA SER G 89 31.69 15.28 57.11
C SER G 89 32.15 16.00 55.86
N THR G 90 33.08 15.40 55.11
CA THR G 90 33.68 16.10 53.97
C THR G 90 32.75 16.09 52.78
N ASN G 91 32.40 14.90 52.28
CA ASN G 91 31.57 14.77 51.08
C ASN G 91 30.09 14.86 51.47
N LEU G 92 29.73 16.01 52.04
CA LEU G 92 28.34 16.28 52.34
C LEU G 92 27.68 16.81 51.08
N PRO G 93 26.75 16.07 50.46
CA PRO G 93 26.23 16.47 49.15
C PRO G 93 25.51 17.82 49.24
N ARG G 94 25.65 18.61 48.18
CA ARG G 94 24.97 19.88 48.09
C ARG G 94 23.71 19.72 47.24
N VAL G 95 22.56 20.03 47.82
CA VAL G 95 21.27 19.72 47.22
C VAL G 95 20.99 20.69 46.09
N LEU G 96 20.65 20.17 44.91
CA LEU G 96 20.47 20.98 43.71
C LEU G 96 21.73 21.82 43.46
N GLY G 97 22.87 21.17 43.54
CA GLY G 97 24.14 21.89 43.43
C GLY G 97 24.41 22.78 44.62
N GLY G 98 23.67 22.59 45.71
CA GLY G 98 23.72 23.48 46.84
C GLY G 98 22.51 24.37 47.01
N LEU G 99 21.66 24.46 45.98
CA LEU G 99 20.48 25.31 46.08
C LEU G 99 19.54 24.82 47.18
N GLY G 100 19.24 23.52 47.20
CA GLY G 100 18.25 22.99 48.10
C GLY G 100 18.79 22.69 49.47
N VAL G 101 18.03 21.88 50.20
CA VAL G 101 18.39 21.46 51.55
C VAL G 101 18.15 19.96 51.66
N ALA G 102 18.76 19.35 52.66
CA ALA G 102 18.67 17.91 52.86
C ALA G 102 18.39 17.59 54.32
N ILE G 103 18.27 16.30 54.61
CA ILE G 103 18.17 15.80 55.97
C ILE G 103 19.29 14.81 56.21
N ILE G 104 20.07 15.04 57.26
CA ILE G 104 21.19 14.18 57.63
C ILE G 104 21.06 13.92 59.13
N SER G 105 20.71 12.69 59.51
CA SER G 105 20.50 12.36 60.91
C SER G 105 21.85 12.10 61.55
N THR G 106 22.46 13.18 62.06
CA THR G 106 23.79 13.10 62.62
C THR G 106 23.77 12.38 63.97
N SER G 107 24.94 11.89 64.37
CA SER G 107 25.07 11.37 65.72
C SER G 107 24.65 12.40 66.75
N SER G 108 24.87 13.68 66.45
CA SER G 108 24.40 14.79 67.27
C SER G 108 22.96 15.16 67.00
N GLY G 109 22.19 14.29 66.34
CA GLY G 109 20.80 14.58 66.10
C GLY G 109 20.42 14.65 64.63
N LEU G 110 19.85 15.76 64.21
CA LEU G 110 19.38 15.94 62.84
C LEU G 110 19.95 17.25 62.28
N LEU G 111 20.57 17.17 61.11
CA LEU G 111 21.16 18.36 60.51
C LEU G 111 21.05 18.27 58.99
N THR G 112 21.23 19.41 58.35
CA THR G 112 21.21 19.50 56.90
C THR G 112 22.64 19.51 56.38
N ASP G 113 22.80 19.75 55.08
CA ASP G 113 24.13 19.81 54.49
C ASP G 113 24.95 20.95 55.07
N ARG G 114 24.39 22.17 55.05
CA ARG G 114 25.15 23.33 55.47
C ARG G 114 25.48 23.28 56.95
N GLN G 115 24.52 22.86 57.78
CA GLN G 115 24.76 22.80 59.21
C GLN G 115 25.87 21.80 59.54
N ALA G 116 25.78 20.59 58.97
CA ALA G 116 26.80 19.59 59.22
C ALA G 116 28.16 20.03 58.68
N ALA G 117 28.17 20.72 57.54
CA ALA G 117 29.43 21.26 57.01
C ALA G 117 30.04 22.26 57.98
N ARG G 118 29.20 23.14 58.55
CA ARG G 118 29.70 24.09 59.53
C ARG G 118 30.21 23.37 60.77
N GLN G 119 29.62 22.22 61.10
CA GLN G 119 30.03 21.46 62.27
C GLN G 119 31.03 20.38 61.92
N GLY G 120 30.64 19.42 61.08
CA GLY G 120 31.55 18.36 60.68
C GLY G 120 31.39 17.01 61.35
N VAL G 121 30.18 16.46 61.36
CA VAL G 121 29.99 15.05 61.68
C VAL G 121 28.98 14.49 60.67
N GLY G 122 29.05 13.18 60.46
CA GLY G 122 28.13 12.55 59.54
C GLY G 122 27.63 11.21 60.01
N GLY G 123 27.07 10.42 59.10
CA GLY G 123 26.64 9.08 59.45
C GLY G 123 25.35 8.60 58.83
N GLU G 124 24.41 9.50 58.55
CA GLU G 124 23.15 9.08 57.95
C GLU G 124 22.46 10.29 57.34
N VAL G 125 22.33 10.30 56.02
CA VAL G 125 21.58 11.31 55.33
C VAL G 125 20.20 10.75 55.03
N LEU G 126 19.28 11.63 54.67
CA LEU G 126 17.93 11.25 54.30
C LEU G 126 17.52 12.09 53.11
N ALA G 127 16.21 12.12 52.86
CA ALA G 127 15.68 12.83 51.71
C ALA G 127 16.15 14.27 51.68
N TYR G 128 16.09 14.87 50.50
CA TYR G 128 16.40 16.27 50.32
C TYR G 128 15.31 16.93 49.48
N VAL G 129 15.03 18.18 49.80
CA VAL G 129 13.99 18.95 49.13
C VAL G 129 14.59 20.30 48.74
N TRP G 130 14.20 20.77 47.56
CA TRP G 130 14.80 21.96 46.97
C TRP G 130 13.74 22.89 46.41
N PRO H 1 -59.01 45.12 -39.53
CA PRO H 1 -59.50 44.28 -38.43
C PRO H 1 -58.39 43.93 -37.44
N ILE H 2 -58.53 42.81 -36.73
CA ILE H 2 -57.53 42.33 -35.79
C ILE H 2 -56.89 41.06 -36.34
N GLN H 3 -55.57 41.02 -36.35
CA GLN H 3 -54.84 39.85 -36.84
C GLN H 3 -54.13 39.16 -35.69
N THR H 4 -54.08 37.83 -35.77
CA THR H 4 -53.47 36.99 -34.76
C THR H 4 -52.35 36.17 -35.40
N VAL H 5 -51.24 36.05 -34.71
CA VAL H 5 -50.10 35.25 -35.16
C VAL H 5 -50.08 33.97 -34.33
N GLY H 6 -50.32 32.83 -34.99
CA GLY H 6 -50.20 31.55 -34.34
C GLY H 6 -48.92 30.86 -34.76
N ARG H 7 -48.01 30.61 -33.82
CA ARG H 7 -46.72 30.00 -34.10
C ARG H 7 -46.73 28.56 -33.63
N ARG H 8 -46.34 27.65 -34.52
CA ARG H 8 -46.22 26.23 -34.25
C ARG H 8 -44.75 25.85 -34.49
N LYS H 9 -44.48 24.54 -34.53
CA LYS H 9 -43.13 24.02 -34.75
C LYS H 9 -42.40 24.83 -35.81
N GLU H 10 -42.92 24.82 -37.03
CA GLU H 10 -42.53 25.79 -38.04
C GLU H 10 -43.73 26.29 -38.83
N ALA H 11 -44.95 26.13 -38.31
CA ALA H 11 -46.16 26.60 -38.96
C ALA H 11 -46.61 27.88 -38.28
N VAL H 12 -46.53 28.98 -39.01
CA VAL H 12 -46.98 30.28 -38.50
C VAL H 12 -48.12 30.76 -39.38
N VAL H 13 -49.22 31.15 -38.74
CA VAL H 13 -50.42 31.57 -39.44
C VAL H 13 -50.80 32.98 -38.99
N ARG H 14 -51.11 33.84 -39.95
CA ARG H 14 -51.62 35.18 -39.70
C ARG H 14 -53.10 35.15 -40.04
N VAL H 15 -53.94 35.49 -39.07
CA VAL H 15 -55.38 35.34 -39.20
C VAL H 15 -56.05 36.69 -38.98
N ARG H 16 -56.84 37.13 -39.96
CA ARG H 16 -57.76 38.24 -39.78
C ARG H 16 -59.02 37.75 -39.09
N LEU H 17 -59.58 38.60 -38.23
CA LEU H 17 -60.73 38.19 -37.44
C LEU H 17 -61.86 39.18 -37.66
N VAL H 18 -63.10 38.69 -37.61
CA VAL H 18 -64.26 39.55 -37.78
C VAL H 18 -65.52 38.86 -37.26
N PRO H 19 -66.35 39.52 -36.46
CA PRO H 19 -67.61 38.92 -36.03
C PRO H 19 -68.51 38.66 -37.23
N GLY H 20 -69.18 37.51 -37.22
CA GLY H 20 -70.08 37.16 -38.31
C GLY H 20 -70.39 35.68 -38.27
N THR H 21 -71.23 35.25 -39.22
CA THR H 21 -71.57 33.85 -39.32
C THR H 21 -70.32 33.02 -39.61
N GLY H 22 -70.10 32.01 -38.76
CA GLY H 22 -68.86 31.25 -38.76
C GLY H 22 -68.36 30.81 -40.13
N GLN H 23 -67.24 31.39 -40.54
CA GLN H 23 -66.58 31.07 -41.80
C GLN H 23 -65.15 30.70 -41.49
N PHE H 24 -64.52 29.98 -42.42
CA PHE H 24 -63.19 29.45 -42.15
C PHE H 24 -62.42 29.49 -43.47
N ASN H 25 -61.71 30.59 -43.70
CA ASN H 25 -61.04 30.84 -44.98
C ASN H 25 -59.56 30.51 -44.85
N LEU H 26 -59.13 29.45 -45.52
CA LEU H 26 -57.73 29.06 -45.54
C LEU H 26 -57.05 29.69 -46.75
N ASP H 27 -55.89 29.17 -47.14
CA ASP H 27 -55.19 29.62 -48.33
C ASP H 27 -55.87 29.01 -49.56
N GLY H 28 -57.02 29.58 -49.91
CA GLY H 28 -57.79 29.07 -51.03
C GLY H 28 -58.60 27.83 -50.73
N ARG H 29 -58.97 27.61 -49.47
CA ARG H 29 -59.77 26.44 -49.10
C ARG H 29 -60.64 26.78 -47.92
N THR H 30 -61.69 25.98 -47.73
CA THR H 30 -62.53 26.09 -46.56
C THR H 30 -61.99 25.19 -45.46
N LEU H 31 -62.75 25.09 -44.36
CA LEU H 31 -62.32 24.24 -43.26
C LEU H 31 -62.55 22.77 -43.57
N GLU H 32 -63.54 22.47 -44.39
CA GLU H 32 -63.90 21.08 -44.69
C GLU H 32 -63.03 20.45 -45.76
N ASN H 33 -62.11 21.23 -46.37
CA ASN H 33 -61.17 20.70 -47.34
C ASN H 33 -59.75 20.61 -46.81
N TYR H 34 -59.32 21.57 -46.00
CA TYR H 34 -57.96 21.59 -45.50
C TYR H 34 -57.70 20.53 -44.43
N PHE H 35 -58.73 20.10 -43.71
CA PHE H 35 -58.59 19.15 -42.61
C PHE H 35 -59.54 17.99 -42.85
N PRO H 36 -59.23 17.10 -43.79
CA PRO H 36 -60.08 15.93 -44.04
C PRO H 36 -59.89 14.82 -43.04
N ASN H 37 -59.03 14.99 -42.05
CA ASN H 37 -58.79 13.97 -41.04
C ASN H 37 -59.98 13.78 -40.10
N LYS H 38 -60.92 14.73 -40.08
CA LYS H 38 -62.11 14.68 -39.24
C LYS H 38 -61.76 14.65 -37.77
N VAL H 39 -60.49 14.90 -37.46
CA VAL H 39 -60.01 14.98 -36.09
C VAL H 39 -59.54 16.38 -35.73
N HIS H 40 -58.79 17.03 -36.64
CA HIS H 40 -58.37 18.40 -36.41
C HIS H 40 -59.55 19.36 -36.45
N GLN H 41 -60.72 18.90 -36.90
CA GLN H 41 -61.91 19.74 -36.88
C GLN H 41 -62.22 20.23 -35.47
N GLN H 42 -62.55 19.31 -34.57
CA GLN H 42 -62.80 19.69 -33.18
C GLN H 42 -61.55 20.21 -32.51
N LEU H 43 -60.36 19.78 -32.95
CA LEU H 43 -59.14 20.31 -32.36
C LEU H 43 -59.02 21.82 -32.57
N ILE H 44 -59.20 22.28 -33.81
CA ILE H 44 -59.13 23.71 -34.07
C ILE H 44 -60.35 24.42 -33.52
N LYS H 45 -61.50 23.75 -33.46
CA LYS H 45 -62.69 24.38 -32.91
C LYS H 45 -62.67 24.41 -31.38
N ALA H 46 -61.71 23.75 -30.75
CA ALA H 46 -61.66 23.73 -29.28
C ALA H 46 -61.68 25.11 -28.64
N PRO H 47 -60.92 26.12 -29.11
CA PRO H 47 -61.12 27.46 -28.55
C PRO H 47 -62.52 27.98 -28.79
N LEU H 48 -63.12 27.63 -29.94
CA LEU H 48 -64.51 27.97 -30.18
C LEU H 48 -65.46 27.05 -29.42
N VAL H 49 -65.03 25.82 -29.13
CA VAL H 49 -65.86 24.93 -28.33
C VAL H 49 -65.97 25.44 -26.90
N THR H 50 -64.86 25.91 -26.33
CA THR H 50 -64.85 26.36 -24.94
C THR H 50 -65.77 27.57 -24.75
N VAL H 51 -65.43 28.68 -25.40
CA VAL H 51 -66.29 29.86 -25.39
C VAL H 51 -67.16 29.82 -26.64
N ASP H 52 -68.48 29.92 -26.44
CA ASP H 52 -69.45 29.61 -27.49
C ASP H 52 -69.42 30.70 -28.55
N ARG H 53 -68.44 30.59 -29.45
CA ARG H 53 -68.29 31.53 -30.55
C ARG H 53 -67.92 30.81 -31.84
N VAL H 54 -68.38 29.57 -32.00
CA VAL H 54 -68.05 28.79 -33.20
C VAL H 54 -68.62 29.46 -34.44
N ASP H 55 -69.89 29.85 -34.38
CA ASP H 55 -70.59 30.38 -35.55
C ASP H 55 -70.86 31.87 -35.46
N GLN H 56 -70.70 32.49 -34.29
CA GLN H 56 -70.91 33.92 -34.17
C GLN H 56 -69.69 34.74 -34.58
N PHE H 57 -68.59 34.08 -34.96
CA PHE H 57 -67.32 34.75 -35.19
C PHE H 57 -66.60 34.11 -36.35
N ASP H 58 -65.67 34.85 -36.97
CA ASP H 58 -65.13 34.48 -38.26
C ASP H 58 -63.61 34.46 -38.27
N ILE H 59 -63.06 33.83 -39.30
CA ILE H 59 -61.64 33.51 -39.40
C ILE H 59 -61.22 33.60 -40.87
N TYR H 60 -60.25 34.48 -41.17
CA TYR H 60 -59.61 34.54 -42.49
C TYR H 60 -58.14 34.22 -42.27
N ALA H 61 -57.78 32.95 -42.44
CA ALA H 61 -56.46 32.45 -42.09
C ALA H 61 -55.56 32.40 -43.32
N HIS H 62 -54.31 32.84 -43.15
CA HIS H 62 -53.26 32.66 -44.14
C HIS H 62 -52.06 32.02 -43.45
N LEU H 63 -51.74 30.81 -43.84
CA LEU H 63 -50.72 30.01 -43.18
C LEU H 63 -49.42 29.98 -44.00
N ASP H 64 -48.33 29.72 -43.29
CA ASP H 64 -47.01 29.64 -43.90
C ASP H 64 -46.15 28.73 -43.03
N GLY H 65 -45.66 27.64 -43.62
CA GLY H 65 -44.83 26.70 -42.90
C GLY H 65 -45.64 25.59 -42.24
N GLY H 66 -44.93 24.54 -41.84
CA GLY H 66 -45.54 23.44 -41.13
C GLY H 66 -46.32 22.49 -42.03
N GLY H 67 -47.12 21.64 -41.38
CA GLY H 67 -47.92 20.66 -42.07
C GLY H 67 -49.38 20.72 -41.66
N PRO H 68 -50.12 19.62 -41.89
CA PRO H 68 -51.56 19.62 -41.60
C PRO H 68 -51.88 19.82 -40.12
N SER H 69 -51.35 18.93 -39.27
CA SER H 69 -51.62 19.05 -37.84
C SER H 69 -50.97 20.29 -37.25
N GLY H 70 -49.76 20.63 -37.72
CA GLY H 70 -49.09 21.82 -37.21
C GLY H 70 -49.85 23.09 -37.55
N GLN H 71 -50.34 23.20 -38.78
CA GLN H 71 -51.14 24.37 -39.13
C GLN H 71 -52.51 24.33 -38.46
N ALA H 72 -53.03 23.13 -38.18
CA ALA H 72 -54.24 23.04 -37.37
C ALA H 72 -54.03 23.62 -35.99
N GLY H 73 -52.90 23.27 -35.36
CA GLY H 73 -52.60 23.83 -34.05
C GLY H 73 -52.31 25.32 -34.10
N ALA H 74 -51.64 25.77 -35.17
CA ALA H 74 -51.38 27.20 -35.34
C ALA H 74 -52.69 27.97 -35.49
N LEU H 75 -53.62 27.45 -36.28
CA LEU H 75 -54.94 28.06 -36.43
C LEU H 75 -55.69 28.04 -35.11
N ARG H 76 -55.55 26.96 -34.34
CA ARG H 76 -56.20 26.86 -33.03
C ARG H 76 -55.67 27.94 -32.08
N LEU H 77 -54.35 28.12 -32.05
CA LEU H 77 -53.76 29.14 -31.19
C LEU H 77 -54.13 30.54 -31.66
N ALA H 78 -54.24 30.74 -32.98
CA ALA H 78 -54.73 32.00 -33.49
C ALA H 78 -56.16 32.26 -33.03
N ILE H 79 -57.01 31.23 -33.04
CA ILE H 79 -58.37 31.38 -32.55
C ILE H 79 -58.36 31.76 -31.07
N ALA H 80 -57.50 31.10 -30.28
CA ALA H 80 -57.47 31.37 -28.84
C ALA H 80 -57.03 32.81 -28.54
N ARG H 81 -55.91 33.23 -29.14
CA ARG H 81 -55.48 34.61 -28.91
C ARG H 81 -56.41 35.63 -29.53
N ALA H 82 -57.12 35.26 -30.60
CA ALA H 82 -58.15 36.13 -31.15
C ALA H 82 -59.29 36.30 -30.16
N LEU H 83 -59.72 35.21 -29.51
CA LEU H 83 -60.74 35.31 -28.48
C LEU H 83 -60.24 36.17 -27.32
N ILE H 84 -58.94 36.12 -27.03
CA ILE H 84 -58.37 37.08 -26.09
C ILE H 84 -58.59 38.50 -26.58
N LEU H 85 -58.27 38.76 -27.85
CA LEU H 85 -58.36 40.11 -28.39
C LEU H 85 -59.79 40.65 -28.39
N VAL H 86 -60.78 39.78 -28.61
CA VAL H 86 -62.16 40.22 -28.72
C VAL H 86 -62.73 40.49 -27.34
N GLN H 87 -62.78 39.47 -26.49
CA GLN H 87 -63.28 39.61 -25.12
C GLN H 87 -62.14 39.37 -24.15
N PRO H 88 -61.74 40.38 -23.36
CA PRO H 88 -60.70 40.14 -22.35
C PRO H 88 -61.10 39.09 -21.33
N GLU H 89 -62.40 38.92 -21.07
CA GLU H 89 -62.86 37.89 -20.14
C GLU H 89 -62.66 36.48 -20.68
N ASP H 90 -62.47 36.33 -21.99
CA ASP H 90 -62.21 35.00 -22.54
C ASP H 90 -60.83 34.48 -22.16
N ARG H 91 -59.87 35.39 -21.96
CA ARG H 91 -58.51 34.96 -21.63
C ARG H 91 -58.42 34.18 -20.33
N PRO H 92 -58.98 34.64 -19.20
CA PRO H 92 -58.93 33.80 -18.00
C PRO H 92 -59.62 32.46 -18.16
N ALA H 93 -60.74 32.40 -18.89
CA ALA H 93 -61.42 31.13 -19.09
C ALA H 93 -60.58 30.15 -19.89
N LEU H 94 -59.94 30.63 -20.97
CA LEU H 94 -59.08 29.76 -21.75
C LEU H 94 -57.84 29.34 -20.97
N LYS H 95 -57.28 30.26 -20.17
CA LYS H 95 -56.12 29.91 -19.35
C LYS H 95 -56.47 28.86 -18.30
N LYS H 96 -57.65 28.98 -17.69
CA LYS H 96 -58.06 28.00 -16.67
C LYS H 96 -58.37 26.65 -17.30
N ALA H 97 -59.15 26.65 -18.38
CA ALA H 97 -59.47 25.40 -19.08
C ALA H 97 -58.26 24.81 -19.79
N GLY H 98 -57.19 25.58 -19.96
CA GLY H 98 -55.98 25.12 -20.59
C GLY H 98 -55.87 25.58 -22.02
N PHE H 99 -55.16 26.69 -22.22
CA PHE H 99 -54.98 27.33 -23.51
C PHE H 99 -53.95 28.43 -23.33
N LEU H 100 -53.69 29.18 -24.40
CA LEU H 100 -52.91 30.41 -24.39
C LEU H 100 -51.46 30.19 -23.97
N THR H 101 -51.07 28.96 -23.69
CA THR H 101 -49.71 28.61 -23.34
C THR H 101 -49.11 27.87 -24.54
N ARG H 102 -48.19 28.53 -25.23
CA ARG H 102 -47.56 27.91 -26.39
C ARG H 102 -46.78 26.67 -25.97
N ASP H 103 -46.54 25.80 -26.93
CA ASP H 103 -45.78 24.59 -26.67
C ASP H 103 -44.41 24.73 -27.30
N PRO H 104 -43.35 24.95 -26.52
CA PRO H 104 -41.99 24.86 -27.09
C PRO H 104 -41.60 23.45 -27.50
N ARG H 105 -42.49 22.48 -27.30
CA ARG H 105 -42.23 21.09 -27.67
C ARG H 105 -42.26 20.96 -29.18
N ALA H 106 -41.10 21.08 -29.81
CA ALA H 106 -40.91 20.81 -31.21
C ALA H 106 -39.92 19.67 -31.36
N ILE H 107 -39.66 19.26 -32.60
CA ILE H 107 -38.65 18.23 -32.84
C ILE H 107 -37.32 18.77 -32.37
N GLU H 108 -36.79 18.19 -31.31
CA GLU H 108 -35.62 18.75 -30.65
C GLU H 108 -34.37 18.58 -31.51
N ARG H 109 -33.32 19.29 -31.12
CA ARG H 109 -32.07 19.27 -31.85
C ARG H 109 -31.51 17.85 -31.93
N LYS H 110 -31.19 17.42 -33.15
CA LYS H 110 -30.59 16.11 -33.33
C LYS H 110 -29.19 16.08 -32.74
N LYS H 111 -28.90 15.03 -31.98
CA LYS H 111 -27.61 14.87 -31.34
C LYS H 111 -26.66 14.12 -32.27
N TYR H 112 -25.44 14.62 -32.39
CA TYR H 112 -24.45 14.00 -33.27
C TYR H 112 -24.13 12.59 -32.82
N GLY H 113 -23.91 11.71 -33.80
CA GLY H 113 -23.61 10.32 -33.50
C GLY H 113 -24.80 9.47 -33.14
N LEU H 114 -26.01 9.98 -33.28
CA LEU H 114 -27.23 9.26 -32.96
C LEU H 114 -28.14 9.20 -34.18
N LYS H 115 -28.91 8.12 -34.27
CA LYS H 115 -29.89 8.01 -35.34
C LYS H 115 -30.94 9.11 -35.22
N LYS H 116 -31.42 9.37 -34.01
CA LYS H 116 -32.34 10.46 -33.75
C LYS H 116 -32.04 11.03 -32.38
N ALA H 117 -32.51 12.25 -32.14
CA ALA H 117 -32.36 12.87 -30.84
C ALA H 117 -33.09 12.06 -29.79
N ARG H 118 -32.41 11.77 -28.68
CA ARG H 118 -32.89 10.84 -27.66
C ARG H 118 -33.20 9.49 -28.26
N LYS H 119 -32.28 8.99 -29.09
CA LYS H 119 -32.39 7.66 -29.68
C LYS H 119 -30.98 7.11 -29.84
N ALA H 120 -30.54 6.32 -28.87
CA ALA H 120 -29.25 5.67 -29.05
C ALA H 120 -29.40 4.47 -29.99
N PRO H 121 -28.50 4.33 -30.97
CA PRO H 121 -28.63 3.22 -31.92
C PRO H 121 -28.45 1.87 -31.23
N GLN H 122 -29.09 0.86 -31.81
CA GLN H 122 -28.93 -0.50 -31.29
C GLN H 122 -27.50 -0.98 -31.51
N TYR H 123 -26.97 -1.70 -30.53
CA TYR H 123 -25.57 -2.11 -30.55
C TYR H 123 -25.41 -3.45 -29.85
N SER H 124 -24.27 -4.09 -30.09
CA SER H 124 -23.90 -5.36 -29.45
C SER H 124 -22.40 -5.32 -29.20
N LYS H 125 -22.02 -4.88 -28.00
CA LYS H 125 -20.61 -4.82 -27.63
C LYS H 125 -20.00 -6.23 -27.59
N ARG H 126 -18.79 -6.35 -28.13
CA ARG H 126 -18.09 -7.62 -28.13
C ARG H 126 -17.36 -7.83 -26.81
N LYS I 1 -32.01 54.21 -58.20
CA LYS I 1 -31.95 53.52 -56.93
C LYS I 1 -30.68 52.68 -56.81
N ILE I 2 -30.14 52.58 -55.60
CA ILE I 2 -28.96 51.78 -55.32
C ILE I 2 -29.30 50.84 -54.16
N ARG I 3 -29.13 49.53 -54.41
CA ARG I 3 -29.31 48.53 -53.37
C ARG I 3 -27.94 48.24 -52.79
N ILE I 4 -27.62 48.90 -51.68
CA ILE I 4 -26.38 48.63 -50.96
C ILE I 4 -26.64 47.40 -50.10
N ARG I 5 -26.25 46.24 -50.59
CA ARG I 5 -26.35 44.99 -49.83
C ARG I 5 -25.01 44.84 -49.13
N LEU I 6 -24.96 45.28 -47.88
CA LEU I 6 -23.77 45.12 -47.06
C LEU I 6 -23.86 43.81 -46.29
N LYS I 7 -22.75 43.10 -46.27
CA LYS I 7 -22.68 41.78 -45.66
C LYS I 7 -21.50 41.73 -44.69
N ALA I 8 -21.76 41.31 -43.46
CA ALA I 8 -20.72 41.20 -42.46
C ALA I 8 -20.96 39.94 -41.63
N TYR I 9 -19.88 39.43 -41.05
CA TYR I 9 -19.93 38.23 -40.23
C TYR I 9 -20.41 38.51 -38.82
N ASP I 10 -20.56 39.77 -38.42
CA ASP I 10 -21.03 40.14 -37.10
C ASP I 10 -22.29 40.97 -37.25
N HIS I 11 -23.32 40.64 -36.46
CA HIS I 11 -24.58 41.38 -36.51
C HIS I 11 -24.39 42.83 -36.07
N GLU I 12 -23.57 43.07 -35.03
CA GLU I 12 -23.37 44.43 -34.57
C GLU I 12 -22.47 45.21 -35.51
N ALA I 13 -21.46 44.55 -36.10
CA ALA I 13 -20.62 45.22 -37.07
C ALA I 13 -21.41 45.65 -38.30
N ILE I 14 -22.26 44.76 -38.82
CA ILE I 14 -23.08 45.14 -39.97
C ILE I 14 -24.14 46.16 -39.57
N ASP I 15 -24.63 46.08 -38.33
CA ASP I 15 -25.59 47.07 -37.86
C ASP I 15 -24.96 48.46 -37.84
N ALA I 16 -23.74 48.56 -37.33
CA ALA I 16 -23.03 49.83 -37.30
C ALA I 16 -22.71 50.31 -38.71
N SER I 17 -22.29 49.40 -39.59
CA SER I 17 -21.98 49.79 -40.96
C SER I 17 -23.22 50.29 -41.70
N ALA I 18 -24.35 49.62 -41.51
CA ALA I 18 -25.60 50.06 -42.12
C ALA I 18 -26.03 51.42 -41.56
N ARG I 19 -25.88 51.61 -40.25
CA ARG I 19 -26.24 52.89 -39.66
C ARG I 19 -25.34 54.01 -40.18
N LYS I 20 -24.04 53.74 -40.34
CA LYS I 20 -23.14 54.77 -40.85
C LYS I 20 -23.41 55.06 -42.33
N ILE I 21 -23.78 54.05 -43.11
CA ILE I 21 -24.18 54.29 -44.50
C ILE I 21 -25.43 55.15 -44.54
N VAL I 22 -26.41 54.85 -43.70
CA VAL I 22 -27.65 55.63 -43.66
C VAL I 22 -27.37 57.07 -43.25
N GLU I 23 -26.50 57.25 -42.26
CA GLU I 23 -26.17 58.60 -41.80
C GLU I 23 -25.42 59.38 -42.86
N THR I 24 -24.51 58.74 -43.59
CA THR I 24 -23.82 59.42 -44.68
C THR I 24 -24.81 59.82 -45.77
N VAL I 25 -25.75 58.92 -46.10
CA VAL I 25 -26.77 59.23 -47.09
C VAL I 25 -27.61 60.42 -46.65
N THR I 26 -28.03 60.42 -45.39
CA THR I 26 -28.84 61.52 -44.86
C THR I 26 -28.06 62.84 -44.86
N ARG I 27 -26.78 62.79 -44.47
CA ARG I 27 -25.97 64.00 -44.44
C ARG I 27 -25.80 64.57 -45.83
N THR I 28 -25.50 63.72 -46.81
CA THR I 28 -25.41 64.20 -48.19
C THR I 28 -26.80 64.53 -48.74
N GLY I 29 -27.80 63.72 -48.40
CA GLY I 29 -29.16 63.98 -48.81
C GLY I 29 -29.69 63.01 -49.86
N ALA I 30 -30.44 62.01 -49.41
CA ALA I 30 -31.07 61.02 -50.27
C ALA I 30 -32.05 60.22 -49.44
N SER I 31 -32.99 59.57 -50.13
CA SER I 31 -34.00 58.75 -49.46
C SER I 31 -33.39 57.46 -48.93
N VAL I 32 -33.92 56.98 -47.82
CA VAL I 32 -33.42 55.78 -47.15
C VAL I 32 -34.58 54.87 -46.80
N VAL I 33 -34.41 53.58 -47.06
CA VAL I 33 -35.34 52.56 -46.62
C VAL I 33 -34.82 51.97 -45.31
N GLY I 34 -35.73 51.70 -44.39
CA GLY I 34 -35.37 51.20 -43.08
C GLY I 34 -34.58 49.91 -43.16
N PRO I 35 -33.78 49.63 -42.14
CA PRO I 35 -32.91 48.45 -42.18
C PRO I 35 -33.69 47.16 -42.28
N VAL I 36 -33.51 46.44 -43.39
CA VAL I 36 -34.24 45.20 -43.66
C VAL I 36 -33.25 44.05 -43.56
N PRO I 37 -33.26 43.26 -42.49
CA PRO I 37 -32.32 42.13 -42.40
C PRO I 37 -32.75 41.00 -43.32
N LEU I 38 -31.86 40.62 -44.22
CA LEU I 38 -32.07 39.40 -44.99
C LEU I 38 -31.98 38.19 -44.05
N PRO I 39 -32.75 37.13 -44.31
CA PRO I 39 -32.98 36.13 -43.26
C PRO I 39 -31.72 35.50 -42.70
N THR I 40 -31.00 34.73 -43.53
CA THR I 40 -29.71 34.14 -43.19
C THR I 40 -29.29 33.26 -44.36
N GLU I 41 -28.06 32.75 -44.27
CA GLU I 41 -27.62 31.62 -45.06
C GLU I 41 -26.72 30.77 -44.17
N LYS I 42 -26.98 29.46 -44.12
CA LYS I 42 -26.33 28.59 -43.15
C LYS I 42 -25.83 27.34 -43.83
N ASN I 43 -24.54 27.04 -43.67
CA ASN I 43 -23.92 25.80 -44.08
C ASN I 43 -23.42 25.06 -42.85
N VAL I 44 -23.80 23.80 -42.71
CA VAL I 44 -23.41 22.98 -41.56
C VAL I 44 -22.47 21.89 -42.07
N TYR I 45 -21.21 21.97 -41.66
CA TYR I 45 -20.18 21.01 -42.06
C TYR I 45 -19.61 20.36 -40.81
N CYS I 46 -19.57 19.03 -40.80
CA CYS I 46 -19.12 18.26 -39.65
C CYS I 46 -17.69 17.75 -39.88
N VAL I 47 -16.97 17.54 -38.78
CA VAL I 47 -15.58 17.15 -38.78
C VAL I 47 -15.36 16.10 -37.70
N ILE I 48 -14.61 15.05 -38.02
CA ILE I 48 -14.24 14.01 -37.07
C ILE I 48 -12.91 14.42 -36.45
N ARG I 49 -12.97 15.11 -35.32
CA ARG I 49 -11.76 15.66 -34.71
C ARG I 49 -10.91 14.57 -34.07
N SER I 50 -10.01 13.98 -34.85
CA SER I 50 -9.10 12.97 -34.33
C SER I 50 -7.95 12.75 -35.30
N PRO I 51 -6.71 12.65 -34.80
CA PRO I 51 -5.59 12.31 -35.69
C PRO I 51 -5.72 10.95 -36.32
N HIS I 52 -6.55 10.08 -35.75
CA HIS I 52 -6.78 8.73 -36.25
C HIS I 52 -8.28 8.48 -36.12
N LYS I 53 -8.66 7.21 -36.12
CA LYS I 53 -10.05 6.84 -35.89
C LYS I 53 -10.47 7.20 -34.47
N TYR I 54 -11.27 8.25 -34.33
CA TYR I 54 -12.15 8.43 -33.16
C TYR I 54 -13.44 9.04 -33.67
N LYS I 55 -14.37 8.19 -34.10
CA LYS I 55 -15.61 8.65 -34.70
C LYS I 55 -16.52 9.31 -33.68
N ASP I 56 -16.31 9.03 -32.39
CA ASP I 56 -17.08 9.67 -31.34
C ASP I 56 -16.70 11.14 -31.21
N SER I 57 -17.67 11.94 -30.76
CA SER I 57 -17.48 13.36 -30.44
C SER I 57 -16.96 14.13 -31.65
N ARG I 58 -17.78 14.17 -32.70
CA ARG I 58 -17.50 15.03 -33.83
C ARG I 58 -17.77 16.48 -33.47
N GLU I 59 -17.43 17.39 -34.38
CA GLU I 59 -17.72 18.80 -34.17
C GLU I 59 -18.13 19.43 -35.49
N HIS I 60 -19.20 20.22 -35.45
CA HIS I 60 -19.74 20.89 -36.63
C HIS I 60 -19.43 22.38 -36.55
N PHE I 61 -18.97 22.94 -37.67
CA PHE I 61 -18.54 24.32 -37.73
C PHE I 61 -19.61 25.18 -38.40
N GLU I 62 -19.81 26.38 -37.87
CA GLU I 62 -20.81 27.31 -38.37
C GLU I 62 -20.14 28.62 -38.76
N MET I 63 -20.93 29.51 -39.35
CA MET I 63 -20.51 30.87 -39.63
C MET I 63 -21.75 31.76 -39.66
N ARG I 64 -21.58 33.00 -39.20
CA ARG I 64 -22.66 33.98 -39.23
C ARG I 64 -22.53 34.86 -40.46
N THR I 65 -23.58 34.88 -41.28
CA THR I 65 -23.61 35.70 -42.50
C THR I 65 -24.75 36.69 -42.34
N HIS I 66 -24.46 37.82 -41.72
CA HIS I 66 -25.46 38.86 -41.55
C HIS I 66 -25.52 39.75 -42.77
N LYS I 67 -26.73 39.99 -43.27
CA LYS I 67 -26.99 40.79 -44.45
C LYS I 67 -28.06 41.82 -44.13
N ARG I 68 -27.76 43.09 -44.39
CA ARG I 68 -28.70 44.18 -44.18
C ARG I 68 -29.03 44.81 -45.52
N LEU I 69 -30.28 45.21 -45.70
CA LEU I 69 -30.78 45.80 -46.93
C LEU I 69 -31.23 47.22 -46.62
N ILE I 70 -30.57 48.19 -47.23
CA ILE I 70 -30.97 49.59 -47.22
C ILE I 70 -31.05 50.01 -48.67
N ASP I 71 -32.26 50.26 -49.16
CA ASP I 71 -32.49 50.58 -50.56
C ASP I 71 -32.42 52.10 -50.72
N ILE I 72 -31.21 52.60 -50.95
CA ILE I 72 -31.02 54.04 -51.04
C ILE I 72 -31.66 54.55 -52.34
N LEU I 73 -32.52 55.54 -52.21
CA LEU I 73 -33.25 56.09 -53.34
C LEU I 73 -32.78 57.52 -53.62
N ASP I 74 -32.67 57.85 -54.91
CA ASP I 74 -32.19 59.15 -55.39
C ASP I 74 -30.79 59.43 -54.85
N PRO I 75 -29.77 58.69 -55.28
CA PRO I 75 -28.40 58.94 -54.81
C PRO I 75 -27.83 60.20 -55.44
N THR I 76 -26.74 60.67 -54.84
CA THR I 76 -26.03 61.86 -55.29
C THR I 76 -24.57 61.52 -55.54
N PRO I 77 -23.89 62.28 -56.42
CA PRO I 77 -22.46 62.01 -56.65
C PRO I 77 -21.63 62.07 -55.38
N LYS I 78 -21.93 63.03 -54.49
CA LYS I 78 -21.24 63.10 -53.20
C LYS I 78 -21.59 61.94 -52.29
N THR I 79 -22.69 61.22 -52.56
CA THR I 79 -22.98 59.99 -51.84
C THR I 79 -22.29 58.78 -52.48
N VAL I 80 -22.35 58.67 -53.81
CA VAL I 80 -21.75 57.54 -54.49
C VAL I 80 -20.25 57.53 -54.29
N ASP I 81 -19.61 58.70 -54.37
CA ASP I 81 -18.17 58.76 -54.13
C ASP I 81 -17.84 58.36 -52.71
N ALA I 82 -18.62 58.83 -51.73
CA ALA I 82 -18.40 58.46 -50.34
C ALA I 82 -18.66 56.99 -50.07
N LEU I 83 -19.46 56.33 -50.92
CA LEU I 83 -19.72 54.90 -50.72
C LEU I 83 -18.44 54.09 -50.79
N MET I 84 -17.57 54.39 -51.76
CA MET I 84 -16.32 53.66 -51.94
C MET I 84 -15.10 54.45 -51.47
N ARG I 85 -15.28 55.69 -51.01
CA ARG I 85 -14.13 56.48 -50.59
C ARG I 85 -13.52 55.94 -49.30
N ILE I 86 -14.34 55.67 -48.30
CA ILE I 86 -13.86 55.24 -46.99
C ILE I 86 -14.78 54.13 -46.47
N ASP I 87 -14.17 53.05 -45.98
CA ASP I 87 -14.90 51.99 -45.27
C ASP I 87 -13.97 51.53 -44.15
N LEU I 88 -14.14 52.11 -42.96
CA LEU I 88 -13.23 51.83 -41.86
C LEU I 88 -13.20 50.37 -41.42
N PRO I 89 -14.31 49.64 -41.29
CA PRO I 89 -14.18 48.24 -40.84
C PRO I 89 -13.45 47.37 -41.84
N ALA I 90 -13.67 47.59 -43.15
CA ALA I 90 -13.08 46.79 -44.22
C ALA I 90 -13.37 45.30 -44.03
N SER I 91 -14.40 44.98 -43.25
CA SER I 91 -14.86 43.62 -43.04
C SER I 91 -16.32 43.45 -43.43
N VAL I 92 -16.92 44.47 -44.03
CA VAL I 92 -18.29 44.42 -44.52
C VAL I 92 -18.22 44.67 -46.02
N ASP I 93 -18.67 43.70 -46.81
CA ASP I 93 -18.60 43.80 -48.27
C ASP I 93 -19.90 44.38 -48.80
N VAL I 94 -19.78 45.34 -49.71
CA VAL I 94 -20.92 46.07 -50.25
C VAL I 94 -21.15 45.60 -51.69
N ASN I 95 -22.34 45.05 -51.94
CA ASN I 95 -22.79 44.72 -53.29
C ASN I 95 -23.73 45.83 -53.74
N ILE I 96 -23.42 46.46 -54.87
CA ILE I 96 -24.24 47.53 -55.41
C ILE I 96 -25.19 46.91 -56.44
N GLN I 97 -26.43 46.68 -56.04
CA GLN I 97 -27.41 46.06 -56.91
C GLN I 97 -28.39 47.10 -57.44
N LYS J 1 -65.03 -49.83 5.60
CA LYS J 1 -64.00 -49.05 6.29
C LYS J 1 -64.49 -48.57 7.65
N LYS J 2 -64.21 -47.31 7.93
CA LYS J 2 -64.65 -46.66 9.16
C LYS J 2 -64.67 -45.16 8.91
N ASN J 3 -65.23 -44.42 9.85
CA ASN J 3 -65.29 -42.98 9.78
C ASN J 3 -64.60 -42.37 11.00
N VAL J 4 -63.85 -41.30 10.77
CA VAL J 4 -63.19 -40.55 11.82
C VAL J 4 -63.81 -39.15 11.85
N PRO J 5 -64.68 -38.86 12.82
CA PRO J 5 -65.28 -37.51 12.86
C PRO J 5 -64.27 -36.42 13.08
N HIS J 6 -63.50 -36.49 14.16
CA HIS J 6 -62.45 -35.52 14.46
C HIS J 6 -61.09 -36.16 14.23
N GLY J 7 -60.24 -35.46 13.49
CA GLY J 7 -58.89 -35.90 13.23
C GLY J 7 -57.85 -34.97 13.85
N ALA J 8 -56.59 -35.37 13.70
CA ALA J 8 -55.47 -34.58 14.18
C ALA J 8 -54.44 -34.51 13.07
N ALA J 9 -54.00 -33.30 12.74
CA ALA J 9 -53.04 -33.11 11.65
C ALA J 9 -51.63 -33.16 12.23
N HIS J 10 -51.17 -34.38 12.51
CA HIS J 10 -49.81 -34.57 12.98
C HIS J 10 -48.85 -34.28 11.83
N ILE J 11 -48.33 -33.07 11.76
CA ILE J 11 -47.50 -32.64 10.65
C ILE J 11 -46.05 -32.76 11.09
N LYS J 12 -45.40 -33.86 10.71
CA LYS J 12 -43.96 -34.00 10.89
C LYS J 12 -43.31 -33.07 9.88
N SER J 13 -43.22 -31.80 10.26
CA SER J 13 -42.78 -30.75 9.35
C SER J 13 -41.26 -30.61 9.39
N THR J 14 -40.59 -31.66 8.92
CA THR J 14 -39.15 -31.57 8.71
C THR J 14 -38.86 -30.56 7.60
N PHE J 15 -37.69 -29.93 7.67
CA PHE J 15 -37.27 -29.12 6.54
C PHE J 15 -37.14 -29.96 5.29
N ASN J 16 -36.91 -31.27 5.45
CA ASN J 16 -36.93 -32.18 4.31
C ASN J 16 -38.33 -32.25 3.70
N ASN J 17 -39.37 -32.39 4.53
CA ASN J 17 -40.74 -32.36 4.07
C ASN J 17 -41.68 -32.24 5.26
N THR J 18 -42.95 -31.96 4.95
CA THR J 18 -44.03 -31.95 5.93
C THR J 18 -44.84 -33.23 5.73
N ILE J 19 -44.49 -34.28 6.46
CA ILE J 19 -45.30 -35.50 6.44
C ILE J 19 -46.58 -35.23 7.20
N VAL J 20 -47.68 -35.03 6.47
CA VAL J 20 -48.94 -34.69 7.09
C VAL J 20 -49.69 -35.98 7.41
N SER J 21 -49.42 -36.55 8.59
CA SER J 21 -50.07 -37.76 9.04
C SER J 21 -51.34 -37.35 9.76
N ILE J 22 -52.49 -37.73 9.21
CA ILE J 22 -53.73 -37.50 9.93
C ILE J 22 -53.98 -38.68 10.86
N THR J 23 -54.30 -38.37 12.10
CA THR J 23 -54.37 -39.35 13.17
C THR J 23 -55.74 -39.28 13.80
N ASP J 24 -56.33 -40.45 14.04
CA ASP J 24 -57.58 -40.49 14.78
C ASP J 24 -57.31 -40.08 16.22
N PRO J 25 -58.35 -39.65 16.95
CA PRO J 25 -58.13 -39.24 18.35
C PRO J 25 -57.56 -40.35 19.22
N GLN J 26 -57.69 -41.61 18.79
CA GLN J 26 -57.06 -42.71 19.51
C GLN J 26 -55.55 -42.55 19.56
N GLY J 27 -54.95 -42.13 18.45
CA GLY J 27 -53.51 -42.00 18.37
C GLY J 27 -52.92 -42.85 17.27
N ASN J 28 -53.75 -43.16 16.27
CA ASN J 28 -53.36 -44.01 15.15
C ASN J 28 -53.37 -43.16 13.88
N VAL J 29 -52.26 -43.17 13.14
CA VAL J 29 -52.23 -42.46 11.88
C VAL J 29 -53.12 -43.23 10.92
N ILE J 30 -54.31 -42.71 10.68
CA ILE J 30 -55.21 -43.38 9.75
C ILE J 30 -54.68 -43.26 8.33
N ALA J 31 -54.05 -42.14 7.99
CA ALA J 31 -53.38 -41.96 6.72
C ALA J 31 -52.37 -40.83 6.85
N TRP J 32 -51.45 -40.76 5.90
CA TRP J 32 -50.49 -39.67 5.88
C TRP J 32 -50.16 -39.30 4.44
N ALA J 33 -49.76 -38.04 4.26
CA ALA J 33 -49.34 -37.53 2.95
C ALA J 33 -48.19 -36.56 3.17
N SER J 34 -47.02 -36.89 2.63
CA SER J 34 -45.86 -36.03 2.67
C SER J 34 -45.59 -35.45 1.30
N SER J 35 -44.48 -34.72 1.18
CA SER J 35 -44.09 -34.17 -0.12
C SER J 35 -43.84 -35.28 -1.13
N GLY J 36 -43.10 -36.32 -0.72
CA GLY J 36 -42.92 -37.45 -1.60
C GLY J 36 -44.21 -38.17 -1.92
N HIS J 37 -45.13 -38.22 -0.97
CA HIS J 37 -46.41 -38.88 -1.20
C HIS J 37 -47.15 -38.23 -2.36
N VAL J 38 -47.13 -36.89 -2.42
CA VAL J 38 -47.62 -36.20 -3.61
C VAL J 38 -46.66 -36.44 -4.78
N GLY J 39 -45.36 -36.58 -4.50
CA GLY J 39 -44.39 -36.82 -5.55
C GLY J 39 -43.17 -35.93 -5.50
N PHE J 40 -42.96 -35.26 -4.37
CA PHE J 40 -41.88 -34.29 -4.23
C PHE J 40 -40.71 -34.91 -3.49
N LYS J 41 -39.55 -34.94 -4.15
CA LYS J 41 -38.34 -35.52 -3.57
C LYS J 41 -37.17 -34.57 -3.79
N GLY J 42 -36.14 -34.73 -2.97
CA GLY J 42 -34.99 -33.86 -3.07
C GLY J 42 -35.35 -32.45 -2.64
N SER J 43 -34.94 -31.47 -3.44
CA SER J 43 -35.30 -30.09 -3.16
C SER J 43 -36.80 -29.89 -3.21
N ARG J 44 -37.46 -30.50 -4.20
CA ARG J 44 -38.91 -30.37 -4.31
C ARG J 44 -39.62 -30.96 -3.10
N LYS J 45 -39.01 -31.95 -2.44
CA LYS J 45 -39.54 -32.42 -1.16
C LYS J 45 -39.55 -31.27 -0.15
N SER J 46 -38.62 -30.35 -0.24
CA SER J 46 -38.46 -29.26 0.71
C SER J 46 -39.00 -27.92 0.18
N THR J 47 -39.70 -27.93 -0.95
CA THR J 47 -40.29 -26.70 -1.45
C THR J 47 -41.60 -26.38 -0.73
N PRO J 48 -41.92 -25.09 -0.59
CA PRO J 48 -43.17 -24.72 0.08
C PRO J 48 -44.40 -25.27 -0.60
N PHE J 49 -44.36 -25.45 -1.92
CA PHE J 49 -45.53 -25.96 -2.64
C PHE J 49 -45.83 -27.40 -2.24
N ALA J 50 -44.80 -28.20 -2.01
CA ALA J 50 -44.98 -29.55 -1.51
C ALA J 50 -45.76 -29.56 -0.21
N ALA J 51 -45.65 -28.50 0.60
CA ALA J 51 -46.35 -28.46 1.88
C ALA J 51 -47.86 -28.43 1.68
N GLN J 52 -48.37 -27.49 0.87
CA GLN J 52 -49.81 -27.49 0.69
C GLN J 52 -50.24 -28.70 -0.10
N LEU J 53 -49.40 -29.22 -1.00
CA LEU J 53 -49.80 -30.41 -1.75
C LEU J 53 -49.98 -31.61 -0.81
N ALA J 54 -49.01 -31.82 0.09
CA ALA J 54 -49.11 -32.92 1.04
C ALA J 54 -50.30 -32.74 1.97
N ALA J 55 -50.49 -31.51 2.49
CA ALA J 55 -51.61 -31.27 3.39
C ALA J 55 -52.94 -31.51 2.69
N GLU J 56 -53.07 -31.03 1.46
CA GLU J 56 -54.30 -31.20 0.71
C GLU J 56 -54.58 -32.66 0.40
N ASN J 57 -53.54 -33.42 0.04
CA ASN J 57 -53.73 -34.85 -0.23
C ASN J 57 -54.18 -35.58 1.04
N ALA J 58 -53.55 -35.27 2.17
CA ALA J 58 -53.96 -35.85 3.43
C ALA J 58 -55.41 -35.50 3.75
N ALA J 59 -55.79 -34.24 3.52
CA ALA J 59 -57.17 -33.84 3.82
C ALA J 59 -58.17 -34.48 2.86
N ARG J 60 -57.76 -34.75 1.62
CA ARG J 60 -58.61 -35.49 0.70
C ARG J 60 -58.85 -36.90 1.22
N LYS J 61 -57.79 -37.58 1.67
CA LYS J 61 -57.98 -38.87 2.31
C LYS J 61 -58.86 -38.75 3.55
N ALA J 62 -58.73 -37.64 4.27
CA ALA J 62 -59.56 -37.40 5.45
C ALA J 62 -61.03 -37.36 5.09
N GLN J 63 -61.38 -36.60 4.06
CA GLN J 63 -62.75 -36.58 3.59
C GLN J 63 -63.18 -37.96 3.10
N GLU J 64 -62.26 -38.67 2.43
CA GLU J 64 -62.54 -40.03 1.97
C GLU J 64 -62.88 -40.96 3.14
N HIS J 65 -62.30 -40.71 4.33
CA HIS J 65 -62.74 -41.35 5.57
C HIS J 65 -63.63 -40.41 6.39
N GLY J 66 -64.30 -39.48 5.71
CA GLY J 66 -65.31 -38.65 6.38
C GLY J 66 -64.79 -37.79 7.51
N VAL J 67 -63.57 -37.28 7.39
CA VAL J 67 -62.99 -36.45 8.43
C VAL J 67 -63.19 -34.99 8.05
N LYS J 68 -63.83 -34.23 8.93
CA LYS J 68 -64.07 -32.81 8.69
C LYS J 68 -63.38 -31.92 9.71
N LYS J 69 -63.60 -32.16 10.99
CA LYS J 69 -63.05 -31.33 12.05
C LYS J 69 -61.69 -31.89 12.46
N VAL J 70 -60.65 -31.09 12.34
CA VAL J 70 -59.29 -31.51 12.69
C VAL J 70 -58.60 -30.40 13.46
N ASP J 71 -57.93 -30.79 14.54
CA ASP J 71 -56.96 -29.93 15.20
C ASP J 71 -55.57 -30.23 14.66
N VAL J 72 -54.77 -29.19 14.53
CA VAL J 72 -53.51 -29.29 13.80
C VAL J 72 -52.38 -29.50 14.79
N PHE J 73 -51.62 -30.59 14.60
CA PHE J 73 -50.50 -30.96 15.47
C PHE J 73 -49.23 -30.87 14.66
N VAL J 74 -48.64 -29.69 14.58
CA VAL J 74 -47.44 -29.50 13.76
C VAL J 74 -46.20 -29.83 14.60
N LYS J 75 -45.31 -30.63 14.02
CA LYS J 75 -44.05 -30.99 14.66
C LYS J 75 -43.01 -29.90 14.46
N GLY J 76 -41.73 -30.25 14.54
CA GLY J 76 -40.64 -29.31 14.40
C GLY J 76 -40.69 -28.44 13.15
N PRO J 77 -39.85 -27.42 13.12
CA PRO J 77 -39.87 -26.45 12.00
C PRO J 77 -39.46 -27.08 10.68
N GLY J 78 -40.06 -26.58 9.61
CA GLY J 78 -39.77 -27.07 8.29
C GLY J 78 -40.22 -26.09 7.22
N SER J 79 -40.54 -26.63 6.06
CA SER J 79 -40.95 -25.82 4.91
C SER J 79 -42.47 -25.93 4.74
N GLY J 80 -43.17 -24.83 5.00
CA GLY J 80 -44.61 -24.80 4.78
C GLY J 80 -45.45 -25.15 5.98
N ARG J 81 -45.28 -24.40 7.07
CA ARG J 81 -46.08 -24.60 8.26
C ARG J 81 -47.48 -24.03 8.09
N GLU J 82 -47.58 -22.71 7.98
CA GLU J 82 -48.86 -22.07 7.71
C GLU J 82 -49.38 -22.43 6.33
N THR J 83 -48.48 -22.77 5.40
CA THR J 83 -48.89 -23.20 4.07
C THR J 83 -49.68 -24.50 4.13
N ALA J 84 -49.14 -25.52 4.79
CA ALA J 84 -49.91 -26.73 5.01
C ALA J 84 -51.14 -26.47 5.86
N ILE J 85 -51.07 -25.49 6.77
CA ILE J 85 -52.22 -25.17 7.60
C ILE J 85 -53.41 -24.72 6.75
N ARG J 86 -53.19 -23.73 5.87
CA ARG J 86 -54.35 -23.29 5.10
C ARG J 86 -54.64 -24.19 3.91
N SER J 87 -53.71 -25.07 3.54
CA SER J 87 -54.09 -26.16 2.64
C SER J 87 -55.12 -27.06 3.29
N LEU J 88 -54.84 -27.51 4.51
CA LEU J 88 -55.83 -28.32 5.23
C LEU J 88 -57.12 -27.56 5.44
N GLN J 89 -57.03 -26.26 5.75
CA GLN J 89 -58.22 -25.42 5.86
C GLN J 89 -59.02 -25.42 4.56
N ALA J 90 -58.35 -25.32 3.42
CA ALA J 90 -59.02 -25.26 2.13
C ALA J 90 -59.30 -26.63 1.54
N ALA J 91 -59.04 -27.70 2.29
CA ALA J 91 -59.22 -29.06 1.78
C ALA J 91 -60.14 -29.88 2.67
N GLY J 92 -61.13 -29.25 3.29
CA GLY J 92 -62.13 -29.96 4.06
C GLY J 92 -61.80 -30.21 5.50
N LEU J 93 -60.69 -29.67 6.01
CA LEU J 93 -60.31 -29.81 7.42
C LEU J 93 -60.08 -28.41 8.00
N GLU J 94 -61.07 -27.90 8.72
CA GLU J 94 -60.92 -26.60 9.35
C GLU J 94 -59.79 -26.64 10.38
N VAL J 95 -59.25 -25.46 10.67
CA VAL J 95 -58.02 -25.37 11.45
C VAL J 95 -58.21 -25.93 12.86
N GLY J 96 -59.33 -25.60 13.49
CA GLY J 96 -59.52 -25.98 14.87
C GLY J 96 -58.50 -25.32 15.77
N THR J 97 -57.50 -26.08 16.20
CA THR J 97 -56.42 -25.56 17.03
C THR J 97 -55.08 -25.89 16.41
N ILE J 98 -54.09 -25.04 16.65
CA ILE J 98 -52.72 -25.25 16.19
C ILE J 98 -51.86 -25.52 17.41
N SER J 99 -51.05 -26.56 17.34
CA SER J 99 -50.15 -26.91 18.44
C SER J 99 -48.79 -27.30 17.89
N ASP J 100 -47.75 -26.63 18.38
CA ASP J 100 -46.37 -26.93 17.98
C ASP J 100 -45.90 -28.13 18.79
N VAL J 101 -46.06 -29.33 18.24
CA VAL J 101 -45.69 -30.56 18.95
C VAL J 101 -44.23 -30.84 18.58
N THR J 102 -43.33 -30.15 19.27
CA THR J 102 -41.92 -30.33 18.99
C THR J 102 -41.20 -30.87 20.23
N PRO J 103 -40.31 -31.84 20.07
CA PRO J 103 -39.58 -32.37 21.23
C PRO J 103 -38.71 -31.29 21.87
N GLN J 104 -38.64 -31.32 23.20
CA GLN J 104 -37.87 -30.36 23.97
C GLN J 104 -36.93 -31.12 24.90
N PRO J 105 -35.79 -31.57 24.40
CA PRO J 105 -34.76 -32.05 25.32
C PRO J 105 -34.18 -30.86 26.06
N HIS J 106 -34.56 -30.70 27.33
CA HIS J 106 -34.20 -29.49 28.06
C HIS J 106 -32.76 -29.66 28.56
N ASN J 107 -31.83 -29.40 27.65
CA ASN J 107 -30.39 -29.61 27.85
C ASN J 107 -30.12 -31.07 28.21
N GLY J 108 -30.46 -31.95 27.26
CA GLY J 108 -30.36 -33.38 27.49
C GLY J 108 -29.29 -34.10 26.68
N CYS J 109 -29.71 -34.80 25.64
CA CYS J 109 -28.81 -35.68 24.89
C CYS J 109 -27.86 -34.87 24.00
N ARG J 110 -26.89 -35.56 23.42
CA ARG J 110 -25.89 -34.96 22.55
C ARG J 110 -26.15 -35.33 21.09
N PRO J 111 -26.25 -34.34 20.21
CA PRO J 111 -26.46 -34.62 18.79
C PRO J 111 -25.12 -34.73 18.07
N PRO J 112 -25.13 -34.94 16.76
CA PRO J 112 -23.91 -34.73 15.96
C PRO J 112 -23.46 -33.28 16.04
N LYS J 113 -22.29 -33.02 15.45
CA LYS J 113 -21.59 -31.77 15.75
C LYS J 113 -22.16 -30.58 14.98
N ARG J 114 -21.98 -30.57 13.65
CA ARG J 114 -22.34 -29.42 12.83
C ARG J 114 -22.04 -29.63 11.36
N ARG J 115 -22.50 -28.69 10.53
CA ARG J 115 -22.25 -28.69 9.09
C ARG J 115 -21.74 -27.32 8.67
N ARG J 116 -20.81 -27.30 7.70
CA ARG J 116 -20.22 -26.06 7.23
C ARG J 116 -20.39 -25.83 5.74
N VAL J 117 -21.32 -26.51 5.09
CA VAL J 117 -21.66 -26.22 3.70
C VAL J 117 -23.17 -26.19 3.53
N PRO K 1 16.58 -2.72 41.26
CA PRO K 1 15.67 -3.88 41.19
C PRO K 1 16.00 -4.95 42.21
N THR K 2 15.47 -4.82 43.43
CA THR K 2 15.72 -5.79 44.51
C THR K 2 17.22 -5.92 44.76
N ILE K 3 17.79 -4.83 45.27
CA ILE K 3 19.21 -4.71 45.60
C ILE K 3 19.72 -5.99 46.25
N GLN K 4 18.93 -6.54 47.17
CA GLN K 4 19.29 -7.81 47.79
C GLN K 4 19.37 -8.92 46.75
N GLN K 5 18.46 -8.92 45.78
CA GLN K 5 18.51 -9.92 44.72
C GLN K 5 19.74 -9.72 43.83
N LEU K 6 20.19 -8.48 43.67
CA LEU K 6 21.48 -8.27 43.01
C LEU K 6 22.61 -8.90 43.80
N VAL K 7 22.58 -8.73 45.13
CA VAL K 7 23.58 -9.40 45.96
C VAL K 7 23.51 -10.90 45.78
N ARG K 8 22.29 -11.43 45.60
CA ARG K 8 22.15 -12.86 45.35
C ARG K 8 22.83 -13.27 44.06
N LYS K 9 22.70 -12.48 43.00
CA LYS K 9 23.20 -12.83 41.68
C LYS K 9 22.92 -11.66 40.73
N GLY K 10 23.65 -11.62 39.62
CA GLY K 10 23.30 -10.78 38.49
C GLY K 10 24.48 -10.00 37.94
N ARG K 11 24.16 -9.07 37.02
CA ARG K 11 25.10 -8.13 36.43
C ARG K 11 26.25 -8.82 35.69
N ARG K 12 25.89 -9.50 34.60
CA ARG K 12 26.84 -10.02 33.64
C ARG K 12 26.53 -9.43 32.28
N ASP K 13 27.57 -9.23 31.47
CA ASP K 13 27.36 -8.71 30.13
C ASP K 13 26.78 -9.78 29.22
N LYS K 14 26.34 -9.36 28.03
CA LYS K 14 25.47 -10.23 27.22
C LYS K 14 26.27 -11.35 26.52
N ILE K 15 27.13 -10.99 25.58
CA ILE K 15 27.80 -11.95 24.71
C ILE K 15 29.02 -11.26 24.13
N ALA K 16 30.10 -12.02 23.95
CA ALA K 16 31.33 -11.46 23.40
C ALA K 16 31.16 -10.96 21.97
N LYS K 17 30.43 -11.71 21.14
CA LYS K 17 30.26 -11.41 19.72
C LYS K 17 31.62 -11.38 19.02
N VAL K 18 32.26 -12.56 19.01
CA VAL K 18 33.61 -12.70 18.48
C VAL K 18 33.61 -12.47 16.97
N LYS K 19 34.73 -11.94 16.47
CA LYS K 19 34.90 -11.65 15.05
C LYS K 19 35.95 -12.54 14.39
N THR K 20 37.20 -12.52 14.88
CA THR K 20 38.28 -13.25 14.26
C THR K 20 38.36 -14.67 14.81
N ALA K 21 38.61 -15.63 13.91
CA ALA K 21 38.65 -17.04 14.32
C ALA K 21 39.79 -17.80 13.66
N ALA K 22 40.77 -17.12 13.06
CA ALA K 22 41.91 -17.82 12.51
C ALA K 22 42.65 -18.54 13.62
N LEU K 23 43.25 -17.76 14.51
CA LEU K 23 43.70 -18.17 15.85
C LEU K 23 44.36 -16.94 16.47
N LYS K 24 44.53 -17.01 17.79
CA LYS K 24 45.37 -16.10 18.58
C LYS K 24 45.10 -14.63 18.27
N GLY K 25 43.95 -14.33 17.65
CA GLY K 25 43.76 -12.98 17.13
C GLY K 25 44.93 -12.55 16.28
N SER K 26 45.39 -13.42 15.40
CA SER K 26 46.64 -13.17 14.71
C SER K 26 46.51 -11.98 13.77
N PRO K 27 47.41 -11.00 13.84
CA PRO K 27 47.43 -9.96 12.80
C PRO K 27 47.57 -10.53 11.40
N GLN K 28 48.15 -11.72 11.27
CA GLN K 28 48.13 -12.47 10.02
C GLN K 28 48.60 -13.88 10.33
N ARG K 29 48.15 -14.82 9.52
CA ARG K 29 48.66 -16.18 9.56
C ARG K 29 49.15 -16.53 8.16
N ARG K 30 49.76 -17.69 8.02
CA ARG K 30 50.15 -18.19 6.71
C ARG K 30 49.76 -19.66 6.58
N GLY K 31 49.54 -20.08 5.35
CA GLY K 31 49.05 -21.43 5.12
C GLY K 31 49.01 -21.75 3.64
N VAL K 32 48.36 -22.86 3.34
CA VAL K 32 48.25 -23.36 1.97
C VAL K 32 46.86 -23.08 1.45
N CYS K 33 46.78 -22.49 0.26
CA CYS K 33 45.50 -22.16 -0.35
C CYS K 33 45.10 -23.25 -1.35
N THR K 34 43.79 -23.36 -1.58
CA THR K 34 43.20 -24.32 -2.48
C THR K 34 41.82 -23.78 -2.86
N ARG K 35 41.15 -24.46 -3.79
CA ARG K 35 39.74 -24.20 -4.06
C ARG K 35 39.59 -22.72 -4.34
N VAL K 36 40.27 -22.27 -5.40
CA VAL K 36 40.43 -20.85 -5.69
C VAL K 36 39.35 -20.49 -6.71
N TYR K 37 38.36 -21.38 -6.84
CA TYR K 37 37.24 -21.13 -7.74
C TYR K 37 36.50 -19.85 -7.36
N THR K 38 36.13 -19.09 -8.38
CA THR K 38 35.38 -17.86 -8.21
C THR K 38 33.90 -18.14 -8.04
N THR K 39 33.28 -17.45 -7.09
CA THR K 39 31.86 -17.59 -6.83
C THR K 39 31.16 -16.26 -7.10
N THR K 40 29.87 -16.21 -6.78
CA THR K 40 29.05 -15.07 -7.13
C THR K 40 28.82 -14.14 -5.94
N PRO K 41 28.93 -12.83 -6.15
CA PRO K 41 28.54 -11.87 -5.12
C PRO K 41 27.04 -11.69 -5.05
N LYS K 42 26.58 -10.72 -4.26
CA LYS K 42 25.16 -10.46 -4.16
C LYS K 42 24.60 -9.99 -5.50
N LYS K 43 23.30 -10.26 -5.70
CA LYS K 43 22.66 -9.95 -6.97
C LYS K 43 22.73 -8.48 -7.35
N PRO K 44 22.44 -7.51 -6.46
CA PRO K 44 22.59 -6.09 -6.86
C PRO K 44 24.01 -5.74 -7.27
N ASN K 45 25.01 -6.35 -6.63
CA ASN K 45 26.41 -6.12 -6.99
C ASN K 45 26.83 -7.25 -7.95
N SER K 46 26.22 -7.24 -9.13
CA SER K 46 26.49 -8.28 -10.11
C SER K 46 27.92 -8.14 -10.61
N ALA K 47 28.72 -9.16 -10.34
CA ALA K 47 30.13 -9.23 -10.71
C ALA K 47 30.57 -10.67 -10.45
N LEU K 48 31.87 -10.91 -10.47
CA LEU K 48 32.43 -12.15 -9.95
C LEU K 48 33.77 -11.86 -9.29
N ARG K 49 33.92 -12.34 -8.05
CA ARG K 49 35.06 -12.02 -7.21
C ARG K 49 35.90 -13.27 -6.98
N LYS K 50 37.20 -13.14 -7.11
CA LYS K 50 38.12 -14.27 -7.03
C LYS K 50 38.51 -14.50 -5.57
N VAL K 51 38.26 -15.71 -5.08
CA VAL K 51 38.51 -16.07 -3.69
C VAL K 51 39.23 -17.42 -3.65
N ALA K 52 39.50 -17.89 -2.43
CA ALA K 52 40.12 -19.20 -2.24
C ALA K 52 39.82 -19.64 -0.81
N ARG K 53 40.08 -20.93 -0.55
CA ARG K 53 39.99 -21.47 0.80
C ARG K 53 41.39 -21.85 1.26
N VAL K 54 41.81 -21.28 2.39
CA VAL K 54 43.18 -21.46 2.88
C VAL K 54 43.13 -22.24 4.18
N LYS K 55 43.93 -23.32 4.24
CA LYS K 55 44.23 -23.98 5.51
C LYS K 55 45.44 -23.28 6.09
N LEU K 56 45.21 -22.48 7.13
CA LEU K 56 46.28 -21.71 7.72
C LEU K 56 47.14 -22.59 8.61
N THR K 57 48.26 -22.03 9.07
CA THR K 57 49.07 -22.73 10.04
C THR K 57 48.33 -22.89 11.37
N SER K 58 47.31 -22.08 11.60
CA SER K 58 46.48 -22.15 12.79
C SER K 58 45.59 -23.39 12.84
N GLN K 59 45.74 -24.31 11.89
CA GLN K 59 44.98 -25.56 11.84
C GLN K 59 43.48 -25.31 11.73
N VAL K 60 43.08 -24.21 11.11
CA VAL K 60 41.68 -23.92 10.81
C VAL K 60 41.58 -23.64 9.31
N GLU K 61 40.45 -24.00 8.72
CA GLU K 61 40.25 -23.93 7.28
C GLU K 61 39.29 -22.78 6.99
N VAL K 62 39.84 -21.64 6.54
CA VAL K 62 39.03 -20.44 6.40
C VAL K 62 38.92 -20.06 4.93
N THR K 63 38.16 -19.00 4.65
CA THR K 63 37.91 -18.51 3.30
C THR K 63 38.51 -17.12 3.15
N ALA K 64 39.43 -16.97 2.20
CA ALA K 64 40.14 -15.72 1.98
C ALA K 64 39.79 -15.15 0.61
N TYR K 65 39.80 -13.82 0.52
CA TYR K 65 39.56 -13.12 -0.73
C TYR K 65 40.89 -12.78 -1.42
N ILE K 66 40.82 -12.61 -2.74
CA ILE K 66 41.99 -12.25 -3.52
C ILE K 66 41.79 -10.83 -4.05
N PRO K 67 42.21 -9.81 -3.29
CA PRO K 67 41.95 -8.44 -3.72
C PRO K 67 42.78 -8.05 -4.93
N GLY K 68 42.30 -7.03 -5.63
CA GLY K 68 42.96 -6.54 -6.83
C GLY K 68 42.48 -7.23 -8.09
N GLU K 69 43.15 -6.89 -9.19
CA GLU K 69 42.78 -7.43 -10.49
C GLU K 69 43.51 -8.73 -10.80
N GLY K 70 44.84 -8.71 -10.77
CA GLY K 70 45.64 -9.88 -11.08
C GLY K 70 46.01 -10.64 -9.82
N HIS K 71 46.32 -11.93 -10.00
CA HIS K 71 46.70 -12.79 -8.89
C HIS K 71 47.94 -13.59 -9.26
N ASN K 72 48.71 -13.94 -8.24
CA ASN K 72 49.89 -14.77 -8.42
C ASN K 72 49.79 -16.14 -7.75
N LEU K 73 48.91 -16.27 -6.77
CA LEU K 73 48.80 -17.52 -6.02
C LEU K 73 48.14 -18.61 -6.85
N GLN K 74 48.57 -19.85 -6.60
CA GLN K 74 47.95 -21.04 -7.18
C GLN K 74 47.92 -22.11 -6.09
N GLU K 75 47.66 -23.34 -6.49
CA GLU K 75 47.60 -24.45 -5.54
C GLU K 75 48.96 -24.67 -4.89
N HIS K 76 48.93 -25.07 -3.61
CA HIS K 76 50.13 -25.31 -2.82
C HIS K 76 51.00 -24.05 -2.74
N SER K 77 50.43 -23.00 -2.16
CA SER K 77 51.08 -21.70 -2.06
C SER K 77 51.14 -21.26 -0.62
N MET K 78 52.24 -20.59 -0.25
CA MET K 78 52.45 -20.09 1.10
C MET K 78 51.80 -18.72 1.29
N VAL K 79 50.48 -18.73 1.26
CA VAL K 79 49.73 -17.48 1.26
C VAL K 79 49.56 -16.98 2.69
N LEU K 80 49.72 -15.67 2.86
CA LEU K 80 49.56 -15.01 4.15
C LEU K 80 48.17 -14.41 4.20
N VAL K 81 47.33 -14.96 5.08
CA VAL K 81 45.94 -14.56 5.22
C VAL K 81 45.81 -13.56 6.37
N ARG K 82 45.13 -12.46 6.10
CA ARG K 82 44.76 -11.46 7.10
C ARG K 82 43.25 -11.43 7.25
N GLY K 83 42.79 -10.85 8.36
CA GLY K 83 41.36 -10.71 8.58
C GLY K 83 40.74 -9.68 7.66
N GLY K 84 39.47 -9.89 7.34
CA GLY K 84 38.75 -8.97 6.49
C GLY K 84 37.26 -9.06 6.73
N ARG K 85 36.53 -8.18 6.05
CA ARG K 85 35.06 -8.13 6.16
C ARG K 85 34.52 -7.80 4.77
N VAL K 86 34.01 -8.82 4.08
CA VAL K 86 33.45 -8.67 2.75
C VAL K 86 31.96 -8.93 2.85
N LYS K 87 31.17 -7.86 3.00
CA LYS K 87 29.72 -8.01 3.00
C LYS K 87 29.18 -8.36 1.62
N ASP K 88 29.99 -8.16 0.57
CA ASP K 88 29.57 -8.53 -0.78
C ASP K 88 29.49 -10.04 -0.97
N LEU K 89 30.17 -10.81 -0.13
CA LEU K 89 30.21 -12.25 -0.32
C LEU K 89 29.73 -12.96 0.94
N PRO K 90 29.08 -14.11 0.79
CA PRO K 90 28.62 -14.87 1.96
C PRO K 90 29.76 -15.61 2.65
N GLY K 91 29.89 -15.42 3.96
CA GLY K 91 30.85 -16.18 4.73
C GLY K 91 32.29 -16.00 4.32
N VAL K 92 32.66 -14.82 3.83
CA VAL K 92 34.03 -14.52 3.42
C VAL K 92 34.51 -13.37 4.28
N ARG K 93 35.48 -13.64 5.15
CA ARG K 93 35.98 -12.65 6.08
C ARG K 93 37.49 -12.70 6.18
N TYR K 94 38.16 -12.90 5.04
CA TYR K 94 39.62 -12.95 5.03
C TYR K 94 40.13 -12.48 3.68
N LYS K 95 41.38 -12.03 3.69
CA LYS K 95 42.09 -11.61 2.49
C LYS K 95 43.49 -12.20 2.52
N ILE K 96 44.21 -12.03 1.42
CA ILE K 96 45.61 -12.44 1.33
C ILE K 96 46.43 -11.22 0.92
N ILE K 97 47.49 -10.94 1.68
CA ILE K 97 48.30 -9.76 1.45
C ILE K 97 49.11 -9.92 0.17
N ARG K 98 49.07 -8.90 -0.69
CA ARG K 98 49.89 -8.87 -1.89
C ARG K 98 51.27 -8.29 -1.56
N GLY K 99 52.23 -8.59 -2.44
CA GLY K 99 53.60 -8.18 -2.18
C GLY K 99 54.17 -8.78 -0.92
N SER K 100 53.95 -10.07 -0.72
CA SER K 100 54.22 -10.73 0.55
C SER K 100 54.68 -12.15 0.26
N LEU K 101 54.48 -13.04 1.23
CA LEU K 101 55.06 -14.39 1.19
C LEU K 101 54.89 -15.05 -0.17
N ASP K 102 53.66 -15.15 -0.66
CA ASP K 102 53.42 -15.87 -1.91
C ASP K 102 52.85 -14.98 -3.00
N THR K 103 51.76 -14.28 -2.72
CA THR K 103 51.01 -13.62 -3.79
C THR K 103 51.67 -12.30 -4.16
N GLN K 104 52.08 -12.19 -5.42
CA GLN K 104 52.70 -10.97 -5.91
C GLN K 104 51.69 -9.83 -5.90
N GLY K 105 52.20 -8.62 -5.68
CA GLY K 105 51.33 -7.46 -5.68
C GLY K 105 50.55 -7.30 -6.96
N VAL K 106 49.38 -6.66 -6.84
CA VAL K 106 48.50 -6.47 -7.98
C VAL K 106 49.20 -5.59 -9.00
N LYS K 107 49.19 -6.03 -10.26
CA LYS K 107 49.99 -5.37 -11.30
C LYS K 107 49.50 -3.96 -11.55
N ASN K 108 50.43 -3.01 -11.53
CA ASN K 108 50.21 -1.62 -11.91
C ASN K 108 49.16 -0.92 -11.05
N ARG K 109 48.96 -1.37 -9.82
CA ARG K 109 48.08 -0.65 -8.92
C ARG K 109 48.72 0.69 -8.55
N LYS K 110 47.98 1.79 -8.72
CA LYS K 110 48.52 3.12 -8.54
C LYS K 110 47.65 4.04 -7.71
N GLN K 111 46.34 3.80 -7.62
CA GLN K 111 45.51 4.61 -6.73
C GLN K 111 45.79 4.32 -5.26
N ALA K 112 45.94 3.05 -4.91
CA ALA K 112 46.31 2.70 -3.53
C ALA K 112 47.82 2.81 -3.32
N ARG K 113 48.59 1.99 -4.04
CA ARG K 113 50.06 2.04 -4.13
C ARG K 113 50.72 1.56 -2.83
N SER K 114 49.93 1.37 -1.78
CA SER K 114 50.42 0.66 -0.60
C SER K 114 49.72 -0.67 -0.42
N ARG K 115 48.39 -0.68 -0.52
CA ARG K 115 47.67 -1.93 -0.62
C ARG K 115 47.99 -2.60 -1.95
N TYR K 116 47.49 -3.83 -2.11
CA TYR K 116 47.61 -4.58 -3.35
C TYR K 116 49.05 -4.87 -3.73
N GLY K 117 49.97 -4.71 -2.78
CA GLY K 117 51.36 -5.08 -3.00
C GLY K 117 52.05 -4.37 -4.14
N ALA K 118 51.61 -3.16 -4.46
CA ALA K 118 52.20 -2.39 -5.54
C ALA K 118 53.39 -1.62 -4.98
N LYS K 119 54.60 -2.08 -5.31
CA LYS K 119 55.80 -1.41 -4.83
C LYS K 119 55.93 -0.02 -5.47
N LYS K 120 56.94 0.72 -5.01
CA LYS K 120 57.19 2.04 -5.57
C LYS K 120 57.57 1.92 -7.04
N GLU K 121 56.99 2.78 -7.86
CA GLU K 121 57.42 2.90 -9.24
C GLU K 121 58.78 3.59 -9.29
N LYS K 122 59.72 2.99 -10.01
CA LYS K 122 61.08 3.52 -10.06
C LYS K 122 61.14 4.84 -10.81
N ALA L 1 1.46 10.98 -48.10
CA ALA L 1 1.70 12.41 -47.92
C ALA L 1 3.17 12.74 -48.14
N LYS L 2 3.84 11.92 -48.93
CA LYS L 2 5.23 12.18 -49.29
C LYS L 2 5.32 13.49 -50.06
N LYS L 3 6.40 14.24 -49.81
CA LYS L 3 6.62 15.49 -50.54
C LYS L 3 6.64 15.24 -52.05
N ALA L 4 7.14 14.07 -52.46
CA ALA L 4 7.07 13.69 -53.86
C ALA L 4 5.63 13.57 -54.33
N LEU L 5 4.77 12.96 -53.50
CA LEU L 5 3.36 12.85 -53.86
C LEU L 5 2.68 14.22 -53.86
N VAL L 6 3.08 15.09 -52.94
CA VAL L 6 2.54 16.44 -52.90
C VAL L 6 2.88 17.19 -54.19
N HIS L 7 4.15 17.13 -54.60
CA HIS L 7 4.55 17.73 -55.87
C HIS L 7 3.91 17.04 -57.06
N LYS L 8 3.65 15.74 -56.95
CA LYS L 8 3.02 14.99 -58.03
C LYS L 8 1.59 15.46 -58.27
N ALA L 9 0.80 15.58 -57.19
CA ALA L 9 -0.54 16.14 -57.32
C ALA L 9 -0.50 17.62 -57.69
N ASN L 10 0.53 18.33 -57.25
CA ASN L 10 0.70 19.72 -57.66
C ASN L 10 1.20 19.84 -59.10
N LYS L 11 1.93 18.85 -59.59
CA LYS L 11 2.35 18.84 -60.98
C LYS L 11 1.15 18.58 -61.89
N LYS L 12 1.29 18.99 -63.15
CA LYS L 12 0.20 18.85 -64.10
C LYS L 12 -0.08 17.38 -64.38
N PRO L 13 -1.34 16.97 -64.43
CA PRO L 13 -1.66 15.60 -64.84
C PRO L 13 -1.86 15.49 -66.34
N LYS L 14 -1.59 14.30 -66.87
CA LYS L 14 -1.79 14.02 -68.28
C LYS L 14 -3.22 13.60 -68.60
N PHE L 15 -4.07 13.48 -67.59
CA PHE L 15 -5.48 13.17 -67.78
C PHE L 15 -6.32 14.11 -66.92
N ALA L 16 -7.51 14.45 -67.42
CA ALA L 16 -8.41 15.34 -66.70
C ALA L 16 -9.03 14.70 -65.47
N VAL L 17 -8.85 13.39 -65.28
CA VAL L 17 -9.46 12.68 -64.16
C VAL L 17 -8.48 12.42 -63.02
N ARG L 18 -7.19 12.68 -63.21
CA ARG L 18 -6.20 12.43 -62.18
C ARG L 18 -6.19 13.47 -61.08
N ALA L 19 -6.88 14.58 -61.26
CA ALA L 19 -6.84 15.67 -60.29
C ALA L 19 -7.60 15.29 -59.02
N TYR L 20 -6.97 15.51 -57.87
CA TYR L 20 -7.61 15.33 -56.57
C TYR L 20 -7.11 16.43 -55.65
N THR L 21 -7.58 16.41 -54.40
CA THR L 21 -7.37 17.56 -53.52
C THR L 21 -5.95 17.59 -52.98
N ARG L 22 -5.56 16.59 -52.18
CA ARG L 22 -4.24 16.53 -51.56
C ARG L 22 -3.90 17.83 -50.84
N CYS L 23 -4.63 18.07 -49.74
CA CYS L 23 -4.44 19.26 -48.91
C CYS L 23 -2.97 19.60 -48.75
N ASN L 24 -2.62 20.82 -49.16
CA ASN L 24 -1.21 21.19 -49.30
C ASN L 24 -0.54 21.48 -47.97
N LYS L 25 -1.29 21.99 -46.98
CA LYS L 25 -0.67 22.43 -45.74
C LYS L 25 -0.03 21.26 -44.99
N CYS L 26 -0.70 20.11 -44.95
CA CYS L 26 -0.19 18.95 -44.24
C CYS L 26 0.14 17.78 -45.17
N GLY L 27 -0.75 17.48 -46.12
CA GLY L 27 -0.54 16.39 -47.05
C GLY L 27 -1.62 15.32 -47.06
N ARG L 28 -2.67 15.46 -46.27
CA ARG L 28 -3.73 14.45 -46.26
C ARG L 28 -4.63 14.64 -47.47
N PRO L 29 -4.73 13.65 -48.36
CA PRO L 29 -5.56 13.83 -49.56
C PRO L 29 -7.04 13.57 -49.35
N HIS L 30 -7.41 12.77 -48.35
CA HIS L 30 -8.78 12.40 -48.12
C HIS L 30 -9.47 13.39 -47.19
N SER L 31 -10.79 13.52 -47.36
CA SER L 31 -11.62 14.42 -46.56
C SER L 31 -11.11 15.86 -46.66
N VAL L 32 -11.06 16.37 -47.89
CA VAL L 32 -10.67 17.74 -48.17
C VAL L 32 -11.82 18.39 -48.94
N TYR L 33 -12.22 19.57 -48.49
CA TYR L 33 -13.42 20.22 -49.00
C TYR L 33 -13.07 21.29 -50.03
N ARG L 34 -14.10 21.97 -50.53
CA ARG L 34 -13.94 23.04 -51.51
C ARG L 34 -13.91 24.42 -50.85
N LYS L 35 -14.78 24.64 -49.86
CA LYS L 35 -14.90 25.95 -49.24
C LYS L 35 -13.63 26.34 -48.50
N PHE L 36 -12.83 25.35 -48.07
CA PHE L 36 -11.59 25.61 -47.36
C PHE L 36 -10.39 24.89 -47.94
N GLY L 37 -10.56 23.71 -48.51
CA GLY L 37 -9.46 22.98 -49.11
C GLY L 37 -8.41 22.50 -48.14
N LEU L 38 -8.82 21.99 -46.98
CA LEU L 38 -7.90 21.49 -45.97
C LEU L 38 -8.42 20.18 -45.39
N CYS L 39 -7.61 19.57 -44.53
CA CYS L 39 -7.99 18.35 -43.84
C CYS L 39 -8.65 18.69 -42.51
N ARG L 40 -9.29 17.68 -41.90
CA ARG L 40 -10.03 17.90 -40.66
C ARG L 40 -9.11 18.21 -39.49
N ILE L 41 -7.99 17.51 -39.40
CA ILE L 41 -7.10 17.65 -38.23
C ILE L 41 -6.46 19.02 -38.21
N CYS L 42 -6.09 19.55 -39.38
CA CYS L 42 -5.58 20.91 -39.45
C CYS L 42 -6.72 21.93 -39.35
N LEU L 43 -7.90 21.59 -39.86
CA LEU L 43 -9.02 22.53 -39.78
C LEU L 43 -9.38 22.84 -38.35
N ARG L 44 -9.46 21.80 -37.50
CA ARG L 44 -9.80 22.02 -36.09
C ARG L 44 -8.76 22.90 -35.41
N GLU L 45 -7.48 22.69 -35.72
CA GLU L 45 -6.43 23.43 -35.05
C GLU L 45 -6.38 24.89 -35.50
N MET L 46 -6.60 25.13 -36.79
CA MET L 46 -6.69 26.52 -37.25
C MET L 46 -7.91 27.20 -36.64
N ALA L 47 -9.04 26.48 -36.60
CA ALA L 47 -10.29 27.07 -36.14
C ALA L 47 -10.24 27.41 -34.66
N HIS L 48 -9.64 26.54 -33.84
CA HIS L 48 -9.54 26.85 -32.42
C HIS L 48 -8.60 28.03 -32.15
N ALA L 49 -7.73 28.36 -33.10
CA ALA L 49 -6.80 29.46 -32.91
C ALA L 49 -7.44 30.83 -33.10
N GLY L 50 -8.62 30.90 -33.73
CA GLY L 50 -9.30 32.16 -33.91
C GLY L 50 -8.80 33.01 -35.06
N GLU L 51 -7.82 32.52 -35.83
CA GLU L 51 -7.27 33.29 -36.93
C GLU L 51 -8.23 33.39 -38.10
N LEU L 52 -9.27 32.55 -38.14
CA LEU L 52 -10.22 32.55 -39.24
C LEU L 52 -11.30 33.58 -38.97
N PRO L 53 -11.51 34.56 -39.85
CA PRO L 53 -12.45 35.65 -39.55
C PRO L 53 -13.91 35.26 -39.74
N GLY L 54 -14.51 34.61 -38.74
CA GLY L 54 -15.93 34.35 -38.82
C GLY L 54 -16.41 33.04 -38.24
N VAL L 55 -15.58 32.00 -38.25
CA VAL L 55 -15.99 30.71 -37.70
C VAL L 55 -15.95 30.80 -36.17
N GLN L 56 -16.99 30.26 -35.54
CA GLN L 56 -17.06 30.24 -34.09
C GLN L 56 -17.84 28.99 -33.68
N LYS L 57 -18.14 28.89 -32.39
CA LYS L 57 -18.91 27.76 -31.88
C LYS L 57 -20.38 27.90 -32.24
N SER L 58 -21.00 26.77 -32.56
CA SER L 58 -22.41 26.71 -32.90
C SER L 58 -23.19 26.18 -31.70
N SER L 59 -24.26 26.88 -31.33
CA SER L 59 -25.06 26.48 -30.17
C SER L 59 -26.45 27.07 -30.33
N TRP L 60 -27.43 26.21 -30.60
CA TRP L 60 -28.81 26.65 -30.80
C TRP L 60 -29.77 25.83 -29.95
N ALA M 1 -17.89 -26.39 61.51
CA ALA M 1 -16.96 -25.33 61.89
C ALA M 1 -16.80 -25.27 63.40
N LEU M 2 -16.07 -24.26 63.88
CA LEU M 2 -15.87 -24.06 65.31
C LEU M 2 -17.19 -23.57 65.90
N THR M 3 -17.96 -24.49 66.47
CA THR M 3 -19.27 -24.13 67.00
C THR M 3 -19.12 -23.12 68.12
N ALA M 4 -20.07 -22.19 68.21
CA ALA M 4 -19.95 -21.06 69.10
C ALA M 4 -19.84 -21.47 70.57
N GLU M 5 -20.25 -22.69 70.92
CA GLU M 5 -20.19 -23.17 72.28
C GLU M 5 -18.92 -23.96 72.58
N GLN M 6 -18.47 -24.80 71.64
CA GLN M 6 -17.26 -25.58 71.87
C GLN M 6 -16.03 -24.67 71.93
N LYS M 7 -15.99 -23.66 71.06
CA LYS M 7 -14.89 -22.71 71.12
C LYS M 7 -14.88 -21.96 72.45
N LYS M 8 -16.06 -21.63 72.98
CA LYS M 8 -16.11 -20.90 74.24
C LYS M 8 -15.61 -21.75 75.40
N GLU M 9 -16.04 -23.02 75.46
CA GLU M 9 -15.56 -23.89 76.53
C GLU M 9 -14.07 -24.16 76.38
N ILE M 10 -13.58 -24.23 75.15
CA ILE M 10 -12.15 -24.41 74.92
C ILE M 10 -11.38 -23.19 75.40
N LEU M 11 -11.92 -21.99 75.13
CA LEU M 11 -11.30 -20.77 75.62
C LEU M 11 -11.27 -20.75 77.13
N GLY M 12 -12.35 -21.18 77.77
CA GLY M 12 -12.33 -21.29 79.22
C GLY M 12 -11.29 -22.29 79.72
N GLN M 13 -11.19 -23.43 79.03
CA GLN M 13 -10.26 -24.48 79.44
C GLN M 13 -8.81 -24.00 79.33
N TYR M 14 -8.35 -23.74 78.12
CA TYR M 14 -6.92 -23.53 77.87
C TYR M 14 -6.56 -22.06 77.75
N GLY M 15 -7.54 -21.16 77.69
CA GLY M 15 -7.22 -19.74 77.60
C GLY M 15 -6.54 -19.26 78.87
N LEU M 16 -5.78 -18.17 78.71
CA LEU M 16 -5.03 -17.63 79.84
C LEU M 16 -5.97 -17.26 80.99
N HIS M 17 -7.12 -16.70 80.67
CA HIS M 17 -8.15 -16.41 81.66
C HIS M 17 -9.46 -16.21 80.91
N ASP M 18 -10.46 -15.71 81.62
CA ASP M 18 -11.74 -15.43 80.98
C ASP M 18 -11.62 -14.24 80.03
N THR M 19 -12.51 -14.22 79.03
CA THR M 19 -12.66 -13.12 78.08
C THR M 19 -11.39 -12.86 77.27
N ASP M 20 -10.33 -13.64 77.47
CA ASP M 20 -9.07 -13.42 76.76
C ASP M 20 -9.03 -14.30 75.52
N THR M 21 -10.09 -14.20 74.73
CA THR M 21 -10.10 -14.80 73.41
C THR M 21 -9.10 -14.06 72.54
N GLY M 22 -8.37 -14.80 71.72
CA GLY M 22 -7.35 -14.22 70.89
C GLY M 22 -5.96 -14.24 71.49
N SER M 23 -5.84 -14.58 72.77
CA SER M 23 -4.53 -14.82 73.33
C SER M 23 -3.89 -16.00 72.59
N PRO M 24 -2.56 -16.02 72.50
CA PRO M 24 -1.93 -16.98 71.59
C PRO M 24 -2.31 -18.42 71.89
N GLU M 25 -2.32 -18.81 73.16
CA GLU M 25 -2.76 -20.16 73.52
C GLU M 25 -4.21 -20.38 73.14
N ALA M 26 -5.04 -19.35 73.33
CA ALA M 26 -6.46 -19.48 73.02
C ALA M 26 -6.67 -19.77 71.55
N GLN M 27 -6.07 -18.95 70.69
CA GLN M 27 -6.20 -19.19 69.25
C GLN M 27 -5.60 -20.52 68.87
N VAL M 28 -4.49 -20.90 69.50
CA VAL M 28 -3.86 -22.19 69.20
C VAL M 28 -4.87 -23.30 69.47
N ALA M 29 -5.51 -23.26 70.63
CA ALA M 29 -6.48 -24.31 70.96
C ALA M 29 -7.64 -24.30 69.98
N LEU M 30 -8.18 -23.13 69.67
CA LEU M 30 -9.33 -23.05 68.77
C LEU M 30 -8.99 -23.64 67.42
N LEU M 31 -7.90 -23.18 66.81
CA LEU M 31 -7.53 -23.68 65.49
C LEU M 31 -7.10 -25.13 65.54
N THR M 32 -6.49 -25.57 66.63
CA THR M 32 -6.10 -26.98 66.76
C THR M 32 -7.33 -27.87 66.73
N LYS M 33 -8.36 -27.48 67.47
CA LYS M 33 -9.57 -28.30 67.51
C LYS M 33 -10.30 -28.23 66.18
N ARG M 34 -10.28 -27.06 65.52
CA ARG M 34 -10.85 -26.98 64.17
C ARG M 34 -10.13 -27.91 63.21
N ILE M 35 -8.80 -27.99 63.33
CA ILE M 35 -8.02 -28.88 62.48
C ILE M 35 -8.39 -30.33 62.75
N GLN M 36 -8.52 -30.67 64.03
CA GLN M 36 -8.96 -32.03 64.37
C GLN M 36 -10.33 -32.32 63.77
N ASP M 37 -11.22 -31.33 63.76
CA ASP M 37 -12.53 -31.52 63.14
C ASP M 37 -12.40 -31.83 61.67
N LEU M 38 -11.67 -30.98 60.94
CA LEU M 38 -11.49 -31.18 59.50
C LEU M 38 -10.74 -32.46 59.16
N THR M 39 -9.98 -33.00 60.12
CA THR M 39 -9.18 -34.21 59.88
C THR M 39 -10.04 -35.34 59.33
N GLU M 40 -11.24 -35.52 59.88
CA GLU M 40 -12.09 -36.62 59.45
C GLU M 40 -13.04 -36.22 58.34
N HIS M 41 -13.41 -34.94 58.27
CA HIS M 41 -14.18 -34.47 57.13
C HIS M 41 -13.43 -34.72 55.83
N LEU M 42 -12.10 -34.51 55.86
CA LEU M 42 -11.29 -34.85 54.70
C LEU M 42 -11.20 -36.36 54.50
N LYS M 43 -11.14 -37.14 55.57
CA LYS M 43 -11.00 -38.58 55.44
C LYS M 43 -12.27 -39.25 54.90
N VAL M 44 -13.43 -38.61 55.06
CA VAL M 44 -14.64 -39.08 54.41
C VAL M 44 -14.89 -38.38 53.09
N HIS M 45 -14.62 -37.08 52.98
CA HIS M 45 -14.62 -36.39 51.69
C HIS M 45 -13.22 -36.46 51.09
N LYS M 46 -12.85 -37.68 50.68
CA LYS M 46 -11.49 -37.96 50.24
C LYS M 46 -11.08 -37.11 49.06
N HIS M 47 -12.03 -36.59 48.29
CA HIS M 47 -11.73 -35.77 47.13
C HIS M 47 -12.27 -34.35 47.30
N ASP M 48 -12.32 -33.87 48.54
CA ASP M 48 -12.77 -32.51 48.78
C ASP M 48 -11.87 -31.51 48.05
N HIS M 49 -10.57 -31.60 48.28
CA HIS M 49 -9.56 -30.86 47.52
C HIS M 49 -9.75 -29.35 47.62
N HIS M 50 -10.71 -28.90 48.43
CA HIS M 50 -11.03 -27.49 48.55
C HIS M 50 -10.99 -26.98 49.98
N SER M 51 -11.33 -27.82 50.95
CA SER M 51 -11.13 -27.46 52.35
C SER M 51 -9.70 -27.68 52.83
N ARG M 52 -8.90 -28.43 52.06
CA ARG M 52 -7.50 -28.63 52.44
C ARG M 52 -6.72 -27.32 52.44
N ARG M 53 -7.10 -26.38 51.58
CA ARG M 53 -6.44 -25.08 51.56
C ARG M 53 -6.66 -24.33 52.87
N GLY M 54 -7.90 -24.33 53.37
CA GLY M 54 -8.16 -23.75 54.68
C GLY M 54 -7.46 -24.52 55.78
N LEU M 55 -7.38 -25.85 55.65
CA LEU M 55 -6.59 -26.65 56.57
C LEU M 55 -5.17 -26.12 56.66
N LEU M 56 -4.52 -25.94 55.51
CA LEU M 56 -3.13 -25.51 55.50
C LEU M 56 -2.99 -24.07 56.00
N LEU M 57 -3.94 -23.20 55.66
CA LEU M 57 -3.87 -21.82 56.13
C LEU M 57 -3.97 -21.76 57.65
N LEU M 58 -4.89 -22.53 58.23
CA LEU M 58 -5.02 -22.52 59.68
C LEU M 58 -3.80 -23.16 60.35
N VAL M 59 -3.24 -24.20 59.73
CA VAL M 59 -2.02 -24.80 60.27
C VAL M 59 -0.90 -23.77 60.28
N GLY M 60 -0.75 -23.03 59.18
CA GLY M 60 0.28 -22.02 59.11
C GLY M 60 0.08 -20.91 60.13
N ARG M 61 -1.17 -20.50 60.35
CA ARG M 61 -1.44 -19.50 61.37
C ARG M 61 -1.13 -20.03 62.77
N ARG M 62 -1.43 -21.31 63.00
CA ARG M 62 -1.10 -21.93 64.28
C ARG M 62 0.40 -21.90 64.53
N ARG M 63 1.19 -22.24 63.51
CA ARG M 63 2.64 -22.21 63.68
C ARG M 63 3.15 -20.78 63.82
N ARG M 64 2.57 -19.85 63.07
CA ARG M 64 2.98 -18.45 63.12
C ARG M 64 2.66 -17.84 64.47
N LEU M 65 1.69 -18.39 65.18
CA LEU M 65 1.45 -17.97 66.56
C LEU M 65 2.28 -18.76 67.55
N LEU M 66 2.58 -20.02 67.23
CA LEU M 66 3.43 -20.84 68.10
C LEU M 66 4.80 -20.21 68.25
N LYS M 67 5.34 -19.67 67.15
CA LYS M 67 6.62 -19.00 67.23
C LYS M 67 6.56 -17.78 68.15
N TYR M 68 5.46 -17.03 68.12
CA TYR M 68 5.32 -15.90 69.03
C TYR M 68 5.17 -16.36 70.46
N VAL M 69 4.51 -17.49 70.67
CA VAL M 69 4.43 -18.07 72.02
C VAL M 69 5.83 -18.39 72.53
N ALA M 70 6.63 -19.05 71.70
CA ALA M 70 7.97 -19.45 72.12
C ALA M 70 8.86 -18.23 72.40
N GLN M 71 8.76 -17.20 71.55
CA GLN M 71 9.69 -16.08 71.70
C GLN M 71 9.39 -15.26 72.95
N VAL M 72 8.11 -15.09 73.31
CA VAL M 72 7.78 -14.32 74.50
C VAL M 72 8.21 -15.06 75.76
N ASP M 73 7.90 -16.36 75.82
CA ASP M 73 8.26 -17.18 76.97
C ASP M 73 8.23 -18.64 76.55
N VAL M 74 9.39 -19.30 76.60
CA VAL M 74 9.47 -20.71 76.24
C VAL M 74 8.65 -21.56 77.20
N ALA M 75 8.46 -21.08 78.44
CA ALA M 75 7.75 -21.88 79.44
C ALA M 75 6.31 -22.15 79.00
N ARG M 76 5.58 -21.09 78.66
CA ARG M 76 4.20 -21.27 78.19
C ARG M 76 4.17 -22.09 76.92
N TYR M 77 5.18 -21.92 76.06
CA TYR M 77 5.26 -22.70 74.84
C TYR M 77 5.32 -24.19 75.14
N ARG M 78 6.24 -24.60 76.00
CA ARG M 78 6.33 -26.01 76.39
C ARG M 78 5.05 -26.46 77.08
N SER M 79 4.49 -25.62 77.94
CA SER M 79 3.26 -25.96 78.64
C SER M 79 2.18 -26.36 77.66
N LEU M 80 1.92 -25.50 76.68
CA LEU M 80 0.90 -25.81 75.69
C LEU M 80 1.31 -26.97 74.79
N ILE M 81 2.61 -27.11 74.51
CA ILE M 81 3.06 -28.17 73.60
C ILE M 81 2.75 -29.54 74.19
N GLU M 82 3.13 -29.76 75.44
CA GLU M 82 2.78 -31.03 76.07
C GLU M 82 1.34 -31.09 76.55
N ARG M 83 0.65 -29.95 76.66
CA ARG M 83 -0.78 -29.98 76.94
C ARG M 83 -1.55 -30.57 75.78
N LEU M 84 -1.28 -30.09 74.57
CA LEU M 84 -1.98 -30.56 73.38
C LEU M 84 -1.34 -31.79 72.76
N GLY M 85 -0.15 -32.19 73.25
CA GLY M 85 0.50 -33.36 72.71
C GLY M 85 1.07 -33.18 71.32
N LEU M 86 1.27 -31.94 70.89
CA LEU M 86 1.85 -31.70 69.56
C LEU M 86 3.27 -32.24 69.52
N ARG M 87 3.62 -32.84 68.39
CA ARG M 87 4.93 -33.46 68.15
C ARG M 87 5.50 -34.20 69.36
N ALA N 1 75.63 -10.10 57.26
CA ALA N 1 75.60 -8.92 58.11
C ALA N 1 74.96 -7.73 57.39
N VAL N 2 75.35 -6.52 57.77
CA VAL N 2 74.75 -5.28 57.28
C VAL N 2 75.84 -4.43 56.64
N LYS N 3 75.53 -3.81 55.50
CA LYS N 3 76.47 -2.92 54.85
C LYS N 3 75.75 -1.68 54.34
N ILE N 4 76.43 -0.54 54.40
CA ILE N 4 75.98 0.69 53.78
C ILE N 4 76.50 0.70 52.35
N LYS N 5 75.58 0.87 51.40
CA LYS N 5 75.88 0.67 49.99
C LYS N 5 75.58 1.93 49.18
N LEU N 6 76.20 1.99 48.00
CA LEU N 6 75.86 2.96 46.97
C LEU N 6 75.03 2.25 45.91
N THR N 7 73.85 2.80 45.60
CA THR N 7 72.98 2.21 44.59
C THR N 7 72.81 3.21 43.44
N ARG N 8 72.68 2.68 42.23
CA ARG N 8 72.76 3.49 41.02
C ARG N 8 71.38 3.96 40.57
N LEU N 9 71.33 5.19 40.07
CA LEU N 9 70.10 5.80 39.55
C LEU N 9 70.47 6.84 38.50
N GLY N 10 69.47 7.23 37.71
CA GLY N 10 69.65 8.16 36.62
C GLY N 10 69.65 7.47 35.27
N LYS N 11 69.85 8.27 34.22
CA LYS N 11 69.97 7.71 32.89
C LYS N 11 71.42 7.28 32.64
N ILE N 12 71.74 6.93 31.40
CA ILE N 12 72.93 6.11 31.13
C ILE N 12 74.22 6.89 31.39
N ARG N 13 74.48 7.95 30.61
CA ARG N 13 75.79 8.58 30.65
C ARG N 13 76.07 9.29 31.96
N ASN N 14 75.04 9.75 32.65
CA ASN N 14 75.22 10.48 33.90
C ASN N 14 74.84 9.62 35.10
N PRO N 15 75.81 9.14 35.88
CA PRO N 15 75.47 8.30 37.03
C PRO N 15 75.05 9.11 38.24
N GLN N 16 74.17 8.53 39.03
CA GLN N 16 73.75 9.06 40.32
C GLN N 16 73.68 7.91 41.31
N TYR N 17 73.75 8.21 42.60
CA TYR N 17 73.85 7.19 43.63
C TYR N 17 73.04 7.61 44.84
N ARG N 18 72.36 6.63 45.43
CA ARG N 18 71.74 6.77 46.72
C ARG N 18 72.50 5.93 47.73
N ILE N 19 72.86 6.53 48.86
CA ILE N 19 73.55 5.84 49.94
C ILE N 19 72.48 5.21 50.82
N ILE N 20 72.39 3.88 50.76
CA ILE N 20 71.37 3.12 51.44
C ILE N 20 72.05 2.23 52.48
N VAL N 21 71.24 1.57 53.30
CA VAL N 21 71.71 0.57 54.24
C VAL N 21 70.96 -0.72 53.95
N ALA N 22 71.69 -1.82 53.77
CA ALA N 22 71.02 -3.03 53.32
C ALA N 22 71.86 -4.26 53.65
N ASP N 23 71.21 -5.42 53.54
CA ASP N 23 71.90 -6.69 53.64
C ASP N 23 72.75 -6.93 52.42
N ALA N 24 73.87 -7.63 52.63
CA ALA N 24 74.73 -8.02 51.51
C ALA N 24 74.01 -8.96 50.57
N ARG N 25 73.24 -9.90 51.10
CA ARG N 25 72.63 -10.92 50.25
C ARG N 25 71.61 -10.37 49.27
N THR N 26 71.37 -9.06 49.26
CA THR N 26 70.44 -8.45 48.31
C THR N 26 71.15 -8.18 46.99
N ARG N 27 70.51 -7.42 46.11
CA ARG N 27 71.13 -6.93 44.90
C ARG N 27 71.45 -5.45 45.07
N ARG N 28 72.04 -4.85 44.03
CA ARG N 28 72.43 -3.45 44.08
C ARG N 28 71.23 -2.52 44.24
N ASP N 29 70.04 -2.97 43.88
CA ASP N 29 68.84 -2.13 43.83
C ASP N 29 67.67 -2.82 44.51
N GLY N 30 67.91 -3.38 45.68
CA GLY N 30 66.86 -4.02 46.45
C GLY N 30 66.11 -3.02 47.32
N ARG N 31 65.32 -3.56 48.24
CA ARG N 31 64.54 -2.74 49.17
C ARG N 31 65.48 -2.09 50.17
N ALA N 32 65.60 -0.77 50.11
CA ALA N 32 66.45 -0.04 51.03
C ALA N 32 65.77 0.06 52.39
N ILE N 33 66.46 -0.37 53.44
CA ILE N 33 65.90 -0.24 54.79
C ILE N 33 65.69 1.24 55.12
N GLU N 34 66.69 2.08 54.81
CA GLU N 34 66.49 3.51 54.88
C GLU N 34 67.51 4.18 53.96
N VAL N 35 67.04 5.13 53.17
CA VAL N 35 67.94 5.96 52.39
C VAL N 35 68.59 6.97 53.34
N ILE N 36 69.90 6.86 53.50
CA ILE N 36 70.63 7.71 54.43
C ILE N 36 71.47 8.77 53.74
N GLY N 37 71.65 8.69 52.42
CA GLY N 37 72.39 9.72 51.73
C GLY N 37 72.16 9.66 50.23
N ARG N 38 72.80 10.59 49.54
CA ARG N 38 72.80 10.60 48.09
C ARG N 38 74.06 11.31 47.62
N TYR N 39 74.49 10.96 46.41
CA TYR N 39 75.80 11.36 45.91
C TYR N 39 75.77 11.22 44.40
N HIS N 40 76.52 12.06 43.71
CA HIS N 40 76.57 11.89 42.25
C HIS N 40 77.95 12.21 41.74
N PRO N 41 78.69 11.22 41.22
CA PRO N 41 79.96 11.53 40.58
C PRO N 41 79.80 12.45 39.37
N LYS N 42 78.67 12.37 38.67
CA LYS N 42 78.48 13.16 37.46
C LYS N 42 78.48 14.66 37.76
N GLU N 43 77.81 15.07 38.82
CA GLU N 43 77.77 16.50 39.15
C GLU N 43 79.16 16.97 39.53
N GLU N 44 79.40 18.28 39.34
CA GLU N 44 80.70 18.90 39.54
C GLU N 44 81.33 18.51 40.88
N PRO N 45 80.71 18.79 42.02
CA PRO N 45 81.39 18.57 43.30
C PRO N 45 81.22 17.17 43.87
N SER N 46 80.77 16.21 43.06
CA SER N 46 80.41 14.89 43.56
C SER N 46 79.50 15.04 44.77
N LEU N 47 78.53 15.94 44.66
CA LEU N 47 77.83 16.47 45.83
C LEU N 47 77.12 15.36 46.59
N ILE N 48 77.26 15.39 47.91
CA ILE N 48 76.70 14.37 48.78
C ILE N 48 75.82 15.04 49.82
N GLN N 49 74.64 14.46 50.05
CA GLN N 49 73.71 14.92 51.07
C GLN N 49 73.28 13.70 51.86
N ILE N 50 73.66 13.63 53.13
CA ILE N 50 73.52 12.41 53.92
C ILE N 50 72.70 12.69 55.17
N ASP N 51 71.74 11.80 55.43
CA ASP N 51 71.10 11.74 56.74
C ASP N 51 72.13 11.34 57.78
N SER N 52 72.45 12.25 58.70
CA SER N 52 73.64 12.09 59.52
C SER N 52 73.40 11.16 60.71
N GLU N 53 72.45 11.52 61.57
CA GLU N 53 72.30 10.80 62.83
C GLU N 53 71.82 9.37 62.63
N ARG N 54 71.06 9.10 61.57
CA ARG N 54 70.70 7.72 61.28
C ARG N 54 71.94 6.91 60.93
N ALA N 55 72.86 7.50 60.16
CA ALA N 55 74.12 6.85 59.89
C ALA N 55 74.90 6.65 61.17
N GLN N 56 74.83 7.62 62.09
CA GLN N 56 75.47 7.45 63.39
C GLN N 56 74.91 6.24 64.11
N TYR N 57 73.58 6.11 64.14
CA TYR N 57 72.95 4.96 64.75
C TYR N 57 73.40 3.66 64.10
N TRP N 58 73.40 3.62 62.77
CA TRP N 58 73.67 2.38 62.08
C TRP N 58 75.13 1.97 62.20
N LEU N 59 76.03 2.96 62.23
CA LEU N 59 77.42 2.66 62.57
C LEU N 59 77.52 2.15 64.00
N GLY N 60 76.72 2.70 64.91
CA GLY N 60 76.72 2.21 66.28
C GLY N 60 76.32 0.75 66.39
N VAL N 61 75.22 0.38 65.70
CA VAL N 61 74.76 -1.00 65.76
C VAL N 61 75.63 -1.93 64.93
N GLY N 62 76.47 -1.38 64.06
CA GLY N 62 77.43 -2.19 63.33
C GLY N 62 77.28 -2.22 61.83
N ALA N 63 76.77 -1.14 61.24
CA ALA N 63 76.74 -1.04 59.78
C ALA N 63 78.15 -0.88 59.25
N GLN N 64 78.45 -1.55 58.14
CA GLN N 64 79.79 -1.61 57.57
C GLN N 64 79.75 -1.01 56.16
N PRO N 65 80.14 0.25 56.00
CA PRO N 65 80.06 0.90 54.69
C PRO N 65 80.92 0.20 53.65
N THR N 66 80.46 0.21 52.41
CA THR N 66 81.27 -0.29 51.31
C THR N 66 82.49 0.62 51.13
N GLU N 67 83.52 0.06 50.49
CA GLU N 67 84.77 0.78 50.34
C GLU N 67 84.61 2.18 49.78
N PRO N 68 83.91 2.40 48.65
CA PRO N 68 83.68 3.78 48.24
C PRO N 68 82.65 4.46 49.11
N VAL N 69 81.73 3.71 49.72
CA VAL N 69 80.80 4.29 50.67
C VAL N 69 81.55 4.81 51.89
N LEU N 70 82.50 4.01 52.39
CA LEU N 70 83.36 4.48 53.47
C LEU N 70 84.17 5.68 53.02
N ALA N 71 84.65 5.66 51.78
CA ALA N 71 85.34 6.81 51.24
C ALA N 71 84.47 8.05 51.31
N LEU N 72 83.21 7.91 50.90
CA LEU N 72 82.28 9.03 50.97
C LEU N 72 82.07 9.49 52.41
N LEU N 73 81.99 8.53 53.33
CA LEU N 73 81.84 8.87 54.75
C LEU N 73 82.98 9.76 55.19
N LYS N 74 84.21 9.37 54.87
CA LYS N 74 85.36 10.21 55.20
C LYS N 74 85.29 11.54 54.48
N ILE N 75 84.83 11.52 53.22
CA ILE N 75 84.65 12.73 52.45
C ILE N 75 83.69 13.67 53.16
N THR N 76 82.78 13.12 53.95
CA THR N 76 81.89 13.94 54.74
C THR N 76 82.49 14.33 56.07
N GLY N 77 83.41 13.51 56.59
CA GLY N 77 83.82 13.60 57.97
C GLY N 77 82.91 12.87 58.94
N ASP N 78 81.90 12.15 58.42
CA ASP N 78 81.04 11.36 59.30
C ASP N 78 81.82 10.27 60.02
N TRP N 79 82.79 9.66 59.33
CA TRP N 79 83.62 8.66 59.98
C TRP N 79 84.49 9.27 61.07
N GLN N 80 84.57 10.59 61.13
CA GLN N 80 85.24 11.30 62.21
C GLN N 80 84.29 11.67 63.34
N LYS N 81 83.09 11.10 63.35
CA LYS N 81 82.14 11.28 64.43
C LYS N 81 81.84 9.98 65.17
N PHE N 82 81.42 8.94 64.45
CA PHE N 82 81.23 7.63 65.07
C PHE N 82 82.54 7.11 65.65
N LYS N 83 83.60 7.10 64.83
CA LYS N 83 84.92 6.88 65.37
C LYS N 83 85.43 8.09 66.13
N GLY N 84 85.07 9.30 65.67
CA GLY N 84 85.36 10.51 66.41
C GLY N 84 86.82 10.75 66.70
N LEU N 85 87.72 10.24 65.87
CA LEU N 85 89.14 10.34 66.17
C LEU N 85 89.63 11.78 66.23
N PRO N 86 89.41 12.63 65.23
CA PRO N 86 89.77 14.05 65.39
C PRO N 86 88.59 14.91 65.79
N GLY N 87 87.39 14.33 65.76
CA GLY N 87 86.16 15.09 65.81
C GLY N 87 85.56 15.28 64.42
N ALA N 88 84.27 15.58 64.41
CA ALA N 88 83.53 15.71 63.16
C ALA N 88 83.66 17.12 62.61
N GLU N 89 84.01 17.23 61.33
CA GLU N 89 84.12 18.50 60.65
C GLU N 89 83.63 18.36 59.22
N GLY N 90 83.24 19.48 58.62
CA GLY N 90 82.81 19.48 57.23
C GLY N 90 83.96 19.17 56.31
N THR N 91 83.94 17.98 55.72
CA THR N 91 85.02 17.52 54.86
C THR N 91 84.70 17.61 53.38
N LEU N 92 83.45 17.39 52.99
CA LEU N 92 83.06 17.47 51.58
C LEU N 92 83.08 18.92 51.09
N LYS N 93 83.39 19.08 49.81
CA LYS N 93 83.35 20.37 49.15
C LYS N 93 81.89 20.68 48.78
N VAL N 94 81.66 21.74 47.99
CA VAL N 94 80.31 22.15 47.65
C VAL N 94 80.29 22.67 46.22
N LYS N 95 79.09 22.69 45.64
CA LYS N 95 78.89 23.37 44.37
C LYS N 95 79.21 24.85 44.51
N GLU N 96 79.73 25.44 43.45
CA GLU N 96 80.13 26.84 43.46
C GLU N 96 78.90 27.73 43.70
N PRO N 97 79.11 28.93 44.26
CA PRO N 97 77.97 29.79 44.64
C PRO N 97 76.91 29.96 43.56
N LYS N 98 77.28 30.46 42.38
CA LYS N 98 76.40 30.65 41.23
C LYS N 98 75.37 31.73 41.48
N PRO N 99 74.98 32.51 40.45
CA PRO N 99 73.94 33.53 40.65
C PRO N 99 72.56 32.93 40.83
N SER N 100 71.55 33.78 41.03
CA SER N 100 70.19 33.36 41.28
C SER N 100 69.37 33.44 40.00
N LYS N 101 68.07 33.18 40.14
CA LYS N 101 67.18 33.26 39.00
C LYS N 101 66.87 34.72 38.65
N LEU N 102 66.76 35.58 39.66
CA LEU N 102 66.30 36.95 39.41
C LEU N 102 67.48 37.89 39.15
N ASP N 103 68.59 37.70 39.86
CA ASP N 103 69.73 38.59 39.70
C ASP N 103 70.31 38.51 38.30
N LEU N 104 70.13 37.39 37.60
CA LEU N 104 70.58 37.29 36.21
C LEU N 104 69.88 38.32 35.34
N PHE N 105 68.56 38.38 35.39
CA PHE N 105 67.84 39.37 34.60
C PHE N 105 68.05 40.78 35.15
N ASN N 106 68.28 40.91 36.46
CA ASN N 106 68.61 42.23 37.00
C ASN N 106 69.91 42.75 36.37
N ALA N 107 70.94 41.91 36.31
CA ALA N 107 72.19 42.30 35.69
C ALA N 107 72.02 42.53 34.19
N ALA N 108 71.19 41.71 33.53
CA ALA N 108 70.94 41.91 32.11
C ALA N 108 70.28 43.27 31.85
N LEU N 109 69.31 43.64 32.67
CA LEU N 109 68.67 44.94 32.53
C LEU N 109 69.65 46.07 32.82
N ALA N 110 70.49 45.90 33.84
CA ALA N 110 71.49 46.92 34.15
C ALA N 110 72.47 47.11 32.99
N GLU N 111 72.91 46.01 32.37
CA GLU N 111 73.79 46.11 31.22
C GLU N 111 73.09 46.75 30.04
N ALA N 112 71.83 46.40 29.81
CA ALA N 112 71.10 46.92 28.66
C ALA N 112 70.91 48.43 28.74
N GLU N 113 70.59 48.95 29.92
CA GLU N 113 70.33 50.38 30.08
C GLU N 113 71.33 51.01 31.06
N GLY O 1 82.91 -3.72 81.92
CA GLY O 1 81.52 -3.55 82.29
C GLY O 1 80.90 -4.77 82.94
N PRO O 2 79.60 -4.73 83.21
CA PRO O 2 78.94 -5.89 83.82
C PRO O 2 78.97 -7.10 82.89
N LYS O 3 79.07 -8.28 83.50
CA LYS O 3 79.07 -9.50 82.69
C LYS O 3 77.70 -9.73 82.07
N TYR O 4 76.63 -9.32 82.75
CA TYR O 4 75.27 -9.54 82.29
C TYR O 4 74.67 -8.22 81.83
N THR O 5 74.21 -8.20 80.57
CA THR O 5 73.52 -7.05 80.03
C THR O 5 72.06 -7.39 79.75
N PRO O 6 71.14 -6.52 80.16
CA PRO O 6 69.72 -6.91 80.22
C PRO O 6 68.98 -6.80 78.90
N ALA O 7 67.70 -7.15 78.89
CA ALA O 7 66.87 -7.14 77.70
C ALA O 7 65.61 -6.32 77.90
N ALA O 8 64.69 -6.36 76.94
CA ALA O 8 63.49 -5.53 76.94
C ALA O 8 62.25 -6.39 77.17
N GLU O 9 61.11 -5.72 77.33
CA GLU O 9 59.85 -6.39 77.67
C GLU O 9 58.98 -6.69 76.45
N LYS O 10 59.29 -6.09 75.29
CA LYS O 10 58.55 -6.25 74.04
C LYS O 10 57.05 -6.18 74.30
N PRO O 11 56.50 -4.98 74.60
CA PRO O 11 55.08 -4.85 74.97
C PRO O 11 54.16 -5.71 74.13
N ARG O 12 53.43 -6.58 74.82
CA ARG O 12 52.83 -7.76 74.22
C ARG O 12 51.36 -7.85 74.64
N GLY O 13 50.56 -8.45 73.77
CA GLY O 13 49.17 -8.70 74.11
C GLY O 13 48.21 -8.41 72.97
N ARG O 14 46.99 -8.02 73.34
CA ARG O 14 45.95 -7.66 72.37
C ARG O 14 45.66 -8.80 71.41
N ARG O 15 45.82 -10.04 71.87
CA ARG O 15 45.37 -11.18 71.08
C ARG O 15 43.89 -11.02 70.79
N LYS O 16 43.49 -11.27 69.55
CA LYS O 16 42.14 -10.96 69.10
C LYS O 16 41.11 -11.56 70.04
N THR O 17 40.25 -10.68 70.57
CA THR O 17 39.24 -11.05 71.55
C THR O 17 37.90 -10.49 71.08
N ALA O 18 36.87 -11.34 71.09
CA ALA O 18 35.57 -10.96 70.55
C ALA O 18 34.47 -11.70 71.30
N ILE O 19 33.25 -11.18 71.19
CA ILE O 19 32.08 -11.74 71.85
C ILE O 19 31.37 -12.70 70.90
N GLY O 20 31.20 -13.94 71.34
CA GLY O 20 30.53 -14.94 70.53
C GLY O 20 29.50 -15.68 71.36
N TYR O 21 28.80 -16.59 70.69
CA TYR O 21 27.77 -17.42 71.33
C TYR O 21 28.17 -18.88 71.17
N VAL O 22 28.36 -19.56 72.30
CA VAL O 22 28.69 -20.99 72.25
C VAL O 22 27.50 -21.75 71.71
N VAL O 23 27.74 -22.62 70.73
CA VAL O 23 26.64 -23.30 70.06
C VAL O 23 26.81 -24.81 69.99
N SER O 24 28.02 -25.35 70.04
CA SER O 24 28.23 -26.79 69.88
C SER O 24 29.15 -27.31 70.97
N ASP O 25 28.85 -26.95 72.21
CA ASP O 25 29.63 -27.40 73.36
C ASP O 25 29.36 -28.89 73.51
N LYS O 26 30.03 -29.67 72.68
CA LYS O 26 29.74 -31.09 72.52
C LYS O 26 30.91 -31.99 72.86
N MET O 27 32.13 -31.65 72.44
CA MET O 27 33.26 -32.54 72.59
C MET O 27 34.12 -32.13 73.78
N GLN O 28 34.82 -33.11 74.35
CA GLN O 28 35.62 -32.91 75.55
C GLN O 28 36.60 -31.77 75.36
N LYS O 29 36.59 -30.83 76.31
CA LYS O 29 37.50 -29.69 76.28
C LYS O 29 37.37 -28.94 74.95
N THR O 30 36.14 -28.83 74.46
CA THR O 30 35.91 -28.31 73.11
C THR O 30 34.56 -27.61 73.04
N ILE O 31 34.56 -26.40 72.51
CA ILE O 31 33.33 -25.69 72.21
C ILE O 31 33.43 -25.12 70.80
N VAL O 32 32.27 -24.78 70.23
CA VAL O 32 32.19 -24.12 68.94
C VAL O 32 31.41 -22.83 69.14
N VAL O 33 31.95 -21.72 68.65
CA VAL O 33 31.40 -20.40 68.90
C VAL O 33 31.15 -19.72 67.57
N GLU O 34 30.22 -18.77 67.58
CA GLU O 34 29.81 -18.03 66.38
C GLU O 34 29.95 -16.54 66.62
N LEU O 35 30.14 -15.79 65.53
CA LEU O 35 30.33 -14.35 65.60
C LEU O 35 29.43 -13.66 64.60
N GLU O 36 29.26 -12.35 64.78
CA GLU O 36 28.43 -11.54 63.90
C GLU O 36 29.28 -10.50 63.19
N ASP O 37 28.98 -10.27 61.92
CA ASP O 37 29.57 -9.18 61.17
C ASP O 37 28.46 -8.33 60.56
N ARG O 38 28.76 -7.06 60.34
CA ARG O 38 27.84 -6.16 59.65
C ARG O 38 28.67 -5.29 58.72
N LYS O 39 28.69 -5.64 57.44
CA LYS O 39 29.63 -5.06 56.50
C LYS O 39 28.88 -4.47 55.32
N SER O 40 29.24 -3.25 54.95
CA SER O 40 28.69 -2.63 53.76
C SER O 40 29.16 -3.37 52.51
N HIS O 41 28.25 -3.61 51.58
CA HIS O 41 28.62 -4.31 50.37
C HIS O 41 29.58 -3.44 49.55
N PRO O 42 30.60 -4.05 48.93
CA PRO O 42 31.56 -3.25 48.16
C PRO O 42 30.93 -2.49 47.01
N LEU O 43 29.90 -3.04 46.39
CA LEU O 43 29.33 -2.48 45.17
C LEU O 43 27.99 -1.81 45.40
N TYR O 44 27.01 -2.54 45.93
CA TYR O 44 25.66 -1.98 46.06
C TYR O 44 25.55 -1.08 47.28
N GLY O 45 25.73 -1.65 48.47
CA GLY O 45 25.58 -0.90 49.71
C GLY O 45 24.63 -1.55 50.68
N LYS O 46 24.19 -2.77 50.34
CA LYS O 46 23.32 -3.55 51.21
C LYS O 46 24.19 -4.24 52.27
N ILE O 47 24.15 -3.72 53.50
CA ILE O 47 25.01 -4.22 54.56
C ILE O 47 24.63 -5.67 54.85
N ILE O 48 25.52 -6.58 54.55
CA ILE O 48 25.30 -8.00 54.79
C ILE O 48 25.82 -8.37 56.17
N ARG O 49 25.19 -9.37 56.77
CA ARG O 49 25.44 -9.79 58.13
C ARG O 49 25.66 -11.30 58.13
N THR O 50 26.89 -11.72 58.38
CA THR O 50 27.25 -13.13 58.31
C THR O 50 27.97 -13.55 59.58
N THR O 51 28.33 -14.84 59.62
CA THR O 51 28.79 -15.51 60.83
C THR O 51 30.04 -16.33 60.53
N LYS O 52 30.50 -17.07 61.55
CA LYS O 52 31.72 -17.84 61.47
C LYS O 52 31.83 -18.83 62.64
N LYS O 53 32.12 -20.08 62.35
CA LYS O 53 32.10 -21.16 63.34
C LYS O 53 33.52 -21.44 63.81
N VAL O 54 33.98 -20.65 64.78
CA VAL O 54 35.31 -20.84 65.33
C VAL O 54 35.25 -22.00 66.32
N LYS O 55 36.38 -22.65 66.55
CA LYS O 55 36.48 -23.71 67.54
C LYS O 55 37.39 -23.26 68.67
N ALA O 56 36.90 -23.43 69.89
CA ALA O 56 37.55 -22.90 71.08
C ALA O 56 37.82 -24.02 72.05
N HIS O 57 38.85 -23.83 72.86
CA HIS O 57 39.27 -24.78 73.87
C HIS O 57 38.67 -24.34 75.19
N ASP O 58 37.93 -25.24 75.83
CA ASP O 58 37.48 -25.02 77.21
C ASP O 58 38.06 -26.14 78.07
N GLU O 59 39.18 -25.86 78.72
CA GLU O 59 39.80 -26.81 79.62
C GLU O 59 38.90 -27.15 80.80
N ASN O 60 37.90 -26.31 81.10
CA ASN O 60 37.03 -26.51 82.25
C ASN O 60 35.61 -26.91 81.90
N GLY O 61 35.18 -26.78 80.65
CA GLY O 61 33.81 -27.10 80.30
C GLY O 61 32.77 -26.16 80.87
N GLU O 62 33.17 -24.91 81.15
CA GLU O 62 32.26 -23.95 81.77
C GLU O 62 31.12 -23.56 80.83
N ALA O 63 31.38 -23.46 79.54
CA ALA O 63 30.39 -22.94 78.61
C ALA O 63 29.26 -23.95 78.39
N GLY O 64 28.36 -23.60 77.49
CA GLY O 64 27.23 -24.43 77.14
C GLY O 64 26.51 -23.84 75.95
N ILE O 65 25.48 -24.57 75.49
CA ILE O 65 24.78 -24.16 74.28
C ILE O 65 24.15 -22.80 74.48
N GLY O 66 24.33 -21.92 73.50
CA GLY O 66 23.67 -20.63 73.49
C GLY O 66 24.08 -19.68 74.60
N ASP O 67 25.38 -19.58 74.88
CA ASP O 67 25.88 -18.69 75.91
C ASP O 67 26.64 -17.55 75.28
N ARG O 68 26.34 -16.33 75.71
CA ARG O 68 27.08 -15.14 75.29
C ARG O 68 28.40 -15.06 76.04
N VAL O 69 29.48 -15.51 75.41
CA VAL O 69 30.79 -15.56 76.04
C VAL O 69 31.75 -14.69 75.26
N SER O 70 32.99 -14.58 75.75
CA SER O 70 34.05 -13.88 75.06
C SER O 70 35.20 -14.85 74.80
N LEU O 71 36.00 -14.54 73.78
CA LEU O 71 37.08 -15.42 73.36
C LEU O 71 38.29 -14.60 72.98
N MET O 72 39.46 -15.01 73.46
CA MET O 72 40.72 -14.49 72.97
C MET O 72 41.44 -15.61 72.22
N GLU O 73 42.10 -15.25 71.12
CA GLU O 73 42.84 -16.25 70.37
C GLU O 73 44.13 -16.57 71.08
N THR O 74 44.59 -17.81 70.91
CA THR O 74 45.80 -18.29 71.55
C THR O 74 46.82 -18.62 70.48
N ARG O 75 47.90 -19.27 70.91
CA ARG O 75 48.68 -20.03 69.96
C ARG O 75 47.81 -21.16 69.42
N PRO O 76 48.12 -21.66 68.24
CA PRO O 76 47.36 -22.81 67.74
C PRO O 76 47.47 -24.00 68.68
N LEU O 77 46.33 -24.37 69.26
CA LEU O 77 46.30 -25.39 70.29
C LEU O 77 45.91 -26.75 69.75
N SER O 78 45.38 -26.81 68.54
CA SER O 78 45.15 -28.07 67.83
C SER O 78 44.77 -27.72 66.40
N ALA O 79 44.58 -28.75 65.59
CA ALA O 79 44.18 -28.56 64.20
C ALA O 79 42.74 -28.08 64.16
N THR O 80 42.56 -26.78 63.98
CA THR O 80 41.27 -26.07 64.08
C THR O 80 40.73 -26.02 65.51
N LYS O 81 41.52 -25.46 66.43
CA LYS O 81 40.97 -25.00 67.71
C LYS O 81 41.95 -23.95 68.24
N ARG O 82 41.59 -22.68 68.13
CA ARG O 82 42.53 -21.60 68.40
C ARG O 82 41.89 -20.49 69.22
N TRP O 83 41.13 -20.83 70.25
CA TRP O 83 40.39 -19.83 70.99
C TRP O 83 40.33 -20.22 72.46
N ARG O 84 40.36 -19.20 73.33
CA ARG O 84 40.39 -19.41 74.77
C ARG O 84 39.16 -18.72 75.35
N LEU O 85 38.31 -19.46 76.05
CA LEU O 85 37.08 -18.89 76.59
C LEU O 85 37.42 -18.14 77.87
N VAL O 86 37.30 -16.81 77.83
CA VAL O 86 37.59 -15.97 78.98
C VAL O 86 36.52 -14.89 79.04
N GLU O 87 36.27 -14.39 80.26
CA GLU O 87 35.33 -13.30 80.51
C GLU O 87 33.89 -13.70 80.14
N ILE O 88 33.46 -14.85 80.65
CA ILE O 88 32.09 -15.32 80.40
C ILE O 88 31.12 -14.39 81.09
N LEU O 89 30.04 -14.02 80.40
CA LEU O 89 29.09 -13.06 80.95
C LEU O 89 27.63 -13.45 80.79
N GLU O 90 27.30 -14.37 79.87
CA GLU O 90 25.95 -14.92 79.82
C GLU O 90 25.99 -16.42 79.60
N LYS O 91 25.06 -17.10 80.24
CA LYS O 91 24.66 -18.48 79.98
C LYS O 91 23.25 -18.52 79.43
N ALA O 92 23.02 -19.48 78.55
CA ALA O 92 21.69 -19.75 77.99
C ALA O 92 21.06 -18.49 77.39
N LYS P 1 -42.38 -3.42 38.75
CA LYS P 1 -41.04 -3.15 38.23
C LYS P 1 -40.61 -1.73 38.58
N THR P 2 -39.30 -1.48 38.48
CA THR P 2 -38.69 -0.16 38.67
C THR P 2 -38.83 0.35 40.11
N ARG P 3 -39.49 -0.42 40.97
CA ARG P 3 -39.46 -0.12 42.40
C ARG P 3 -38.18 -0.69 43.01
N LYS P 4 -38.00 -0.41 44.30
CA LYS P 4 -36.93 -1.09 45.02
C LYS P 4 -37.15 -2.59 45.02
N CYS P 5 -38.38 -3.01 45.26
CA CYS P 5 -38.86 -4.37 45.03
C CYS P 5 -40.36 -4.37 45.29
N VAL P 6 -40.96 -5.56 45.22
CA VAL P 6 -42.28 -5.75 45.80
C VAL P 6 -42.16 -6.37 47.19
N PHE P 7 -40.96 -6.77 47.60
CA PHE P 7 -40.68 -7.27 48.94
C PHE P 7 -39.76 -6.34 49.70
N CYS P 8 -38.62 -5.98 49.09
CA CYS P 8 -37.65 -5.07 49.68
C CYS P 8 -38.18 -3.65 49.81
N SER P 9 -39.30 -3.32 49.17
CA SER P 9 -39.89 -1.99 49.24
C SER P 9 -41.27 -1.99 49.89
N LYS P 10 -42.15 -2.91 49.50
CA LYS P 10 -43.44 -3.02 50.18
C LYS P 10 -43.26 -3.36 51.65
N LYS P 11 -42.11 -3.94 52.01
CA LYS P 11 -41.61 -4.16 53.36
C LYS P 11 -42.49 -5.09 54.18
N GLY P 12 -43.60 -5.55 53.61
CA GLY P 12 -44.27 -6.73 54.15
C GLY P 12 -44.78 -7.67 53.08
N GLN P 13 -44.20 -8.87 52.97
CA GLN P 13 -44.68 -9.92 52.08
C GLN P 13 -43.75 -11.11 52.24
N THR P 14 -44.21 -12.27 51.79
CA THR P 14 -43.44 -13.51 51.90
C THR P 14 -43.60 -14.33 50.63
N ILE P 15 -42.66 -15.27 50.45
CA ILE P 15 -42.65 -16.20 49.33
C ILE P 15 -42.66 -17.62 49.87
N ASP P 16 -43.54 -18.46 49.34
CA ASP P 16 -43.63 -19.85 49.71
C ASP P 16 -43.74 -20.71 48.46
N TYR P 17 -43.19 -21.91 48.52
CA TYR P 17 -43.37 -22.82 47.39
C TYR P 17 -44.78 -23.43 47.41
N LYS P 18 -45.32 -23.65 48.62
CA LYS P 18 -46.69 -24.12 48.74
C LYS P 18 -47.67 -23.10 48.21
N ASP P 19 -47.35 -21.81 48.36
CA ASP P 19 -48.14 -20.75 47.76
C ASP P 19 -47.90 -20.73 46.26
N THR P 20 -48.34 -21.78 45.57
CA THR P 20 -48.08 -21.90 44.13
C THR P 20 -48.70 -20.77 43.35
N ALA P 21 -49.81 -20.21 43.84
CA ALA P 21 -50.45 -19.10 43.15
C ALA P 21 -49.55 -17.87 43.11
N LEU P 22 -48.93 -17.53 44.24
CA LEU P 22 -48.07 -16.35 44.28
C LEU P 22 -46.85 -16.52 43.38
N LEU P 23 -46.25 -17.72 43.39
CA LEU P 23 -45.11 -17.98 42.50
C LEU P 23 -45.53 -17.94 41.04
N ARG P 24 -46.72 -18.47 40.73
CA ARG P 24 -47.20 -18.51 39.36
C ARG P 24 -47.33 -17.11 38.75
N THR P 25 -47.49 -16.09 39.58
CA THR P 25 -47.57 -14.72 39.07
C THR P 25 -46.30 -14.29 38.38
N TYR P 26 -45.17 -14.94 38.66
CA TYR P 26 -43.90 -14.59 38.06
C TYR P 26 -43.45 -15.56 36.99
N ILE P 27 -44.03 -16.75 36.92
CA ILE P 27 -43.64 -17.75 35.94
C ILE P 27 -44.32 -17.46 34.61
N SER P 28 -43.87 -18.12 33.54
CA SER P 28 -44.46 -17.97 32.23
C SER P 28 -45.65 -18.91 32.08
N GLU P 29 -46.16 -19.04 30.86
CA GLU P 29 -47.27 -19.96 30.61
C GLU P 29 -46.86 -21.40 30.90
N ARG P 30 -45.77 -21.85 30.29
CA ARG P 30 -45.27 -23.19 30.56
C ARG P 30 -44.58 -23.28 31.91
N GLY P 31 -44.19 -22.16 32.48
CA GLY P 31 -43.39 -22.13 33.69
C GLY P 31 -42.00 -21.57 33.49
N LYS P 32 -41.71 -21.02 32.32
CA LYS P 32 -40.40 -20.44 32.07
C LYS P 32 -40.16 -19.24 32.98
N ILE P 33 -38.89 -18.94 33.21
CA ILE P 33 -38.48 -18.07 34.30
C ILE P 33 -38.08 -16.71 33.75
N ARG P 34 -38.54 -15.66 34.42
CA ARG P 34 -38.21 -14.30 34.00
C ARG P 34 -36.74 -14.03 34.29
N ALA P 35 -36.18 -13.05 33.58
CA ALA P 35 -34.79 -12.70 33.77
C ALA P 35 -34.57 -12.11 35.17
N ARG P 36 -33.29 -11.88 35.48
CA ARG P 36 -32.92 -11.33 36.79
C ARG P 36 -33.54 -9.97 37.03
N ARG P 37 -33.92 -9.24 35.98
CA ARG P 37 -34.40 -7.87 36.12
C ARG P 37 -35.75 -7.62 35.46
N VAL P 38 -36.48 -8.68 35.07
CA VAL P 38 -37.74 -8.48 34.36
C VAL P 38 -38.81 -7.89 35.28
N THR P 39 -38.95 -8.44 36.48
CA THR P 39 -40.04 -8.08 37.37
C THR P 39 -39.71 -6.89 38.27
N GLY P 40 -38.49 -6.36 38.20
CA GLY P 40 -38.13 -5.21 39.01
C GLY P 40 -38.15 -5.44 40.50
N ASN P 41 -37.58 -6.54 40.95
CA ASN P 41 -37.51 -6.88 42.37
C ASN P 41 -36.06 -7.07 42.80
N CYS P 42 -35.81 -6.88 44.09
CA CYS P 42 -34.46 -7.05 44.63
C CYS P 42 -33.97 -8.47 44.42
N VAL P 43 -32.67 -8.59 44.13
CA VAL P 43 -32.13 -9.75 43.43
C VAL P 43 -32.25 -11.03 44.27
N GLN P 44 -32.05 -10.91 45.58
CA GLN P 44 -32.10 -12.10 46.43
C GLN P 44 -33.46 -12.78 46.34
N HIS P 45 -34.53 -11.98 46.32
CA HIS P 45 -35.86 -12.55 46.15
C HIS P 45 -35.98 -13.26 44.82
N GLN P 46 -35.41 -12.68 43.76
CA GLN P 46 -35.43 -13.33 42.45
C GLN P 46 -34.74 -14.68 42.50
N ARG P 47 -33.56 -14.76 43.11
CA ARG P 47 -32.81 -16.00 43.13
C ARG P 47 -33.53 -17.07 43.97
N ASP P 48 -34.04 -16.67 45.13
CA ASP P 48 -34.76 -17.62 45.97
C ASP P 48 -36.02 -18.10 45.28
N ILE P 49 -36.72 -17.20 44.59
CA ILE P 49 -37.90 -17.59 43.83
C ILE P 49 -37.52 -18.56 42.73
N ALA P 50 -36.39 -18.34 42.08
CA ALA P 50 -35.94 -19.25 41.02
C ALA P 50 -35.68 -20.64 41.57
N VAL P 51 -35.00 -20.73 42.71
CA VAL P 51 -34.73 -22.03 43.33
C VAL P 51 -36.05 -22.68 43.74
N ALA P 52 -36.98 -21.90 44.29
CA ALA P 52 -38.27 -22.43 44.67
C ALA P 52 -39.03 -22.95 43.46
N VAL P 53 -38.90 -22.26 42.33
CA VAL P 53 -39.57 -22.70 41.11
C VAL P 53 -38.95 -24.00 40.59
N LYS P 54 -37.62 -24.12 40.70
CA LYS P 54 -36.98 -25.39 40.39
C LYS P 54 -37.59 -26.51 41.22
N ASN P 55 -37.67 -26.29 42.53
CA ASN P 55 -38.22 -27.30 43.43
C ASN P 55 -39.67 -27.60 43.09
N ALA P 56 -40.44 -26.57 42.76
CA ALA P 56 -41.85 -26.76 42.41
C ALA P 56 -41.99 -27.59 41.14
N ARG P 57 -41.18 -27.31 40.13
CA ARG P 57 -41.16 -28.15 38.94
C ARG P 57 -40.81 -29.59 39.30
N GLU P 58 -39.92 -29.78 40.25
CA GLU P 58 -39.61 -31.13 40.69
C GLU P 58 -40.77 -31.80 41.39
N VAL P 59 -41.58 -31.04 42.14
CA VAL P 59 -42.66 -31.61 42.94
C VAL P 59 -43.98 -31.65 42.21
N ALA P 60 -44.03 -31.18 40.96
CA ALA P 60 -45.22 -31.29 40.09
C ALA P 60 -46.43 -30.55 40.67
N LEU P 61 -46.28 -29.22 40.81
CA LEU P 61 -47.40 -28.35 41.10
C LEU P 61 -47.48 -27.14 40.18
N LEU P 62 -46.49 -26.92 39.33
CA LEU P 62 -46.44 -25.80 38.39
C LEU P 62 -46.13 -26.35 37.00
N PRO P 63 -46.57 -25.64 35.94
CA PRO P 63 -46.64 -26.28 34.61
C PRO P 63 -45.32 -26.75 34.02
N PHE P 64 -44.22 -26.65 34.77
CA PHE P 64 -42.93 -27.21 34.35
C PHE P 64 -42.44 -26.57 33.06
N ASN Q 1 77.53 -32.24 35.67
CA ASN Q 1 77.89 -30.96 36.26
C ASN Q 1 78.93 -31.12 37.38
N ILE Q 2 80.08 -30.49 37.20
CA ILE Q 2 81.16 -30.55 38.18
C ILE Q 2 81.88 -29.21 38.15
N LYS Q 3 81.96 -28.54 39.30
CA LYS Q 3 82.48 -27.18 39.31
C LYS Q 3 83.16 -26.87 40.66
N SER Q 4 84.48 -27.06 40.71
CA SER Q 4 85.38 -26.47 41.70
C SER Q 4 84.87 -26.58 43.14
N GLN Q 5 84.03 -27.56 43.45
CA GLN Q 5 83.57 -27.72 44.82
C GLN Q 5 83.35 -29.18 45.21
N ILE Q 6 84.00 -30.12 44.53
CA ILE Q 6 83.94 -31.51 44.97
C ILE Q 6 84.59 -31.65 46.34
N LYS Q 7 85.52 -30.74 46.68
CA LYS Q 7 86.02 -30.68 48.06
C LYS Q 7 84.87 -30.52 49.04
N ARG Q 8 83.88 -29.70 48.71
CA ARG Q 8 82.69 -29.60 49.55
C ARG Q 8 81.93 -30.92 49.59
N ILE Q 9 81.90 -31.65 48.48
CA ILE Q 9 81.25 -32.95 48.46
C ILE Q 9 81.88 -33.88 49.48
N ARG Q 10 83.21 -33.99 49.44
CA ARG Q 10 83.91 -34.85 50.38
C ARG Q 10 83.76 -34.37 51.81
N THR Q 11 83.84 -33.06 52.02
CA THR Q 11 83.69 -32.49 53.36
C THR Q 11 82.33 -32.82 53.94
N ASN Q 12 81.27 -32.66 53.14
CA ASN Q 12 79.93 -32.93 53.62
C ASN Q 12 79.71 -34.42 53.85
N GLU Q 13 80.29 -35.27 52.99
CA GLU Q 13 80.19 -36.71 53.24
C GLU Q 13 80.82 -37.08 54.57
N ARG Q 14 82.01 -36.56 54.84
CA ARG Q 14 82.67 -36.83 56.12
C ARG Q 14 81.85 -36.30 57.29
N ARG Q 15 81.35 -35.07 57.16
CA ARG Q 15 80.63 -34.43 58.26
C ARG Q 15 79.33 -35.17 58.57
N ARG Q 16 78.62 -35.62 57.55
CA ARG Q 16 77.40 -36.37 57.78
C ARG Q 16 77.65 -37.84 58.09
N LEU Q 17 78.88 -38.32 57.88
CA LEU Q 17 79.17 -39.71 58.22
C LEU Q 17 79.59 -39.87 59.67
N ARG Q 18 80.34 -38.91 60.22
CA ARG Q 18 80.69 -38.99 61.65
C ARG Q 18 79.44 -38.90 62.52
N ASN Q 19 78.52 -38.00 62.16
CA ASN Q 19 77.30 -37.83 62.95
C ASN Q 19 76.45 -39.09 62.95
N GLN Q 20 76.60 -39.96 61.95
CA GLN Q 20 75.84 -41.20 61.95
C GLN Q 20 76.20 -42.04 63.17
N SER Q 21 77.49 -42.30 63.37
CA SER Q 21 77.91 -43.07 64.54
C SER Q 21 77.62 -42.32 65.83
N VAL Q 22 77.83 -41.00 65.83
CA VAL Q 22 77.57 -40.22 67.05
C VAL Q 22 76.11 -40.36 67.46
N LYS Q 23 75.19 -40.18 66.51
CA LYS Q 23 73.78 -40.27 66.80
C LYS Q 23 73.37 -41.69 67.18
N SER Q 24 73.96 -42.69 66.53
CA SER Q 24 73.65 -44.07 66.92
C SER Q 24 74.05 -44.33 68.37
N SER Q 25 75.24 -43.87 68.77
CA SER Q 25 75.68 -44.07 70.15
C SER Q 25 74.76 -43.33 71.13
N LEU Q 26 74.43 -42.08 70.83
CA LEU Q 26 73.60 -41.31 71.74
C LEU Q 26 72.19 -41.92 71.86
N ARG Q 27 71.64 -42.37 70.74
CA ARG Q 27 70.32 -43.00 70.77
C ARG Q 27 70.35 -44.32 71.52
N THR Q 28 71.44 -45.08 71.39
CA THR Q 28 71.56 -46.31 72.17
C THR Q 28 71.65 -46.01 73.66
N ALA Q 29 72.38 -44.96 74.04
CA ALA Q 29 72.42 -44.56 75.45
C ALA Q 29 71.04 -44.16 75.95
N ILE Q 30 70.30 -43.40 75.13
CA ILE Q 30 68.97 -42.97 75.53
C ILE Q 30 68.02 -44.15 75.68
N ARG Q 31 68.08 -45.10 74.74
CA ARG Q 31 67.24 -46.28 74.88
C ARG Q 31 67.61 -47.08 76.12
N GLY Q 32 68.91 -47.18 76.43
CA GLY Q 32 69.32 -47.85 77.66
C GLY Q 32 68.74 -47.18 78.89
N PHE Q 33 68.80 -45.85 78.92
CA PHE Q 33 68.13 -45.11 79.99
C PHE Q 33 66.64 -45.41 80.03
N ARG Q 34 66.04 -45.63 78.86
CA ARG Q 34 64.62 -45.99 78.83
C ARG Q 34 64.39 -47.32 79.53
N GLU Q 35 65.22 -48.33 79.23
CA GLU Q 35 65.04 -49.59 79.97
C GLU Q 35 65.31 -49.42 81.44
N ALA Q 36 66.23 -48.53 81.82
CA ALA Q 36 66.48 -48.28 83.24
C ALA Q 36 65.25 -47.71 83.91
N VAL Q 37 64.61 -46.73 83.28
CA VAL Q 37 63.46 -46.08 83.92
C VAL Q 37 62.26 -47.01 83.96
N ASP Q 38 61.98 -47.72 82.86
CA ASP Q 38 60.79 -48.57 82.84
C ASP Q 38 60.94 -49.74 83.81
N ALA Q 39 62.17 -50.19 84.04
CA ALA Q 39 62.40 -51.29 84.96
C ALA Q 39 62.09 -50.93 86.40
N GLY Q 40 61.94 -49.65 86.72
CA GLY Q 40 61.60 -49.23 88.06
C GLY Q 40 62.77 -49.11 89.01
N ASP Q 41 64.00 -49.00 88.51
CA ASP Q 41 65.19 -48.86 89.33
C ASP Q 41 65.63 -47.40 89.28
N LYS Q 42 65.74 -46.76 90.45
CA LYS Q 42 65.96 -45.32 90.45
C LYS Q 42 67.45 -44.94 90.48
N ASP Q 43 68.30 -45.77 91.09
CA ASP Q 43 69.72 -45.45 91.12
C ASP Q 43 70.33 -45.54 89.72
N LYS Q 44 70.05 -46.64 89.02
CA LYS Q 44 70.54 -46.79 87.66
C LYS Q 44 70.01 -45.68 86.77
N ALA Q 45 68.74 -45.32 86.95
CA ALA Q 45 68.16 -44.22 86.19
C ALA Q 45 68.87 -42.91 86.49
N SER Q 46 69.16 -42.65 87.77
CA SER Q 46 69.85 -41.42 88.12
C SER Q 46 71.23 -41.34 87.51
N GLU Q 47 71.98 -42.44 87.57
CA GLU Q 47 73.31 -42.44 86.98
C GLU Q 47 73.28 -42.32 85.47
N LEU Q 48 72.34 -43.00 84.82
CA LEU Q 48 72.22 -42.89 83.37
C LEU Q 48 71.81 -41.48 82.97
N LEU Q 49 70.90 -40.86 83.74
CA LEU Q 49 70.52 -39.49 83.46
C LEU Q 49 71.71 -38.55 83.62
N HIS Q 50 72.50 -38.76 84.68
CA HIS Q 50 73.70 -37.97 84.88
C HIS Q 50 74.64 -38.09 83.68
N ALA Q 51 74.92 -39.33 83.27
CA ALA Q 51 75.84 -39.58 82.17
C ALA Q 51 75.30 -39.00 80.87
N THR Q 52 74.00 -39.09 80.64
CA THR Q 52 73.43 -38.59 79.39
C THR Q 52 73.34 -37.07 79.39
N SER Q 53 73.08 -36.47 80.55
CA SER Q 53 73.15 -35.01 80.65
C SER Q 53 74.56 -34.53 80.39
N ARG Q 54 75.56 -35.33 80.72
CA ARG Q 54 76.92 -35.02 80.28
C ARG Q 54 77.09 -35.22 78.77
N LYS Q 55 76.64 -36.36 78.26
CA LYS Q 55 76.96 -36.77 76.89
C LYS Q 55 76.27 -35.89 75.86
N LEU Q 56 74.95 -35.70 76.00
CA LEU Q 56 74.21 -34.90 75.03
C LEU Q 56 74.61 -33.44 75.11
N ASP Q 57 74.93 -32.96 76.32
CA ASP Q 57 75.44 -31.60 76.43
C ASP Q 57 76.78 -31.46 75.72
N LYS Q 58 77.64 -32.47 75.81
CA LYS Q 58 78.87 -32.47 75.03
C LYS Q 58 78.57 -32.45 73.54
N ALA Q 59 77.65 -33.30 73.09
CA ALA Q 59 77.32 -33.37 71.67
C ALA Q 59 76.73 -32.06 71.16
N ALA Q 60 75.98 -31.37 72.00
CA ALA Q 60 75.45 -30.07 71.63
C ALA Q 60 76.55 -29.02 71.59
N SER Q 61 77.49 -29.08 72.52
CA SER Q 61 78.67 -28.22 72.42
C SER Q 61 79.46 -28.55 71.17
N LYS Q 62 79.53 -29.83 70.81
CA LYS Q 62 80.07 -30.23 69.53
C LYS Q 62 79.05 -29.95 68.43
N GLY Q 63 79.44 -30.22 67.19
CA GLY Q 63 78.57 -29.98 66.06
C GLY Q 63 77.77 -31.19 65.61
N VAL Q 64 76.91 -31.71 66.47
CA VAL Q 64 76.09 -32.87 66.15
C VAL Q 64 74.60 -32.58 66.23
N ILE Q 65 74.16 -31.89 67.28
CA ILE Q 65 72.74 -31.65 67.53
C ILE Q 65 72.57 -30.23 68.03
N HIS Q 66 71.45 -29.60 67.67
CA HIS Q 66 71.19 -28.24 68.10
C HIS Q 66 71.11 -28.17 69.62
N PRO Q 67 71.43 -27.00 70.20
CA PRO Q 67 71.41 -26.90 71.67
C PRO Q 67 70.08 -27.28 72.31
N ASN Q 68 68.96 -26.89 71.72
CA ASN Q 68 67.69 -27.06 72.41
C ASN Q 68 67.16 -28.49 72.37
N GLN Q 69 67.51 -29.28 71.35
CA GLN Q 69 67.11 -30.68 71.35
C GLN Q 69 67.76 -31.42 72.52
N ALA Q 70 69.02 -31.09 72.81
CA ALA Q 70 69.70 -31.70 73.95
C ALA Q 70 69.03 -31.31 75.26
N ALA Q 71 68.63 -30.04 75.41
CA ALA Q 71 67.93 -29.63 76.62
C ALA Q 71 66.60 -30.35 76.76
N ASN Q 72 65.88 -30.51 75.66
CA ASN Q 72 64.62 -31.25 75.68
C ASN Q 72 64.83 -32.68 76.16
N LYS Q 73 65.82 -33.37 75.57
CA LYS Q 73 66.07 -34.75 76.00
C LYS Q 73 66.55 -34.81 77.43
N LYS Q 74 67.37 -33.86 77.86
CA LYS Q 74 67.84 -33.81 79.25
C LYS Q 74 66.66 -33.69 80.20
N SER Q 75 65.74 -32.77 79.91
CA SER Q 75 64.58 -32.59 80.77
C SER Q 75 63.71 -33.84 80.78
N ALA Q 76 63.51 -34.46 79.61
CA ALA Q 76 62.67 -35.64 79.53
C ALA Q 76 63.25 -36.77 80.38
N LEU Q 77 64.54 -37.04 80.22
CA LEU Q 77 65.16 -38.09 81.02
C LEU Q 77 65.20 -37.73 82.49
N ALA Q 78 65.38 -36.44 82.81
CA ALA Q 78 65.41 -36.01 84.20
C ALA Q 78 64.06 -36.26 84.88
N LEU Q 79 62.97 -35.96 84.18
CA LEU Q 79 61.66 -36.26 84.74
C LEU Q 79 61.40 -37.76 84.82
N ALA Q 80 61.85 -38.50 83.79
CA ALA Q 80 61.71 -39.95 83.83
C ALA Q 80 62.40 -40.53 85.06
N LEU Q 81 63.53 -39.95 85.44
CA LEU Q 81 64.16 -40.35 86.71
C LEU Q 81 63.35 -39.85 87.89
N ASN Q 82 62.95 -38.58 87.87
CA ASN Q 82 62.27 -37.96 89.01
C ASN Q 82 60.99 -38.70 89.36
N LYS Q 83 60.43 -39.45 88.43
CA LYS Q 83 59.22 -40.20 88.71
C LYS Q 83 59.37 -41.70 88.52
N LEU Q 84 60.25 -42.14 87.62
CA LEU Q 84 60.59 -43.56 87.48
C LEU Q 84 59.36 -44.43 87.22
N LYS R 1 -23.95 5.89 -73.39
CA LYS R 1 -22.96 5.15 -74.15
C LYS R 1 -22.59 5.98 -75.38
N LYS R 2 -22.20 7.23 -75.13
CA LYS R 2 -21.82 8.14 -76.21
C LYS R 2 -20.71 7.53 -77.07
N GLY R 3 -19.56 7.30 -76.46
CA GLY R 3 -18.43 6.73 -77.17
C GLY R 3 -17.57 5.89 -76.26
N PRO R 4 -17.35 4.64 -76.66
CA PRO R 4 -16.43 3.78 -75.90
C PRO R 4 -14.98 4.16 -76.14
N PHE R 5 -14.05 3.43 -75.54
CA PHE R 5 -12.64 3.80 -75.68
C PHE R 5 -12.12 3.39 -77.05
N VAL R 6 -11.11 4.12 -77.50
CA VAL R 6 -10.51 3.91 -78.82
C VAL R 6 -9.15 3.26 -78.75
N ASP R 7 -8.50 3.26 -77.58
CA ASP R 7 -7.18 2.66 -77.40
C ASP R 7 -6.15 3.32 -78.32
N ASP R 8 -5.97 4.63 -78.13
CA ASP R 8 -5.30 5.44 -79.14
C ASP R 8 -3.94 4.87 -79.52
N HIS R 9 -3.08 4.61 -78.53
CA HIS R 9 -1.80 3.97 -78.84
C HIS R 9 -2.01 2.56 -79.35
N LEU R 10 -2.91 1.80 -78.71
CA LEU R 10 -3.23 0.47 -79.21
C LEU R 10 -3.91 0.55 -80.57
N LEU R 11 -4.68 1.61 -80.82
CA LEU R 11 -5.30 1.77 -82.14
C LEU R 11 -4.25 1.93 -83.22
N LYS R 12 -3.27 2.81 -82.99
CA LYS R 12 -2.20 2.98 -83.97
C LYS R 12 -1.38 1.69 -84.12
N LYS R 13 -1.11 1.01 -83.00
CA LYS R 13 -0.36 -0.23 -83.05
C LYS R 13 -1.10 -1.30 -83.86
N VAL R 14 -2.40 -1.43 -83.63
CA VAL R 14 -3.20 -2.42 -84.36
C VAL R 14 -3.32 -2.05 -85.83
N ASP R 15 -3.43 -0.74 -86.13
CA ASP R 15 -3.49 -0.31 -87.52
C ASP R 15 -2.20 -0.65 -88.25
N VAL R 16 -1.05 -0.38 -87.63
CA VAL R 16 0.22 -0.75 -88.23
C VAL R 16 0.34 -2.27 -88.34
N GLN R 17 -0.21 -2.98 -87.36
CA GLN R 17 -0.11 -4.44 -87.34
C GLN R 17 -0.89 -5.07 -88.49
N ASN R 18 -2.16 -4.68 -88.65
CA ASN R 18 -3.03 -5.32 -89.63
C ASN R 18 -2.96 -4.69 -91.02
N GLU R 19 -2.39 -3.49 -91.15
CA GLU R 19 -2.17 -2.93 -92.48
C GLU R 19 -1.11 -3.71 -93.24
N LYS R 20 -0.14 -4.28 -92.52
CA LYS R 20 0.87 -5.14 -93.11
C LYS R 20 0.46 -6.61 -93.15
N ASN R 21 -0.74 -6.93 -92.66
CA ASN R 21 -1.24 -8.30 -92.62
C ASN R 21 -0.30 -9.23 -91.86
N THR R 22 0.29 -8.71 -90.79
CA THR R 22 1.20 -9.46 -89.93
C THR R 22 0.61 -9.52 -88.53
N LYS R 23 0.59 -10.71 -87.95
CA LYS R 23 0.05 -10.93 -86.61
C LYS R 23 1.20 -10.97 -85.61
N GLN R 24 1.18 -10.05 -84.64
CA GLN R 24 2.20 -9.93 -83.62
C GLN R 24 1.52 -9.80 -82.26
N VAL R 25 2.17 -10.33 -81.22
CA VAL R 25 1.64 -10.22 -79.87
C VAL R 25 1.97 -8.80 -79.36
N ILE R 26 0.98 -7.92 -79.45
CA ILE R 26 1.16 -6.53 -79.02
C ILE R 26 1.13 -6.48 -77.51
N LYS R 27 2.23 -6.05 -76.90
CA LYS R 27 2.33 -5.92 -75.45
C LYS R 27 1.49 -4.72 -75.04
N THR R 28 0.17 -4.94 -75.02
CA THR R 28 -0.77 -3.84 -74.94
C THR R 28 -0.97 -3.43 -73.48
N TRP R 29 -0.52 -2.22 -73.16
CA TRP R 29 -0.82 -1.63 -71.87
C TRP R 29 -2.29 -1.26 -71.75
N SER R 30 -2.91 -0.86 -72.86
CA SER R 30 -4.29 -0.43 -72.85
C SER R 30 -5.19 -1.57 -72.39
N ARG R 31 -6.15 -1.25 -71.53
CA ARG R 31 -7.02 -2.24 -70.93
C ARG R 31 -8.46 -1.75 -70.79
N ARG R 32 -8.88 -0.79 -71.60
CA ARG R 32 -10.12 -0.05 -71.34
C ARG R 32 -11.14 -0.18 -72.46
N SER R 33 -10.88 -1.00 -73.47
CA SER R 33 -11.92 -1.41 -74.41
C SER R 33 -11.36 -2.44 -75.39
N THR R 34 -12.23 -3.35 -75.81
CA THR R 34 -12.06 -4.12 -77.03
C THR R 34 -13.28 -3.88 -77.91
N ILE R 35 -13.80 -2.66 -77.85
CA ILE R 35 -15.07 -2.34 -78.50
C ILE R 35 -14.92 -2.38 -80.01
N ILE R 36 -13.72 -2.10 -80.52
CA ILE R 36 -13.50 -2.01 -81.95
C ILE R 36 -13.31 -3.41 -82.52
N PRO R 37 -14.09 -3.82 -83.52
CA PRO R 37 -14.00 -5.20 -84.03
C PRO R 37 -12.71 -5.51 -84.80
N ASP R 38 -11.94 -4.51 -85.22
CA ASP R 38 -10.74 -4.79 -86.01
C ASP R 38 -9.66 -5.50 -85.20
N PHE R 39 -9.80 -5.56 -83.88
CA PHE R 39 -8.82 -6.23 -83.03
C PHE R 39 -8.78 -7.74 -83.22
N ILE R 40 -9.75 -8.31 -83.94
CA ILE R 40 -9.80 -9.76 -84.11
C ILE R 40 -8.54 -10.25 -84.80
N GLY R 41 -7.95 -11.32 -84.25
CA GLY R 41 -6.73 -11.87 -84.78
C GLY R 41 -5.46 -11.35 -84.12
N HIS R 42 -5.56 -10.28 -83.33
CA HIS R 42 -4.40 -9.69 -82.69
C HIS R 42 -4.29 -10.23 -81.26
N THR R 43 -3.18 -10.88 -80.96
CA THR R 43 -2.95 -11.44 -79.63
C THR R 43 -2.57 -10.31 -78.68
N PHE R 44 -3.58 -9.73 -78.03
CA PHE R 44 -3.34 -8.62 -77.11
C PHE R 44 -2.70 -9.15 -75.83
N ALA R 45 -1.40 -8.96 -75.70
CA ALA R 45 -0.76 -9.26 -74.44
C ALA R 45 -1.16 -8.19 -73.45
N VAL R 46 -2.32 -8.37 -72.82
CA VAL R 46 -2.88 -7.42 -71.87
C VAL R 46 -1.92 -7.28 -70.69
N HIS R 47 -1.50 -6.05 -70.43
CA HIS R 47 -0.60 -5.79 -69.30
C HIS R 47 -1.44 -5.66 -68.04
N ASP R 48 -1.83 -6.82 -67.49
CA ASP R 48 -2.59 -6.86 -66.25
C ASP R 48 -1.81 -6.34 -65.05
N GLY R 49 -0.54 -6.00 -65.24
CA GLY R 49 0.29 -5.46 -64.19
C GLY R 49 1.48 -6.34 -63.87
N ARG R 50 1.24 -7.65 -63.78
CA ARG R 50 2.31 -8.59 -63.46
C ARG R 50 3.12 -8.99 -64.68
N LYS R 51 2.47 -9.04 -65.84
CA LYS R 51 3.10 -9.42 -67.10
C LYS R 51 2.12 -9.01 -68.20
N HIS R 52 2.37 -9.49 -69.41
CA HIS R 52 1.51 -9.22 -70.56
C HIS R 52 0.85 -10.55 -70.96
N VAL R 53 -0.29 -10.83 -70.35
CA VAL R 53 -1.02 -12.08 -70.55
C VAL R 53 -1.79 -12.04 -71.87
N PRO R 54 -1.58 -12.97 -72.78
CA PRO R 54 -2.27 -12.92 -74.08
C PRO R 54 -3.78 -13.08 -73.93
N VAL R 55 -4.51 -12.34 -74.77
CA VAL R 55 -5.95 -12.46 -74.92
C VAL R 55 -6.28 -12.36 -76.40
N PHE R 56 -7.17 -13.23 -76.87
CA PHE R 56 -7.61 -13.24 -78.26
C PHE R 56 -8.92 -12.47 -78.39
N VAL R 57 -9.14 -11.89 -79.57
CA VAL R 57 -10.29 -11.05 -79.85
C VAL R 57 -11.21 -11.80 -80.81
N THR R 58 -12.49 -11.92 -80.43
CA THR R 58 -13.48 -12.66 -81.19
C THR R 58 -14.55 -11.72 -81.72
N GLU R 59 -15.56 -12.29 -82.40
CA GLU R 59 -16.66 -11.50 -82.94
C GLU R 59 -17.61 -11.04 -81.83
N ALA R 60 -17.97 -11.95 -80.93
CA ALA R 60 -18.82 -11.62 -79.79
C ALA R 60 -18.03 -11.03 -78.64
N MET R 61 -16.82 -10.53 -78.92
CA MET R 61 -15.91 -9.93 -77.94
C MET R 61 -16.32 -8.50 -77.62
N VAL R 62 -17.28 -7.96 -78.35
CA VAL R 62 -17.66 -6.57 -78.22
C VAL R 62 -18.69 -6.47 -77.10
N GLY R 63 -18.86 -5.26 -76.57
CA GLY R 63 -19.78 -5.00 -75.49
C GLY R 63 -19.15 -4.96 -74.10
N HIS R 64 -17.95 -5.51 -73.95
CA HIS R 64 -17.22 -5.43 -72.69
C HIS R 64 -15.75 -5.17 -72.99
N LYS R 65 -15.05 -4.58 -72.03
CA LYS R 65 -13.80 -3.89 -72.28
C LYS R 65 -12.59 -4.74 -71.88
N LEU R 66 -11.40 -4.24 -72.25
CA LEU R 66 -10.25 -5.09 -72.48
C LEU R 66 -9.57 -5.58 -71.21
N GLY R 67 -9.80 -4.95 -70.07
CA GLY R 67 -8.91 -5.13 -68.93
C GLY R 67 -8.71 -6.54 -68.39
N GLU R 68 -9.71 -7.08 -67.69
CA GLU R 68 -9.56 -8.41 -67.10
C GLU R 68 -10.12 -9.49 -68.00
N PHE R 69 -10.03 -9.28 -69.32
CA PHE R 69 -10.07 -10.42 -70.23
C PHE R 69 -8.96 -11.38 -69.90
N ALA R 70 -7.80 -10.85 -69.52
CA ALA R 70 -6.79 -11.57 -68.76
C ALA R 70 -6.92 -11.14 -67.30
N PRO R 71 -7.33 -12.02 -66.39
CA PRO R 71 -7.59 -11.58 -65.02
C PRO R 71 -6.35 -11.04 -64.33
N THR R 72 -6.54 -10.08 -63.43
CA THR R 72 -5.43 -9.52 -62.68
C THR R 72 -5.62 -9.84 -61.21
N ARG R 73 -6.81 -10.31 -60.86
CA ARG R 73 -7.12 -10.59 -59.47
C ARG R 73 -6.81 -12.03 -59.08
N THR R 74 -5.54 -12.41 -59.16
CA THR R 74 -5.15 -13.75 -58.74
C THR R 74 -5.76 -14.06 -57.39
N PHE R 75 -6.68 -15.03 -57.36
CA PHE R 75 -7.32 -15.38 -56.10
C PHE R 75 -7.58 -16.86 -55.88
N LYS R 76 -7.31 -17.33 -54.68
CA LYS R 76 -7.57 -18.71 -54.32
C LYS R 76 -8.30 -18.60 -53.02
N GLY R 77 -7.76 -17.81 -52.09
CA GLY R 77 -8.44 -17.56 -50.83
C GLY R 77 -8.82 -18.72 -49.94
N HIS R 78 -8.54 -19.94 -50.38
CA HIS R 78 -8.82 -21.09 -49.52
C HIS R 78 -7.79 -22.19 -49.67
N ILE R 79 -6.82 -22.23 -48.76
CA ILE R 79 -5.80 -23.29 -48.75
C ILE R 79 -4.87 -23.32 -49.98
N LYS R 80 -5.39 -23.04 -51.16
CA LYS R 80 -4.59 -23.10 -52.37
C LYS R 80 -3.96 -24.46 -52.51
N MET S 1 -24.83 -38.10 -72.33
CA MET S 1 -25.51 -37.12 -71.51
C MET S 1 -24.72 -35.82 -71.42
N SER S 2 -25.29 -34.83 -70.74
CA SER S 2 -24.59 -33.56 -70.55
C SER S 2 -23.68 -33.65 -69.33
N VAL S 3 -22.42 -33.27 -69.52
CA VAL S 3 -21.44 -33.33 -68.44
C VAL S 3 -21.79 -32.30 -67.38
N ARG S 4 -21.74 -32.71 -66.11
CA ARG S 4 -22.05 -31.81 -65.02
C ARG S 4 -21.06 -30.64 -64.98
N SER S 5 -21.57 -29.46 -64.64
CA SER S 5 -20.75 -28.26 -64.58
C SER S 5 -19.83 -28.31 -63.36
N ALA S 6 -18.88 -27.38 -63.33
CA ALA S 6 -17.95 -27.29 -62.21
C ALA S 6 -18.68 -26.90 -60.94
N LEU S 7 -18.32 -27.54 -59.83
CA LEU S 7 -18.99 -27.31 -58.57
C LEU S 7 -18.52 -26.00 -57.93
N ARG S 8 -19.39 -25.42 -57.11
CA ARG S 8 -19.05 -24.18 -56.40
C ARG S 8 -19.41 -24.39 -54.95
N PRO S 9 -18.63 -23.81 -54.02
CA PRO S 9 -18.89 -24.05 -52.60
C PRO S 9 -20.18 -23.41 -52.12
N GLY S 10 -21.32 -24.06 -52.37
CA GLY S 10 -22.61 -23.52 -51.96
C GLY S 10 -22.71 -23.20 -50.48
N VAL S 11 -23.80 -22.52 -50.11
CA VAL S 11 -23.99 -22.14 -48.71
C VAL S 11 -23.76 -23.30 -47.76
N LEU S 12 -22.78 -23.16 -46.88
CA LEU S 12 -22.54 -24.20 -45.88
C LEU S 12 -23.56 -24.04 -44.76
N SER S 13 -24.27 -25.12 -44.44
CA SER S 13 -25.26 -25.07 -43.39
C SER S 13 -24.62 -24.89 -42.01
N PRO S 14 -25.41 -24.95 -40.93
CA PRO S 14 -24.76 -24.88 -39.62
C PRO S 14 -24.01 -26.16 -39.27
N THR S 15 -23.30 -26.16 -38.15
CA THR S 15 -22.55 -27.35 -37.73
C THR S 15 -23.45 -28.31 -36.96
N LEU S 16 -23.16 -29.61 -37.05
CA LEU S 16 -23.93 -30.58 -36.28
C LEU S 16 -23.32 -30.74 -34.90
N PRO S 17 -24.02 -30.28 -33.86
CA PRO S 17 -23.48 -30.32 -32.49
C PRO S 17 -23.18 -31.71 -31.96
N VAL S 18 -22.34 -31.80 -30.95
CA VAL S 18 -21.96 -33.10 -30.42
C VAL S 18 -22.03 -33.14 -28.91
N PRO S 19 -22.84 -34.04 -28.36
CA PRO S 19 -22.91 -34.18 -26.90
C PRO S 19 -21.54 -34.42 -26.32
N LYS S 20 -21.20 -33.69 -25.26
CA LYS S 20 -19.90 -33.89 -24.61
C LYS S 20 -19.76 -35.32 -24.14
N SER S 21 -20.86 -36.07 -24.09
CA SER S 21 -20.78 -37.48 -23.73
C SER S 21 -19.54 -38.03 -24.38
N ILE S 22 -19.43 -37.86 -25.69
CA ILE S 22 -18.23 -38.28 -26.37
C ILE S 22 -17.20 -37.19 -26.15
N PRO S 23 -15.99 -37.56 -25.71
CA PRO S 23 -14.98 -36.55 -25.36
C PRO S 23 -14.46 -35.72 -26.53
N ARG S 24 -13.39 -34.96 -26.29
CA ARG S 24 -12.85 -34.09 -27.33
C ARG S 24 -11.37 -33.83 -27.06
N PRO S 25 -10.65 -33.34 -28.08
CA PRO S 25 -9.23 -33.00 -27.88
C PRO S 25 -8.97 -32.03 -26.74
N GLU S 26 -7.72 -31.94 -26.29
CA GLU S 26 -7.37 -31.08 -25.16
C GLU S 26 -7.61 -29.59 -25.41
N TYR S 27 -7.72 -29.19 -26.68
CA TYR S 27 -7.99 -27.80 -27.00
C TYR S 27 -9.19 -27.40 -26.17
N ALA S 28 -10.21 -28.25 -26.12
CA ALA S 28 -11.35 -28.01 -25.25
C ALA S 28 -10.91 -27.51 -23.88
N TRP S 29 -9.92 -28.19 -23.29
CA TRP S 29 -9.40 -27.82 -21.97
C TRP S 29 -8.34 -26.73 -22.05
N LYS S 30 -7.60 -26.56 -20.95
CA LYS S 30 -6.56 -25.56 -20.85
C LYS S 30 -5.50 -25.80 -21.92
N PRO S 31 -5.14 -24.79 -22.72
CA PRO S 31 -4.20 -25.01 -23.84
C PRO S 31 -2.81 -25.45 -23.40
N THR S 32 -2.50 -25.26 -22.13
CA THR S 32 -1.19 -25.64 -21.62
C THR S 32 -1.20 -27.05 -21.04
N VAL S 33 -2.28 -27.81 -21.25
CA VAL S 33 -2.32 -29.18 -20.78
C VAL S 33 -1.64 -30.11 -21.77
N GLN S 34 -1.73 -29.77 -23.06
CA GLN S 34 -1.13 -30.61 -24.09
C GLN S 34 -1.25 -32.09 -23.76
N GLU S 35 -2.46 -32.55 -23.51
CA GLU S 35 -2.67 -33.95 -23.15
C GLU S 35 -3.06 -34.78 -24.37
N GLY S 36 -3.03 -34.17 -25.55
CA GLY S 36 -3.40 -34.88 -26.76
C GLY S 36 -2.37 -35.91 -27.17
N SER S 37 -2.44 -36.37 -28.42
CA SER S 37 -1.49 -37.36 -28.94
C SER S 37 -1.63 -38.73 -28.28
N GLU S 38 -1.49 -38.79 -26.96
CA GLU S 38 -1.65 -40.05 -26.23
C GLU S 38 -0.60 -41.09 -26.62
N PRO S 39 -0.51 -42.17 -25.84
CA PRO S 39 0.43 -43.24 -26.24
C PRO S 39 -0.07 -43.91 -27.50
N TRP S 40 0.30 -43.37 -28.65
CA TRP S 40 -0.16 -43.92 -29.92
C TRP S 40 0.14 -45.41 -30.01
N VAL S 41 1.04 -45.91 -29.15
CA VAL S 41 1.29 -47.34 -29.17
C VAL S 41 -0.05 -48.07 -29.15
N GLN S 42 -0.23 -49.02 -30.07
CA GLN S 42 -1.53 -49.65 -30.31
C GLN S 42 -1.69 -50.91 -29.46
N THR S 43 -2.24 -50.72 -28.26
CA THR S 43 -2.54 -51.80 -27.34
C THR S 43 -3.85 -52.47 -27.75
N PRO S 44 -4.07 -53.74 -27.40
CA PRO S 44 -5.31 -54.42 -27.81
C PRO S 44 -6.58 -53.77 -27.28
N GLU S 45 -6.51 -53.09 -26.15
CA GLU S 45 -7.68 -52.38 -25.66
C GLU S 45 -8.06 -51.37 -26.73
N VAL S 46 -7.10 -50.51 -27.07
CA VAL S 46 -7.35 -49.51 -28.10
C VAL S 46 -7.74 -50.18 -29.41
N ILE S 47 -7.29 -51.43 -29.64
CA ILE S 47 -7.72 -52.16 -30.82
C ILE S 47 -9.23 -52.43 -30.78
N GLU S 48 -9.75 -52.85 -29.62
CA GLU S 48 -11.18 -53.11 -29.53
C GLU S 48 -11.98 -51.81 -29.58
N LYS S 49 -11.48 -50.76 -28.93
CA LYS S 49 -12.14 -49.46 -29.02
C LYS S 49 -12.16 -48.98 -30.47
N MET S 50 -11.08 -49.21 -31.21
CA MET S 50 -11.00 -48.96 -32.64
C MET S 50 -11.99 -49.77 -33.44
N ARG S 51 -12.18 -51.05 -33.10
CA ARG S 51 -13.18 -51.85 -33.78
C ARG S 51 -14.56 -51.25 -33.60
N VAL S 52 -14.88 -50.83 -32.38
CA VAL S 52 -16.19 -50.22 -32.10
C VAL S 52 -16.35 -48.93 -32.88
N ALA S 53 -15.33 -48.07 -32.83
CA ALA S 53 -15.41 -46.77 -33.50
C ALA S 53 -15.52 -46.95 -35.01
N GLY S 54 -14.76 -47.88 -35.58
CA GLY S 54 -14.82 -48.14 -37.00
C GLY S 54 -16.15 -48.73 -37.44
N ARG S 55 -16.73 -49.62 -36.63
CA ARG S 55 -18.06 -50.13 -36.94
C ARG S 55 -19.09 -49.01 -36.92
N ILE S 56 -19.00 -48.11 -35.94
CA ILE S 56 -19.91 -46.98 -35.90
C ILE S 56 -19.74 -46.08 -37.12
N ALA S 57 -18.49 -45.79 -37.50
CA ALA S 57 -18.24 -44.95 -38.66
C ALA S 57 -18.74 -45.60 -39.94
N ALA S 58 -18.53 -46.91 -40.09
CA ALA S 58 -19.03 -47.62 -41.25
C ALA S 58 -20.54 -47.64 -41.30
N GLY S 59 -21.21 -47.80 -40.15
CA GLY S 59 -22.67 -47.72 -40.14
C GLY S 59 -23.18 -46.35 -40.53
N ALA S 60 -22.55 -45.29 -40.03
CA ALA S 60 -22.96 -43.94 -40.42
C ALA S 60 -22.69 -43.69 -41.90
N LEU S 61 -21.57 -44.21 -42.42
CA LEU S 61 -21.29 -44.10 -43.85
C LEU S 61 -22.35 -44.84 -44.67
N ALA S 62 -22.77 -46.02 -44.21
CA ALA S 62 -23.82 -46.75 -44.91
C ALA S 62 -25.15 -46.00 -44.87
N GLU S 63 -25.46 -45.37 -43.74
CA GLU S 63 -26.68 -44.56 -43.66
C GLU S 63 -26.62 -43.39 -44.62
N ALA S 64 -25.48 -42.71 -44.68
CA ALA S 64 -25.33 -41.59 -45.61
C ALA S 64 -25.45 -42.08 -47.06
N GLY S 65 -24.84 -43.23 -47.37
CA GLY S 65 -24.91 -43.74 -48.73
C GLY S 65 -26.32 -44.17 -49.13
N ARG S 66 -27.04 -44.80 -48.21
CA ARG S 66 -28.42 -45.16 -48.50
C ARG S 66 -29.31 -43.93 -48.58
N ALA S 67 -28.90 -42.84 -47.93
CA ALA S 67 -29.62 -41.58 -48.09
C ALA S 67 -29.32 -40.93 -49.44
N VAL S 68 -28.24 -41.34 -50.10
CA VAL S 68 -27.84 -40.76 -51.38
C VAL S 68 -28.87 -41.07 -52.46
N ALA S 69 -29.52 -40.04 -52.97
CA ALA S 69 -30.42 -40.15 -54.10
C ALA S 69 -30.35 -38.86 -54.90
N PRO S 70 -30.62 -38.91 -56.21
CA PRO S 70 -30.66 -37.67 -57.00
C PRO S 70 -31.69 -36.70 -56.45
N GLY S 71 -31.23 -35.54 -55.96
CA GLY S 71 -32.07 -34.56 -55.30
C GLY S 71 -31.83 -34.46 -53.81
N VAL S 72 -31.11 -35.43 -53.24
CA VAL S 72 -30.80 -35.41 -51.82
C VAL S 72 -29.49 -34.66 -51.62
N THR S 73 -29.53 -33.62 -50.80
CA THR S 73 -28.35 -32.80 -50.54
C THR S 73 -27.34 -33.56 -49.69
N THR S 74 -26.05 -33.26 -49.90
CA THR S 74 -25.01 -33.82 -49.05
C THR S 74 -25.21 -33.44 -47.59
N ASP S 75 -25.88 -32.31 -47.34
CA ASP S 75 -26.19 -31.92 -45.97
C ASP S 75 -27.11 -32.94 -45.30
N GLU S 76 -28.08 -33.48 -46.07
CA GLU S 76 -28.94 -34.51 -45.53
C GLU S 76 -28.15 -35.77 -45.19
N LEU S 77 -27.19 -36.14 -46.05
CA LEU S 77 -26.33 -37.28 -45.76
C LEU S 77 -25.54 -37.05 -44.47
N ASP S 78 -24.97 -35.86 -44.33
CA ASP S 78 -24.20 -35.54 -43.13
C ASP S 78 -25.10 -35.58 -41.89
N ARG S 79 -26.32 -35.06 -42.00
CA ARG S 79 -27.24 -35.05 -40.87
C ARG S 79 -27.60 -36.47 -40.46
N ILE S 80 -27.93 -37.33 -41.43
CA ILE S 80 -28.32 -38.69 -41.13
C ILE S 80 -27.16 -39.48 -40.53
N ALA S 81 -25.97 -39.36 -41.13
CA ALA S 81 -24.81 -40.05 -40.60
C ALA S 81 -24.46 -39.56 -39.20
N HIS S 82 -24.54 -38.25 -38.99
CA HIS S 82 -24.24 -37.69 -37.68
C HIS S 82 -25.24 -38.17 -36.63
N GLU S 83 -26.53 -38.22 -36.98
CA GLU S 83 -27.52 -38.75 -36.05
C GLU S 83 -27.22 -40.20 -35.71
N TYR S 84 -26.88 -41.02 -36.72
CA TYR S 84 -26.57 -42.42 -36.47
C TYR S 84 -25.36 -42.56 -35.55
N MET S 85 -24.31 -41.78 -35.78
CA MET S 85 -23.06 -42.04 -35.05
C MET S 85 -23.06 -41.34 -33.69
N ILE S 86 -23.86 -40.27 -33.53
CA ILE S 86 -24.07 -39.70 -32.20
C ILE S 86 -24.93 -40.65 -31.37
N ASP S 87 -25.97 -41.24 -31.99
CA ASP S 87 -26.77 -42.24 -31.29
C ASP S 87 -25.92 -43.43 -30.88
N HIS S 88 -24.78 -43.65 -31.53
CA HIS S 88 -23.84 -44.68 -31.16
C HIS S 88 -22.74 -44.17 -30.24
N GLY S 89 -22.88 -42.95 -29.72
CA GLY S 89 -21.91 -42.39 -28.82
C GLY S 89 -20.55 -42.11 -29.42
N ALA S 90 -20.50 -41.53 -30.61
CA ALA S 90 -19.24 -41.23 -31.27
C ALA S 90 -19.17 -39.73 -31.58
N TYR S 91 -17.95 -39.17 -31.54
CA TYR S 91 -17.67 -37.77 -31.85
C TYR S 91 -17.20 -37.65 -33.29
N PRO S 92 -17.73 -36.70 -34.08
CA PRO S 92 -17.17 -36.46 -35.42
C PRO S 92 -15.79 -35.86 -35.36
N SER S 93 -14.76 -36.64 -35.67
CA SER S 93 -13.38 -36.16 -35.58
C SER S 93 -13.06 -35.10 -36.62
N THR S 94 -13.83 -35.04 -37.71
CA THR S 94 -13.62 -34.02 -38.74
C THR S 94 -14.35 -32.72 -38.42
N LEU S 95 -15.32 -32.72 -37.50
CA LEU S 95 -16.00 -31.49 -37.12
C LEU S 95 -15.04 -30.55 -36.41
N GLY S 96 -14.70 -29.44 -37.06
CA GLY S 96 -13.75 -28.50 -36.50
C GLY S 96 -12.30 -28.91 -36.59
N TYR S 97 -12.00 -30.02 -37.29
CA TYR S 97 -10.62 -30.48 -37.42
C TYR S 97 -9.87 -29.56 -38.37
N LYS S 98 -9.00 -28.70 -37.81
CA LYS S 98 -8.23 -27.72 -38.56
C LYS S 98 -9.12 -26.73 -39.30
N GLY S 99 -10.41 -26.68 -38.97
CA GLY S 99 -11.33 -25.77 -39.62
C GLY S 99 -12.35 -26.41 -40.55
N PHE S 100 -12.71 -27.68 -40.32
CA PHE S 100 -13.73 -28.33 -41.13
C PHE S 100 -15.07 -28.25 -40.42
N PRO S 101 -16.03 -27.51 -40.96
CA PRO S 101 -17.26 -27.19 -40.20
C PRO S 101 -18.35 -28.24 -40.25
N LYS S 102 -18.06 -29.46 -40.69
CA LYS S 102 -19.09 -30.49 -40.83
C LYS S 102 -18.66 -31.80 -40.19
N SER S 103 -19.65 -32.60 -39.81
CA SER S 103 -19.38 -33.88 -39.17
C SER S 103 -18.74 -34.88 -40.13
N CYS S 104 -19.21 -34.91 -41.38
CA CYS S 104 -18.71 -35.83 -42.39
C CYS S 104 -18.17 -35.04 -43.57
N CYS S 105 -17.35 -35.70 -44.39
CA CYS S 105 -16.73 -35.05 -45.54
C CYS S 105 -17.36 -35.59 -46.81
N THR S 106 -18.00 -34.71 -47.58
CA THR S 106 -18.68 -35.10 -48.81
C THR S 106 -17.89 -34.59 -50.01
N SER S 107 -17.19 -35.49 -50.68
CA SER S 107 -16.56 -35.21 -51.96
C SER S 107 -17.56 -35.52 -53.06
N LEU S 108 -17.64 -34.66 -54.07
CA LEU S 108 -18.57 -34.84 -55.17
C LEU S 108 -17.80 -34.76 -56.48
N ASN S 109 -17.78 -35.88 -57.21
CA ASN S 109 -17.15 -35.94 -58.53
C ASN S 109 -15.70 -35.52 -58.50
N GLU S 110 -15.43 -34.26 -58.83
CA GLU S 110 -14.06 -33.78 -58.96
C GLU S 110 -13.37 -33.57 -57.61
N ILE S 111 -14.14 -33.52 -56.51
CA ILE S 111 -13.56 -33.21 -55.21
C ILE S 111 -12.65 -34.33 -54.78
N ILE S 112 -11.42 -33.99 -54.38
CA ILE S 112 -10.44 -35.00 -54.02
C ILE S 112 -10.86 -35.72 -52.75
N CYS S 113 -10.91 -34.99 -51.64
CA CYS S 113 -11.31 -35.57 -50.35
C CYS S 113 -11.56 -34.43 -49.39
N HIS S 114 -12.14 -34.78 -48.23
CA HIS S 114 -12.41 -33.82 -47.16
C HIS S 114 -13.30 -32.68 -47.63
N GLY S 115 -14.19 -32.97 -48.57
CA GLY S 115 -15.08 -31.95 -49.08
C GLY S 115 -16.07 -31.49 -48.03
N ILE S 116 -16.46 -30.23 -48.12
CA ILE S 116 -17.32 -29.59 -47.13
C ILE S 116 -18.76 -29.75 -47.59
N PRO S 117 -19.61 -30.46 -46.84
CA PRO S 117 -21.04 -30.46 -47.15
C PRO S 117 -21.61 -29.06 -47.12
N ASP S 118 -22.49 -28.78 -48.08
CA ASP S 118 -23.09 -27.46 -48.22
C ASP S 118 -24.40 -27.61 -48.99
N SER S 119 -24.94 -26.50 -49.48
CA SER S 119 -26.21 -26.54 -50.20
C SER S 119 -26.10 -27.20 -51.57
N THR S 120 -24.92 -27.68 -51.96
CA THR S 120 -24.78 -28.39 -53.22
C THR S 120 -25.53 -29.72 -53.14
N VAL S 121 -26.38 -29.97 -54.14
CA VAL S 121 -27.27 -31.12 -54.15
C VAL S 121 -26.69 -32.19 -55.06
N ILE S 122 -27.06 -33.44 -54.79
CA ILE S 122 -26.63 -34.58 -55.60
C ILE S 122 -27.73 -34.91 -56.60
N GLU S 123 -27.34 -35.17 -57.84
CA GLU S 123 -28.27 -35.43 -58.93
C GLU S 123 -27.94 -36.76 -59.59
N ASP S 124 -28.68 -37.07 -60.65
CA ASP S 124 -28.49 -38.32 -61.37
C ASP S 124 -27.14 -38.32 -62.09
N GLY S 125 -26.56 -39.50 -62.22
CA GLY S 125 -25.29 -39.66 -62.92
C GLY S 125 -24.08 -39.18 -62.16
N ASP S 126 -24.21 -38.87 -60.88
CA ASP S 126 -23.13 -38.31 -60.08
C ASP S 126 -22.37 -39.43 -59.36
N ILE S 127 -21.19 -39.07 -58.85
CA ILE S 127 -20.41 -39.95 -57.98
C ILE S 127 -20.07 -39.17 -56.72
N VAL S 128 -20.37 -39.75 -55.56
CA VAL S 128 -20.24 -39.04 -54.28
C VAL S 128 -19.45 -39.92 -53.33
N ASN S 129 -18.34 -39.38 -52.83
CA ASN S 129 -17.56 -40.03 -51.78
C ASN S 129 -17.99 -39.44 -50.43
N ILE S 130 -18.32 -40.30 -49.49
CA ILE S 130 -18.72 -39.90 -48.15
C ILE S 130 -17.68 -40.40 -47.16
N ASP S 131 -17.22 -39.51 -46.30
CA ASP S 131 -16.17 -39.79 -45.32
C ASP S 131 -16.75 -39.61 -43.93
N VAL S 132 -16.70 -40.67 -43.13
CA VAL S 132 -17.24 -40.69 -41.79
C VAL S 132 -16.14 -41.12 -40.84
N THR S 133 -16.03 -40.41 -39.71
CA THR S 133 -15.06 -40.73 -38.68
C THR S 133 -15.73 -40.69 -37.32
N ALA S 134 -15.25 -41.53 -36.42
CA ALA S 134 -15.79 -41.69 -35.08
C ALA S 134 -14.66 -41.63 -34.06
N TYR S 135 -14.96 -41.07 -32.89
CA TYR S 135 -13.99 -40.97 -31.81
C TYR S 135 -14.67 -41.35 -30.50
N ILE S 136 -13.98 -42.18 -29.70
CA ILE S 136 -14.47 -42.55 -28.37
C ILE S 136 -13.29 -43.08 -27.58
N ASP S 137 -13.27 -42.78 -26.28
CA ASP S 137 -12.26 -43.30 -25.35
C ASP S 137 -10.84 -43.13 -25.90
N GLY S 138 -10.63 -42.07 -26.67
CA GLY S 138 -9.31 -41.80 -27.21
C GLY S 138 -8.90 -42.63 -28.41
N VAL S 139 -9.83 -42.96 -29.30
CA VAL S 139 -9.50 -43.63 -30.55
C VAL S 139 -10.09 -42.84 -31.71
N HIS S 140 -9.49 -43.01 -32.89
CA HIS S 140 -9.95 -42.33 -34.10
C HIS S 140 -10.19 -43.37 -35.19
N GLY S 141 -11.37 -43.35 -35.79
CA GLY S 141 -11.66 -44.25 -36.89
C GLY S 141 -12.27 -43.56 -38.09
N ASP S 142 -11.58 -43.58 -39.24
CA ASP S 142 -12.00 -42.84 -40.42
C ASP S 142 -12.16 -43.79 -41.60
N THR S 143 -13.17 -43.52 -42.42
CA THR S 143 -13.35 -44.29 -43.64
C THR S 143 -14.25 -43.51 -44.60
N ASN S 144 -13.90 -43.53 -45.88
CA ASN S 144 -14.74 -42.94 -46.92
C ASN S 144 -14.98 -43.95 -48.03
N ALA S 145 -16.15 -43.85 -48.63
CA ALA S 145 -16.54 -44.73 -49.73
C ALA S 145 -17.26 -43.92 -50.79
N THR S 146 -17.02 -44.25 -52.05
CA THR S 146 -17.65 -43.56 -53.18
C THR S 146 -18.81 -44.39 -53.72
N PHE S 147 -19.92 -43.72 -54.00
CA PHE S 147 -21.14 -44.36 -54.48
C PHE S 147 -21.60 -43.68 -55.75
N LEU S 148 -22.23 -44.47 -56.62
CA LEU S 148 -22.77 -44.00 -57.90
C LEU S 148 -24.21 -43.57 -57.67
N ALA S 149 -24.43 -42.25 -57.61
CA ALA S 149 -25.77 -41.70 -57.43
C ALA S 149 -26.43 -41.59 -58.80
N GLY S 150 -27.58 -42.26 -58.95
CA GLY S 150 -28.28 -42.26 -60.21
C GLY S 150 -27.68 -43.23 -61.21
N ASP S 151 -28.26 -43.23 -62.41
CA ASP S 151 -27.78 -44.10 -63.49
C ASP S 151 -26.60 -43.41 -64.15
N VAL S 152 -25.41 -43.77 -63.68
CA VAL S 152 -24.18 -43.11 -64.13
C VAL S 152 -23.70 -43.76 -65.43
N SER S 153 -23.03 -42.95 -66.25
CA SER S 153 -22.48 -43.43 -67.51
C SER S 153 -21.34 -44.44 -67.25
N GLU S 154 -20.86 -45.03 -68.34
CA GLU S 154 -19.87 -46.10 -68.21
C GLU S 154 -18.54 -45.58 -67.67
N GLU S 155 -18.09 -44.42 -68.13
CA GLU S 155 -16.74 -43.96 -67.80
C GLU S 155 -16.59 -43.68 -66.31
N HIS S 156 -17.55 -42.96 -65.70
CA HIS S 156 -17.46 -42.67 -64.28
C HIS S 156 -17.64 -43.93 -63.43
N ARG S 157 -18.47 -44.87 -63.91
CA ARG S 157 -18.58 -46.17 -63.25
C ARG S 157 -17.24 -46.88 -63.23
N LEU S 158 -16.54 -46.89 -64.38
CA LEU S 158 -15.21 -47.47 -64.43
C LEU S 158 -14.27 -46.76 -63.48
N LEU S 159 -14.33 -45.44 -63.44
CA LEU S 159 -13.49 -44.67 -62.54
C LEU S 159 -13.68 -45.09 -61.08
N VAL S 160 -14.93 -45.09 -60.63
CA VAL S 160 -15.21 -45.41 -59.23
C VAL S 160 -14.85 -46.85 -58.92
N GLU S 161 -15.22 -47.78 -59.80
CA GLU S 161 -14.93 -49.18 -59.53
C GLU S 161 -13.43 -49.43 -59.52
N ARG S 162 -12.68 -48.75 -60.40
CA ARG S 162 -11.23 -48.91 -60.42
C ARG S 162 -10.60 -48.34 -59.16
N THR S 163 -11.10 -47.21 -58.67
CA THR S 163 -10.66 -46.73 -57.37
C THR S 163 -10.92 -47.78 -56.30
N HIS S 164 -12.05 -48.48 -56.40
CA HIS S 164 -12.39 -49.48 -55.38
C HIS S 164 -11.48 -50.70 -55.47
N GLU S 165 -11.17 -51.15 -56.71
CA GLU S 165 -10.23 -52.27 -56.80
C GLU S 165 -8.83 -51.89 -56.37
N ALA S 166 -8.36 -50.69 -56.72
CA ALA S 166 -7.10 -50.21 -56.17
C ALA S 166 -7.15 -50.21 -54.65
N THR S 167 -8.32 -49.88 -54.08
CA THR S 167 -8.48 -49.88 -52.64
C THR S 167 -8.21 -51.25 -52.05
N MET S 168 -8.99 -52.27 -52.44
CA MET S 168 -8.78 -53.54 -51.72
C MET S 168 -7.53 -54.25 -52.22
N ARG S 169 -6.95 -53.80 -53.34
CA ARG S 169 -5.67 -54.36 -53.76
C ARG S 169 -4.53 -53.82 -52.90
N ALA S 170 -4.58 -52.54 -52.55
CA ALA S 170 -3.65 -52.00 -51.56
C ALA S 170 -3.87 -52.64 -50.20
N ILE S 171 -5.15 -52.88 -49.85
CA ILE S 171 -5.46 -53.49 -48.58
C ILE S 171 -4.89 -54.91 -48.49
N LYS S 172 -5.09 -55.72 -49.53
CA LYS S 172 -4.65 -57.11 -49.49
C LYS S 172 -3.14 -57.23 -49.60
N ALA S 173 -2.49 -56.27 -50.28
CA ALA S 173 -1.04 -56.29 -50.39
C ALA S 173 -0.35 -56.06 -49.05
N VAL S 174 -1.09 -55.61 -48.04
CA VAL S 174 -0.51 -55.37 -46.73
C VAL S 174 -0.19 -56.71 -46.08
N LYS S 175 1.09 -56.98 -45.85
CA LYS S 175 1.54 -58.18 -45.17
C LYS S 175 2.65 -57.80 -44.20
N PRO S 176 2.81 -58.55 -43.11
CA PRO S 176 3.94 -58.30 -42.21
C PRO S 176 5.26 -58.52 -42.93
N GLY S 177 6.24 -57.67 -42.59
CA GLY S 177 7.55 -57.74 -43.21
C GLY S 177 7.67 -57.03 -44.55
N ARG S 178 6.59 -56.46 -45.06
CA ARG S 178 6.62 -55.73 -46.32
C ARG S 178 6.85 -54.25 -46.07
N ALA S 179 7.49 -53.60 -47.04
CA ALA S 179 7.64 -52.15 -46.99
C ALA S 179 6.30 -51.48 -47.22
N LEU S 180 6.16 -50.24 -46.74
CA LEU S 180 4.92 -49.49 -46.93
C LEU S 180 4.68 -49.12 -48.39
N SER S 181 5.70 -48.63 -49.09
CA SER S 181 5.54 -48.07 -50.42
C SER S 181 4.96 -49.06 -51.43
N VAL S 182 5.14 -50.37 -51.22
CA VAL S 182 4.58 -51.35 -52.15
C VAL S 182 3.09 -51.15 -52.27
N VAL S 183 2.41 -50.82 -51.17
CA VAL S 183 0.98 -50.48 -51.23
C VAL S 183 0.74 -49.47 -52.33
N GLY S 184 1.39 -48.31 -52.23
CA GLY S 184 1.26 -47.31 -53.27
C GLY S 184 1.62 -47.85 -54.63
N ARG S 185 2.72 -48.60 -54.71
CA ARG S 185 3.12 -49.17 -55.99
C ARG S 185 1.99 -49.97 -56.59
N VAL S 186 1.37 -50.85 -55.79
CA VAL S 186 0.27 -51.66 -56.29
C VAL S 186 -0.81 -50.75 -56.87
N ILE S 187 -1.16 -49.69 -56.14
CA ILE S 187 -2.19 -48.76 -56.62
C ILE S 187 -1.78 -48.22 -57.98
N GLU S 188 -0.54 -47.74 -58.10
CA GLU S 188 -0.09 -47.19 -59.36
C GLU S 188 -0.16 -48.25 -60.46
N ALA S 189 0.20 -49.49 -60.12
CA ALA S 189 0.07 -50.56 -61.10
C ALA S 189 -1.36 -50.66 -61.61
N TYR S 190 -2.33 -50.67 -60.69
CA TYR S 190 -3.72 -50.76 -61.12
C TYR S 190 -4.14 -49.49 -61.85
N ALA S 191 -3.47 -48.37 -61.55
CA ALA S 191 -3.73 -47.14 -62.28
C ALA S 191 -3.10 -47.20 -63.68
N ASN S 192 -2.00 -47.94 -63.82
CA ASN S 192 -1.29 -47.95 -65.09
C ASN S 192 -2.00 -48.81 -66.13
N ARG S 193 -2.74 -49.83 -65.69
CA ARG S 193 -3.44 -50.70 -66.63
C ARG S 193 -4.49 -49.93 -67.43
N PHE S 194 -5.25 -49.08 -66.76
CA PHE S 194 -6.30 -48.29 -67.39
C PHE S 194 -5.89 -46.86 -67.69
N GLY S 195 -4.62 -46.52 -67.48
CA GLY S 195 -4.15 -45.18 -67.79
C GLY S 195 -4.61 -44.11 -66.83
N TYR S 196 -5.05 -44.49 -65.65
CA TYR S 196 -5.49 -43.54 -64.63
C TYR S 196 -4.31 -43.10 -63.78
N ASN S 197 -4.54 -42.04 -62.99
CA ASN S 197 -3.49 -41.40 -62.23
C ASN S 197 -3.91 -41.26 -60.76
N VAL S 198 -2.91 -41.19 -59.89
CA VAL S 198 -3.12 -41.16 -58.44
C VAL S 198 -2.44 -39.93 -57.86
N VAL S 199 -3.20 -39.11 -57.13
CA VAL S 199 -2.66 -37.92 -56.50
C VAL S 199 -1.63 -38.33 -55.46
N ARG S 200 -0.49 -37.64 -55.46
CA ARG S 200 0.63 -37.98 -54.59
C ARG S 200 0.65 -37.19 -53.28
N ASP S 201 -0.37 -36.39 -53.00
CA ASP S 201 -0.40 -35.57 -51.81
C ASP S 201 -1.41 -36.01 -50.76
N PHE S 202 -2.69 -36.10 -51.11
CA PHE S 202 -3.71 -36.60 -50.20
C PHE S 202 -3.65 -38.12 -50.24
N THR S 203 -2.76 -38.70 -49.44
CA THR S 203 -2.50 -40.13 -49.44
C THR S 203 -2.84 -40.70 -48.07
N GLY S 204 -2.50 -41.98 -47.87
CA GLY S 204 -2.88 -42.66 -46.65
C GLY S 204 -2.16 -42.07 -45.44
N HIS S 205 -2.87 -41.99 -44.32
CA HIS S 205 -2.34 -41.48 -43.08
C HIS S 205 -2.55 -42.50 -41.97
N GLY S 206 -1.55 -42.65 -41.11
CA GLY S 206 -1.71 -43.50 -39.95
C GLY S 206 -2.73 -42.93 -38.99
N ILE S 207 -3.53 -43.82 -38.40
CA ILE S 207 -4.63 -43.42 -37.53
C ILE S 207 -4.54 -44.21 -36.23
N GLY S 208 -5.02 -43.60 -35.15
CA GLY S 208 -4.95 -44.21 -33.84
C GLY S 208 -5.57 -43.35 -32.76
N THR S 209 -4.86 -43.18 -31.65
CA THR S 209 -5.34 -42.28 -30.60
C THR S 209 -5.39 -40.84 -31.07
N THR S 210 -4.65 -40.51 -32.13
CA THR S 210 -4.74 -39.22 -32.80
C THR S 210 -5.15 -39.45 -34.25
N PHE S 211 -5.91 -38.51 -34.80
CA PHE S 211 -6.46 -38.67 -36.14
C PHE S 211 -5.35 -38.78 -37.18
N HIS S 212 -4.34 -37.93 -37.08
CA HIS S 212 -3.16 -37.97 -37.94
C HIS S 212 -1.92 -38.11 -37.05
N ASN S 213 -1.39 -39.33 -36.98
CA ASN S 213 -0.19 -39.58 -36.17
C ASN S 213 1.09 -39.21 -36.90
N GLY S 214 1.02 -38.85 -38.17
CA GLY S 214 2.18 -38.51 -38.97
C GLY S 214 2.64 -39.61 -39.90
N LEU S 215 2.21 -40.85 -39.67
CA LEU S 215 2.57 -41.96 -40.55
C LEU S 215 1.79 -41.82 -41.86
N VAL S 216 2.47 -41.35 -42.91
CA VAL S 216 1.85 -41.06 -44.19
C VAL S 216 2.16 -42.21 -45.14
N VAL S 217 1.12 -42.78 -45.73
CA VAL S 217 1.24 -43.91 -46.66
C VAL S 217 0.98 -43.39 -48.05
N LEU S 218 2.06 -43.20 -48.82
CA LEU S 218 1.95 -42.63 -50.16
C LEU S 218 1.34 -43.67 -51.10
N HIS S 219 0.40 -43.23 -51.94
CA HIS S 219 -0.32 -44.11 -52.84
C HIS S 219 0.31 -44.21 -54.22
N TYR S 220 1.63 -44.03 -54.32
CA TYR S 220 2.35 -44.24 -55.57
C TYR S 220 3.67 -44.95 -55.27
N ASP S 221 4.35 -45.38 -56.33
CA ASP S 221 5.63 -46.07 -56.21
C ASP S 221 6.68 -45.09 -55.70
N GLN S 222 7.10 -45.27 -54.45
CA GLN S 222 8.08 -44.40 -53.80
C GLN S 222 9.20 -45.27 -53.26
N PRO S 223 10.21 -45.58 -54.08
CA PRO S 223 11.30 -46.46 -53.60
C PRO S 223 12.13 -45.87 -52.48
N ALA S 224 12.08 -44.55 -52.27
CA ALA S 224 12.88 -43.93 -51.23
C ALA S 224 12.32 -44.17 -49.84
N VAL S 225 11.13 -44.73 -49.71
CA VAL S 225 10.51 -45.01 -48.42
C VAL S 225 10.78 -46.46 -48.04
N GLU S 226 11.38 -46.66 -46.88
CA GLU S 226 11.67 -48.00 -46.37
C GLU S 226 10.83 -48.36 -45.15
N THR S 227 9.68 -47.70 -44.97
CA THR S 227 8.81 -47.99 -43.84
C THR S 227 8.30 -49.42 -43.90
N VAL S 228 8.73 -50.26 -42.97
CA VAL S 228 8.34 -51.67 -42.98
C VAL S 228 7.15 -51.86 -42.05
N LEU S 229 6.24 -52.75 -42.44
CA LEU S 229 5.06 -53.01 -41.63
C LEU S 229 5.38 -54.04 -40.55
N GLU S 230 4.92 -53.78 -39.34
CA GLU S 230 4.87 -54.74 -38.25
C GLU S 230 3.44 -54.75 -37.73
N PRO S 231 2.98 -55.88 -37.19
CA PRO S 231 1.58 -55.95 -36.74
C PRO S 231 1.27 -54.92 -35.67
N GLY S 232 0.07 -54.35 -35.76
CA GLY S 232 -0.41 -53.39 -34.79
C GLY S 232 -0.68 -51.99 -35.33
N MET S 233 -0.15 -51.64 -36.50
CA MET S 233 -0.41 -50.32 -37.05
C MET S 233 -1.82 -50.23 -37.63
N THR S 234 -2.62 -49.31 -37.11
CA THR S 234 -3.89 -48.94 -37.71
C THR S 234 -3.62 -47.75 -38.62
N PHE S 235 -4.01 -47.86 -39.88
CA PHE S 235 -3.74 -46.80 -40.84
C PHE S 235 -4.74 -46.90 -41.97
N THR S 236 -5.02 -45.76 -42.58
CA THR S 236 -6.04 -45.65 -43.61
C THR S 236 -5.41 -45.76 -44.99
N ILE S 237 -5.96 -46.66 -45.80
CA ILE S 237 -5.64 -46.73 -47.22
C ILE S 237 -6.79 -46.06 -47.95
N GLU S 238 -6.49 -44.93 -48.60
CA GLU S 238 -7.49 -44.16 -49.34
C GLU S 238 -6.96 -43.84 -50.73
N PRO S 239 -6.77 -44.85 -51.57
CA PRO S 239 -6.19 -44.60 -52.90
C PRO S 239 -7.11 -43.70 -53.73
N MET S 240 -6.49 -42.75 -54.42
CA MET S 240 -7.19 -41.65 -55.07
C MET S 240 -6.97 -41.76 -56.57
N ILE S 241 -8.01 -42.17 -57.30
CA ILE S 241 -7.94 -42.33 -58.74
C ILE S 241 -8.80 -41.25 -59.41
N ASN S 242 -8.21 -40.55 -60.37
CA ASN S 242 -8.84 -39.48 -61.12
C ASN S 242 -9.15 -39.93 -62.54
N LEU S 243 -9.96 -39.14 -63.23
CA LEU S 243 -10.10 -39.28 -64.68
C LEU S 243 -9.08 -38.46 -65.45
N GLY S 244 -8.36 -37.56 -64.77
CA GLY S 244 -7.39 -36.70 -65.43
C GLY S 244 -6.00 -36.77 -64.83
N THR S 245 -5.28 -35.65 -64.90
CA THR S 245 -3.89 -35.59 -64.47
C THR S 245 -3.80 -35.41 -62.95
N LEU S 246 -2.58 -35.13 -62.48
CA LEU S 246 -2.31 -35.02 -61.05
C LEU S 246 -2.48 -33.60 -60.52
N ASP S 247 -2.67 -32.63 -61.41
CA ASP S 247 -2.94 -31.27 -60.97
C ASP S 247 -4.42 -31.16 -60.68
N TYR S 248 -4.77 -30.37 -59.68
CA TYR S 248 -6.16 -30.25 -59.29
C TYR S 248 -6.50 -28.86 -58.79
N GLU S 249 -7.78 -28.53 -58.75
CA GLU S 249 -8.20 -27.22 -58.27
C GLU S 249 -8.86 -27.32 -56.91
N ILE S 250 -8.10 -27.09 -55.85
CA ILE S 250 -8.71 -27.08 -54.53
C ILE S 250 -9.95 -26.22 -54.59
N TRP S 251 -11.11 -26.82 -54.33
CA TRP S 251 -12.37 -26.07 -54.32
C TRP S 251 -12.21 -24.80 -53.51
N ASP S 252 -12.94 -23.75 -53.88
CA ASP S 252 -12.88 -22.54 -53.06
C ASP S 252 -13.26 -22.91 -51.64
N ASP S 253 -13.73 -24.14 -51.44
CA ASP S 253 -14.06 -24.60 -50.10
C ASP S 253 -12.87 -25.34 -49.50
N GLY S 254 -11.65 -25.03 -49.94
CA GLY S 254 -10.45 -25.60 -49.36
C GLY S 254 -10.48 -27.05 -48.95
N TRP S 255 -11.01 -27.33 -47.77
CA TRP S 255 -11.18 -28.73 -47.37
C TRP S 255 -11.69 -29.44 -48.57
N THR S 256 -12.77 -28.92 -49.12
CA THR S 256 -13.29 -29.48 -50.34
C THR S 256 -12.30 -29.20 -51.44
N VAL S 257 -11.98 -30.21 -52.23
CA VAL S 257 -11.05 -30.02 -53.33
C VAL S 257 -11.77 -30.14 -54.64
N ALA S 258 -11.02 -30.32 -55.73
CA ALA S 258 -11.62 -30.49 -57.05
C ALA S 258 -10.47 -30.68 -58.04
N THR S 259 -10.76 -31.28 -59.19
CA THR S 259 -9.72 -31.50 -60.19
C THR S 259 -9.70 -30.38 -61.20
N THR S 260 -8.54 -29.76 -61.39
CA THR S 260 -8.42 -28.69 -62.36
C THR S 260 -9.04 -29.10 -63.67
N ASP S 261 -8.70 -30.30 -64.13
CA ASP S 261 -9.23 -30.78 -65.40
C ASP S 261 -10.73 -31.01 -65.36
N GLY S 262 -11.40 -30.52 -64.33
CA GLY S 262 -12.81 -30.80 -64.20
C GLY S 262 -13.21 -32.24 -64.41
N LYS S 263 -12.25 -33.16 -64.44
CA LYS S 263 -12.54 -34.57 -64.63
C LYS S 263 -12.83 -35.21 -63.27
N TRP S 264 -13.84 -36.07 -63.23
CA TRP S 264 -14.30 -36.64 -61.98
C TRP S 264 -13.27 -37.61 -61.41
N THR S 265 -13.36 -37.84 -60.10
CA THR S 265 -12.44 -38.72 -59.39
C THR S 265 -13.20 -39.46 -58.31
N ALA S 266 -12.55 -40.47 -57.74
CA ALA S 266 -13.17 -41.30 -56.71
C ALA S 266 -12.18 -41.61 -55.59
N GLN S 267 -12.71 -41.94 -54.42
CA GLN S 267 -11.90 -42.24 -53.25
C GLN S 267 -12.58 -43.28 -52.39
N PHE S 268 -11.79 -44.24 -51.89
CA PHE S 268 -12.26 -45.24 -50.96
C PHE S 268 -11.24 -45.40 -49.85
N GLU S 269 -11.64 -45.13 -48.60
CA GLU S 269 -10.74 -45.21 -47.45
C GLU S 269 -11.17 -46.35 -46.55
N HIS S 270 -10.21 -47.24 -46.26
CA HIS S 270 -10.41 -48.33 -45.31
C HIS S 270 -9.28 -48.31 -44.30
N THR S 271 -9.63 -48.35 -43.01
CA THR S 271 -8.60 -48.43 -41.99
C THR S 271 -8.25 -49.89 -41.72
N LEU S 272 -6.96 -50.20 -41.75
CA LEU S 272 -6.45 -51.54 -41.61
C LEU S 272 -5.52 -51.62 -40.40
N VAL S 273 -5.58 -52.77 -39.73
CA VAL S 273 -4.63 -53.13 -38.70
C VAL S 273 -3.91 -54.39 -39.16
N VAL S 274 -2.58 -54.38 -39.05
CA VAL S 274 -1.78 -55.50 -39.53
C VAL S 274 -1.88 -56.65 -38.55
N THR S 275 -2.34 -57.80 -39.02
CA THR S 275 -2.43 -59.00 -38.19
C THR S 275 -1.11 -59.77 -38.30
N GLU S 276 -1.09 -60.99 -37.74
CA GLU S 276 0.09 -61.84 -37.84
C GLU S 276 0.30 -62.39 -39.24
N ASP S 277 -0.69 -62.27 -40.13
CA ASP S 277 -0.55 -62.83 -41.47
C ASP S 277 -1.09 -61.91 -42.57
N GLY S 278 -1.55 -60.71 -42.24
CA GLY S 278 -2.08 -59.81 -43.24
C GLY S 278 -2.71 -58.55 -42.69
N ALA S 279 -3.88 -58.19 -43.21
CA ALA S 279 -4.57 -56.97 -42.82
C ALA S 279 -5.99 -57.31 -42.34
N GLU S 280 -6.49 -56.47 -41.45
CA GLU S 280 -7.84 -56.62 -40.90
C GLU S 280 -8.51 -55.26 -40.89
N ILE S 281 -9.71 -55.19 -41.47
CA ILE S 281 -10.44 -53.94 -41.61
C ILE S 281 -11.27 -53.74 -40.35
N LEU S 282 -11.03 -52.64 -39.65
CA LEU S 282 -11.75 -52.32 -38.42
C LEU S 282 -12.86 -51.30 -38.64
N THR S 283 -12.98 -50.74 -39.84
CA THR S 283 -14.05 -49.80 -40.19
C THR S 283 -15.01 -50.43 -41.20
N GLN S 284 -15.33 -51.70 -41.00
CA GLN S 284 -16.22 -52.44 -41.88
C GLN S 284 -17.45 -52.89 -41.11
N LEU S 285 -18.57 -53.00 -41.82
CA LEU S 285 -19.81 -53.49 -41.23
C LEU S 285 -19.93 -54.99 -41.38
N ALA T 1 -56.20 -18.36 -67.21
CA ALA T 1 -56.41 -18.37 -68.65
C ALA T 1 -55.19 -18.93 -69.38
N ARG T 2 -55.16 -18.74 -70.70
CA ARG T 2 -54.08 -19.22 -71.54
C ARG T 2 -53.14 -18.07 -71.87
N LEU T 3 -51.84 -18.33 -71.83
CA LEU T 3 -50.85 -17.32 -72.18
C LEU T 3 -49.61 -18.04 -72.69
N VAL T 4 -48.48 -17.32 -72.72
CA VAL T 4 -47.24 -17.86 -73.26
C VAL T 4 -46.74 -19.07 -72.47
N GLY T 5 -47.19 -19.23 -71.23
CA GLY T 5 -46.74 -20.35 -70.43
C GLY T 5 -46.58 -20.05 -68.95
N VAL T 6 -46.84 -18.80 -68.55
CA VAL T 6 -46.84 -18.41 -67.15
C VAL T 6 -48.29 -18.26 -66.72
N ASP T 7 -48.64 -18.94 -65.63
CA ASP T 7 -50.04 -18.97 -65.19
C ASP T 7 -50.50 -17.60 -64.76
N LEU T 8 -51.77 -17.33 -65.01
CA LEU T 8 -52.41 -16.10 -64.55
C LEU T 8 -53.44 -16.47 -63.48
N PRO T 9 -53.15 -16.22 -62.20
CA PRO T 9 -53.98 -16.80 -61.13
C PRO T 9 -55.39 -16.24 -61.10
N ARG T 10 -56.28 -17.03 -60.49
CA ARG T 10 -57.71 -16.74 -60.48
C ARG T 10 -58.07 -15.43 -59.77
N ASP T 11 -57.25 -14.97 -58.84
CA ASP T 11 -57.54 -13.74 -58.10
C ASP T 11 -56.37 -12.78 -58.21
N LYS T 12 -55.93 -12.54 -59.43
CA LYS T 12 -54.93 -11.53 -59.75
C LYS T 12 -55.44 -10.68 -60.90
N ARG T 13 -55.35 -9.36 -60.77
CA ARG T 13 -55.75 -8.45 -61.83
C ARG T 13 -54.92 -8.73 -63.07
N MET T 14 -55.35 -8.16 -64.20
CA MET T 14 -54.69 -8.47 -65.47
C MET T 14 -53.24 -8.01 -65.46
N GLU T 15 -53.00 -6.77 -65.00
CA GLU T 15 -51.61 -6.36 -64.80
C GLU T 15 -50.94 -7.24 -63.75
N ILE T 16 -51.72 -7.71 -62.78
CA ILE T 16 -51.18 -8.53 -61.72
C ILE T 16 -50.88 -9.93 -62.23
N ALA T 17 -51.72 -10.44 -63.12
CA ALA T 17 -51.41 -11.68 -63.82
C ALA T 17 -50.14 -11.53 -64.64
N LEU T 18 -49.98 -10.39 -65.31
CA LEU T 18 -48.79 -10.18 -66.13
C LEU T 18 -47.53 -10.06 -65.28
N THR T 19 -47.62 -9.41 -64.12
CA THR T 19 -46.45 -9.13 -63.31
C THR T 19 -45.70 -10.40 -62.90
N TYR T 20 -46.42 -11.52 -62.77
CA TYR T 20 -45.76 -12.78 -62.41
C TYR T 20 -44.78 -13.24 -63.49
N ILE T 21 -45.12 -12.99 -64.76
CA ILE T 21 -44.30 -13.48 -65.86
C ILE T 21 -42.89 -12.90 -65.77
N TYR T 22 -41.89 -13.69 -66.17
CA TYR T 22 -40.58 -13.11 -66.40
C TYR T 22 -40.62 -12.12 -67.56
N GLY T 23 -41.47 -12.38 -68.55
CA GLY T 23 -41.54 -11.50 -69.71
C GLY T 23 -42.19 -10.16 -69.44
N ILE T 24 -43.14 -10.11 -68.52
CA ILE T 24 -43.92 -8.91 -68.26
C ILE T 24 -43.89 -8.62 -66.76
N GLY T 25 -43.64 -7.35 -66.42
CA GLY T 25 -43.69 -6.88 -65.05
C GLY T 25 -44.78 -5.83 -64.88
N ARG T 26 -44.90 -5.34 -63.64
CA ARG T 26 -45.98 -4.41 -63.31
C ARG T 26 -45.99 -3.21 -64.26
N THR T 27 -44.83 -2.57 -64.45
CA THR T 27 -44.78 -1.43 -65.36
C THR T 27 -45.04 -1.88 -66.80
N ARG T 28 -44.42 -2.99 -67.22
CA ARG T 28 -44.75 -3.54 -68.53
C ARG T 28 -46.17 -4.07 -68.58
N SER T 29 -46.71 -4.52 -67.45
CA SER T 29 -48.12 -4.89 -67.43
C SER T 29 -48.98 -3.68 -67.79
N ASN T 30 -48.72 -2.55 -67.16
CA ASN T 30 -49.46 -1.32 -67.49
C ASN T 30 -49.25 -0.94 -68.94
N GLU T 31 -48.00 -0.98 -69.42
CA GLU T 31 -47.71 -0.60 -70.80
C GLU T 31 -48.45 -1.50 -71.80
N ILE T 32 -48.36 -2.81 -71.60
CA ILE T 32 -48.98 -3.76 -72.53
C ILE T 32 -50.50 -3.64 -72.48
N LEU T 33 -51.07 -3.50 -71.28
CA LEU T 33 -52.51 -3.40 -71.17
C LEU T 33 -53.03 -2.09 -71.75
N ALA T 34 -52.20 -1.03 -71.75
CA ALA T 34 -52.59 0.20 -72.41
C ALA T 34 -52.48 0.06 -73.93
N ALA T 35 -51.43 -0.61 -74.40
CA ALA T 35 -51.23 -0.75 -75.85
C ALA T 35 -52.27 -1.67 -76.48
N THR T 36 -52.69 -2.71 -75.76
CA THR T 36 -53.62 -3.70 -76.29
C THR T 36 -55.07 -3.34 -76.05
N GLY T 37 -55.40 -2.82 -74.87
CA GLY T 37 -56.77 -2.46 -74.58
C GLY T 37 -57.43 -3.33 -73.52
N ILE T 38 -56.67 -3.76 -72.53
CA ILE T 38 -57.18 -4.55 -71.42
C ILE T 38 -56.96 -3.77 -70.14
N ASP T 39 -57.94 -3.83 -69.23
CA ASP T 39 -57.85 -3.08 -67.99
C ASP T 39 -56.82 -3.70 -67.05
N LYS T 40 -56.08 -2.84 -66.35
CA LYS T 40 -55.17 -3.33 -65.32
C LYS T 40 -55.89 -3.85 -64.09
N ASN T 41 -57.20 -3.60 -64.00
CA ASN T 41 -57.99 -3.97 -62.83
C ASN T 41 -58.78 -5.26 -63.03
N MET T 42 -59.17 -5.58 -64.26
CA MET T 42 -59.99 -6.75 -64.51
C MET T 42 -59.20 -8.04 -64.24
N ARG T 43 -59.94 -9.07 -63.87
CA ARG T 43 -59.37 -10.34 -63.44
C ARG T 43 -58.98 -11.22 -64.63
N THR T 44 -58.20 -12.25 -64.34
CA THR T 44 -57.95 -13.29 -65.34
C THR T 44 -59.24 -14.02 -65.71
N LYS T 45 -60.18 -14.14 -64.77
CA LYS T 45 -61.43 -14.84 -65.05
C LYS T 45 -62.27 -14.10 -66.08
N ASP T 46 -62.13 -12.77 -66.16
CA ASP T 46 -62.91 -11.96 -67.08
C ASP T 46 -62.25 -11.80 -68.45
N LEU T 47 -61.28 -12.65 -68.78
CA LEU T 47 -60.48 -12.51 -69.98
C LEU T 47 -61.12 -13.24 -71.15
N THR T 48 -60.91 -12.71 -72.35
CA THR T 48 -61.50 -13.23 -73.57
C THR T 48 -60.42 -13.81 -74.48
N ASP T 49 -60.75 -14.93 -75.14
CA ASP T 49 -59.77 -15.67 -75.93
C ASP T 49 -59.22 -14.83 -77.08
N ASP T 50 -60.08 -14.04 -77.73
CA ASP T 50 -59.59 -13.14 -78.77
C ASP T 50 -58.62 -12.12 -78.20
N GLN T 51 -58.93 -11.57 -77.03
CA GLN T 51 -57.99 -10.69 -76.34
C GLN T 51 -56.72 -11.44 -75.96
N VAL T 52 -56.85 -12.73 -75.62
CA VAL T 52 -55.67 -13.54 -75.33
C VAL T 52 -54.76 -13.61 -76.55
N THR T 53 -55.33 -13.89 -77.71
CA THR T 53 -54.54 -14.00 -78.94
C THR T 53 -53.89 -12.67 -79.28
N VAL T 54 -54.65 -11.58 -79.19
CA VAL T 54 -54.10 -10.26 -79.50
C VAL T 54 -52.96 -9.90 -78.55
N LEU T 55 -53.17 -10.16 -77.24
CA LEU T 55 -52.14 -9.86 -76.25
C LEU T 55 -50.88 -10.68 -76.49
N ARG T 56 -51.05 -11.98 -76.79
CA ARG T 56 -49.91 -12.83 -77.03
C ARG T 56 -49.12 -12.37 -78.25
N ASP T 57 -49.83 -12.03 -79.34
CA ASP T 57 -49.15 -11.53 -80.53
C ASP T 57 -48.40 -10.25 -80.23
N TYR T 58 -49.04 -9.31 -79.51
CA TYR T 58 -48.39 -8.04 -79.22
C TYR T 58 -47.14 -8.23 -78.36
N ILE T 59 -47.23 -9.07 -77.33
CA ILE T 59 -46.09 -9.23 -76.43
C ILE T 59 -44.95 -9.96 -77.14
N GLU T 60 -45.29 -10.97 -77.95
CA GLU T 60 -44.24 -11.70 -78.66
C GLU T 60 -43.64 -10.89 -79.80
N GLY T 61 -44.34 -9.86 -80.28
CA GLY T 61 -43.80 -9.06 -81.37
C GLY T 61 -43.09 -7.79 -80.98
N ASN T 62 -43.51 -7.18 -79.86
CA ASN T 62 -43.00 -5.86 -79.48
C ASN T 62 -42.35 -5.85 -78.10
N LEU T 63 -42.28 -6.99 -77.41
CA LEU T 63 -41.70 -7.04 -76.09
C LEU T 63 -40.75 -8.22 -75.98
N LYS T 64 -39.67 -8.01 -75.22
CA LYS T 64 -38.87 -9.12 -74.74
C LYS T 64 -39.63 -9.90 -73.67
N VAL T 65 -39.95 -11.16 -73.96
CA VAL T 65 -40.81 -11.99 -73.13
C VAL T 65 -39.94 -13.13 -72.60
N GLU T 66 -40.55 -14.09 -71.90
CA GLU T 66 -39.85 -15.21 -71.28
C GLU T 66 -38.74 -15.75 -72.15
N GLY T 67 -39.08 -16.20 -73.36
CA GLY T 67 -38.06 -16.69 -74.27
C GLY T 67 -37.12 -15.59 -74.74
N ASP T 68 -37.67 -14.42 -75.07
CA ASP T 68 -36.83 -13.32 -75.53
C ASP T 68 -35.91 -12.82 -74.41
N LEU T 69 -36.45 -12.70 -73.19
CA LEU T 69 -35.62 -12.30 -72.07
C LEU T 69 -34.57 -13.34 -71.72
N ARG T 70 -34.87 -14.63 -71.86
CA ARG T 70 -33.82 -15.63 -71.67
C ARG T 70 -32.74 -15.49 -72.74
N ARG T 71 -33.14 -15.52 -74.01
CA ARG T 71 -32.17 -15.45 -75.09
C ARG T 71 -31.40 -14.12 -75.09
N GLU T 72 -31.91 -13.12 -74.39
CA GLU T 72 -31.14 -11.90 -74.17
C GLU T 72 -30.18 -12.06 -72.99
N VAL T 73 -30.74 -12.29 -71.80
CA VAL T 73 -29.96 -12.24 -70.56
C VAL T 73 -28.86 -13.30 -70.57
N GLN T 74 -29.22 -14.57 -70.80
CA GLN T 74 -28.22 -15.61 -70.67
C GLN T 74 -27.23 -15.58 -71.83
N ALA T 75 -27.69 -15.27 -73.04
CA ALA T 75 -26.78 -15.22 -74.18
C ALA T 75 -25.75 -14.10 -74.01
N ASP T 76 -26.18 -12.94 -73.53
CA ASP T 76 -25.21 -11.87 -73.33
C ASP T 76 -24.37 -12.09 -72.09
N ILE T 77 -24.89 -12.84 -71.11
CA ILE T 77 -24.05 -13.27 -69.99
C ILE T 77 -22.90 -14.12 -70.52
N ARG T 78 -23.21 -15.21 -71.22
CA ARG T 78 -22.14 -16.05 -71.74
C ARG T 78 -21.30 -15.28 -72.76
N ARG T 79 -21.85 -14.24 -73.37
CA ARG T 79 -21.07 -13.38 -74.24
C ARG T 79 -20.00 -12.62 -73.46
N LYS T 80 -20.35 -12.11 -72.28
CA LYS T 80 -19.36 -11.36 -71.52
C LYS T 80 -18.39 -12.27 -70.78
N ILE T 81 -18.76 -13.52 -70.48
CA ILE T 81 -17.75 -14.51 -70.10
C ILE T 81 -16.81 -14.81 -71.26
N GLU T 82 -17.35 -15.08 -72.44
CA GLU T 82 -16.51 -15.56 -73.53
C GLU T 82 -15.56 -14.47 -74.04
N ILE T 83 -15.81 -13.20 -73.70
CA ILE T 83 -14.83 -12.15 -73.97
C ILE T 83 -13.86 -11.95 -72.83
N GLY T 84 -13.96 -12.75 -71.77
CA GLY T 84 -13.05 -12.64 -70.64
C GLY T 84 -13.38 -11.50 -69.69
N CYS T 85 -14.51 -10.82 -69.89
CA CYS T 85 -14.82 -9.63 -69.11
C CYS T 85 -14.99 -9.97 -67.63
N TYR T 86 -14.65 -8.99 -66.78
CA TYR T 86 -14.87 -9.20 -65.35
C TYR T 86 -16.32 -9.09 -64.95
N GLN T 87 -17.21 -8.60 -65.82
CA GLN T 87 -18.63 -8.88 -65.61
C GLN T 87 -18.88 -10.37 -65.71
N GLY T 88 -18.26 -11.01 -66.71
CA GLY T 88 -18.29 -12.46 -66.77
C GLY T 88 -17.65 -13.12 -65.57
N LEU T 89 -16.57 -12.53 -65.04
CA LEU T 89 -15.92 -13.10 -63.86
C LEU T 89 -16.74 -12.89 -62.60
N ARG T 90 -17.51 -11.80 -62.52
CA ARG T 90 -18.51 -11.68 -61.47
C ARG T 90 -19.56 -12.77 -61.60
N HIS T 91 -19.97 -13.07 -62.83
CA HIS T 91 -20.90 -14.17 -63.06
C HIS T 91 -20.32 -15.50 -62.60
N ARG T 92 -19.04 -15.74 -62.91
CA ARG T 92 -18.43 -17.05 -62.66
C ARG T 92 -18.28 -17.30 -61.17
N ARG T 93 -17.75 -16.33 -60.43
CA ARG T 93 -17.55 -16.46 -59.00
C ARG T 93 -18.83 -16.23 -58.20
N GLY T 94 -19.99 -16.18 -58.86
CA GLY T 94 -21.24 -15.93 -58.16
C GLY T 94 -21.28 -14.56 -57.52
N LEU T 95 -20.90 -13.53 -58.26
CA LEU T 95 -20.81 -12.18 -57.75
C LEU T 95 -21.81 -11.28 -58.48
N PRO T 96 -22.23 -10.18 -57.85
CA PRO T 96 -22.99 -9.17 -58.57
C PRO T 96 -22.14 -8.60 -59.70
N VAL T 97 -22.78 -8.33 -60.83
CA VAL T 97 -22.02 -8.17 -62.05
C VAL T 97 -21.38 -6.79 -62.13
N ARG T 98 -22.02 -5.78 -61.53
CA ARG T 98 -21.57 -4.40 -61.64
C ARG T 98 -20.49 -4.07 -60.62
N GLY T 99 -19.86 -5.07 -60.03
CA GLY T 99 -18.77 -4.83 -59.11
C GLY T 99 -19.17 -4.33 -57.74
N GLN T 100 -20.46 -4.38 -57.40
CA GLN T 100 -20.90 -3.98 -56.08
C GLN T 100 -20.49 -5.07 -55.09
N ARG T 101 -20.99 -4.97 -53.86
CA ARG T 101 -20.47 -5.75 -52.75
C ARG T 101 -20.48 -7.24 -53.05
N THR T 102 -19.32 -7.88 -52.93
CA THR T 102 -19.20 -9.32 -52.93
C THR T 102 -18.57 -9.83 -51.65
N LYS T 103 -18.00 -8.95 -50.82
CA LYS T 103 -17.24 -9.37 -49.66
C LYS T 103 -18.11 -10.14 -48.68
N THR T 104 -19.26 -9.59 -48.32
CA THR T 104 -20.13 -10.23 -47.33
C THR T 104 -21.55 -10.39 -47.85
N ASN T 105 -22.01 -9.39 -48.60
CA ASN T 105 -23.36 -9.35 -49.13
C ASN T 105 -23.41 -10.09 -50.46
N ALA T 106 -24.45 -9.84 -51.27
CA ALA T 106 -24.61 -10.44 -52.59
C ALA T 106 -24.99 -11.90 -52.49
N ARG T 107 -25.85 -12.21 -51.52
CA ARG T 107 -26.21 -13.60 -51.24
C ARG T 107 -26.99 -14.22 -52.39
N THR T 108 -27.81 -13.42 -53.08
CA THR T 108 -28.59 -13.95 -54.19
C THR T 108 -27.69 -14.49 -55.31
N ARG T 109 -26.43 -14.06 -55.33
CA ARG T 109 -25.48 -14.56 -56.32
C ARG T 109 -24.63 -15.70 -55.76
N LYS T 110 -23.83 -15.38 -54.74
CA LYS T 110 -22.92 -16.39 -54.21
C LYS T 110 -23.73 -17.44 -53.50
N GLY T 111 -24.84 -17.01 -52.92
CA GLY T 111 -25.66 -17.93 -52.15
C GLY T 111 -25.71 -17.40 -50.74
N PRO T 112 -26.77 -17.72 -50.00
CA PRO T 112 -26.92 -17.26 -48.62
C PRO T 112 -25.71 -17.28 -47.70
N LYS T 113 -25.77 -16.50 -46.62
CA LYS T 113 -24.68 -16.53 -45.64
C LYS T 113 -24.61 -17.93 -45.10
N ARG T 114 -23.44 -18.38 -44.67
CA ARG T 114 -23.30 -19.78 -44.26
C ARG T 114 -22.58 -19.98 -42.96
N THR T 115 -21.31 -20.40 -43.00
CA THR T 115 -20.47 -20.60 -41.81
C THR T 115 -19.34 -21.55 -42.12
N ILE T 116 -18.10 -21.11 -41.95
CA ILE T 116 -16.97 -22.01 -42.13
C ILE T 116 -16.38 -22.31 -40.77
N ALA T 117 -15.38 -23.19 -40.72
CA ALA T 117 -14.71 -23.45 -39.45
C ALA T 117 -13.24 -23.09 -39.55
#